data_5LXL
#
_entry.id   5LXL
#
_entity_poly.entity_id   1
_entity_poly.type   'polypeptide(L)'
_entity_poly.pdbx_seq_one_letter_code
;MGIDYSGLRTIFGEKLPESHIFFATVAAHKYVPSYAFLRRELGLSSAHTNRKVWKKFVEAYGKAIPPAPPAPPLTLSKLE
HHHHHH
;
_entity_poly.pdbx_strand_id   A
#
# COMPACT_ATOMS: atom_id res chain seq x y z
N MET A 1 -4.11 -8.44 -4.10
CA MET A 1 -4.07 -7.01 -4.08
C MET A 1 -5.30 -6.54 -3.32
N GLY A 2 -5.80 -7.38 -2.36
CA GLY A 2 -6.98 -7.12 -1.51
C GLY A 2 -6.82 -6.06 -0.44
N ILE A 3 -5.56 -5.85 0.03
CA ILE A 3 -5.18 -4.78 0.95
C ILE A 3 -4.08 -3.97 0.28
N ASP A 4 -3.95 -2.65 0.56
CA ASP A 4 -2.93 -1.82 -0.07
C ASP A 4 -1.60 -1.83 0.63
N TYR A 5 -0.88 -2.96 0.60
CA TYR A 5 0.58 -3.08 0.63
C TYR A 5 1.36 -2.82 -0.64
N SER A 6 1.14 -3.79 -1.61
CA SER A 6 1.96 -4.11 -2.80
C SER A 6 2.23 -2.97 -3.76
N GLY A 7 1.22 -2.13 -4.14
CA GLY A 7 1.36 -0.83 -4.79
C GLY A 7 2.25 0.19 -4.14
N LEU A 8 2.23 0.31 -2.79
CA LEU A 8 3.10 1.21 -2.05
C LEU A 8 4.53 0.70 -1.96
N ARG A 9 4.71 -0.65 -1.78
CA ARG A 9 6.05 -1.27 -1.87
C ARG A 9 6.69 -1.35 -3.24
N THR A 10 5.89 -1.61 -4.29
CA THR A 10 6.37 -1.67 -5.68
C THR A 10 6.49 -0.31 -6.35
N ILE A 11 5.63 0.69 -6.02
CA ILE A 11 5.74 2.04 -6.55
C ILE A 11 6.48 3.03 -5.60
N PHE A 12 6.42 2.98 -4.22
CA PHE A 12 6.95 4.11 -3.41
C PHE A 12 8.14 3.71 -2.53
N GLY A 13 8.16 2.42 -2.09
CA GLY A 13 9.38 1.74 -1.66
C GLY A 13 9.52 1.36 -0.22
N GLU A 14 10.22 2.20 0.60
CA GLU A 14 10.65 1.92 1.97
C GLU A 14 9.63 1.90 3.11
N LYS A 15 8.54 2.70 3.03
CA LYS A 15 7.51 2.76 4.06
C LYS A 15 6.33 3.26 3.30
N LEU A 16 5.13 3.37 3.93
CA LEU A 16 3.92 3.83 3.28
C LEU A 16 3.83 5.36 3.16
N PRO A 17 3.34 5.91 2.06
CA PRO A 17 3.32 7.34 1.84
C PRO A 17 2.09 8.04 2.38
N GLU A 18 2.11 9.35 2.12
CA GLU A 18 1.15 10.37 2.42
C GLU A 18 -0.09 10.26 1.54
N SER A 19 -1.22 10.76 2.05
CA SER A 19 -2.55 10.70 1.49
C SER A 19 -2.85 11.44 0.20
N HIS A 20 -2.03 12.48 -0.18
CA HIS A 20 -2.09 13.21 -1.46
C HIS A 20 -1.79 12.30 -2.66
N ILE A 21 -0.73 11.43 -2.53
CA ILE A 21 -0.53 10.29 -3.44
C ILE A 21 -1.44 9.12 -3.14
N PHE A 22 -1.62 8.73 -1.82
CA PHE A 22 -2.40 7.55 -1.41
C PHE A 22 -3.90 7.64 -1.82
N PHE A 23 -4.66 8.74 -1.55
CA PHE A 23 -6.05 8.91 -2.00
C PHE A 23 -6.23 9.25 -3.51
N ALA A 24 -5.22 9.84 -4.22
CA ALA A 24 -5.39 10.29 -5.61
C ALA A 24 -4.63 9.56 -6.72
N THR A 25 -3.56 8.77 -6.43
CA THR A 25 -2.76 8.07 -7.46
C THR A 25 -3.19 6.62 -7.58
N VAL A 26 -3.44 6.06 -8.81
CA VAL A 26 -3.90 4.66 -9.10
C VAL A 26 -3.00 3.56 -8.54
N ALA A 27 -1.66 3.84 -8.48
CA ALA A 27 -0.56 3.08 -7.88
C ALA A 27 -0.84 2.62 -6.45
N ALA A 28 -1.62 3.46 -5.73
CA ALA A 28 -2.14 3.22 -4.41
C ALA A 28 -3.65 2.95 -4.40
N HIS A 29 -4.47 3.68 -5.23
CA HIS A 29 -5.94 3.55 -5.24
C HIS A 29 -6.55 2.27 -5.86
N LYS A 30 -5.78 1.49 -6.69
CA LYS A 30 -6.20 0.19 -7.28
C LYS A 30 -6.42 -0.93 -6.26
N TYR A 31 -5.88 -0.71 -5.04
CA TYR A 31 -5.86 -1.54 -3.85
C TYR A 31 -6.93 -1.19 -2.82
N VAL A 32 -6.73 -0.03 -2.14
CA VAL A 32 -7.54 0.62 -1.11
C VAL A 32 -7.08 2.03 -1.25
N PRO A 33 -7.85 3.08 -1.10
CA PRO A 33 -7.30 4.43 -1.15
C PRO A 33 -6.58 4.96 0.10
N SER A 34 -7.00 4.66 1.35
CA SER A 34 -6.41 5.13 2.62
C SER A 34 -7.13 4.60 3.84
N TYR A 35 -6.73 5.07 5.06
CA TYR A 35 -7.10 4.74 6.47
C TYR A 35 -8.60 4.55 6.77
N ALA A 36 -9.48 5.09 5.88
CA ALA A 36 -10.91 4.93 5.81
C ALA A 36 -11.37 3.57 5.29
N PHE A 37 -10.74 3.04 4.19
CA PHE A 37 -10.90 1.67 3.69
C PHE A 37 -10.12 0.77 4.65
N LEU A 38 -8.83 1.15 4.96
CA LEU A 38 -8.01 0.34 5.86
C LEU A 38 -8.47 0.21 7.33
N ARG A 39 -9.09 1.23 8.03
CA ARG A 39 -9.60 1.01 9.40
C ARG A 39 -10.86 0.14 9.46
N ARG A 40 -11.77 0.32 8.46
CA ARG A 40 -12.98 -0.46 8.23
C ARG A 40 -12.69 -1.91 7.77
N GLU A 41 -11.61 -2.12 6.97
CA GLU A 41 -11.17 -3.44 6.50
C GLU A 41 -10.22 -4.21 7.44
N LEU A 42 -9.31 -3.55 8.22
CA LEU A 42 -8.28 -4.21 9.04
C LEU A 42 -8.73 -4.88 10.33
N GLY A 43 -10.01 -4.65 10.72
CA GLY A 43 -10.66 -5.06 11.97
C GLY A 43 -10.28 -4.28 13.21
N LEU A 44 -9.19 -3.47 13.20
CA LEU A 44 -8.75 -2.68 14.34
C LEU A 44 -8.71 -1.19 14.06
N SER A 45 -9.06 -0.36 15.09
CA SER A 45 -9.12 1.11 15.05
C SER A 45 -7.75 1.79 15.07
N SER A 46 -6.94 1.45 14.04
CA SER A 46 -5.56 1.84 13.80
C SER A 46 -5.34 3.30 13.38
N ALA A 47 -6.32 3.99 12.72
CA ALA A 47 -6.12 5.28 12.02
C ALA A 47 -5.84 6.54 12.85
N HIS A 48 -5.92 6.43 14.21
CA HIS A 48 -5.62 7.40 15.25
C HIS A 48 -4.19 7.97 15.25
N THR A 49 -3.21 7.21 14.70
CA THR A 49 -1.82 7.66 14.64
C THR A 49 -1.22 7.07 13.39
N ASN A 50 -0.65 7.90 12.45
CA ASN A 50 -0.08 7.48 11.15
C ASN A 50 1.04 6.46 11.25
N ARG A 51 1.93 6.66 12.25
CA ARG A 51 3.03 5.82 12.65
C ARG A 51 2.59 4.47 13.21
N LYS A 52 1.50 4.40 14.03
CA LYS A 52 0.92 3.17 14.60
C LYS A 52 0.14 2.32 13.59
N VAL A 53 -0.75 2.98 12.75
CA VAL A 53 -1.46 2.29 11.64
C VAL A 53 -0.51 1.82 10.60
N TRP A 54 0.42 2.70 10.17
CA TRP A 54 1.49 2.39 9.25
C TRP A 54 2.42 1.31 9.72
N LYS A 55 2.71 1.19 11.03
CA LYS A 55 3.39 0.06 11.67
C LYS A 55 2.60 -1.25 11.66
N LYS A 56 1.26 -1.27 11.94
CA LYS A 56 0.40 -2.48 11.79
C LYS A 56 0.30 -2.91 10.30
N PHE A 57 0.12 -1.88 9.45
CA PHE A 57 0.14 -1.97 7.98
C PHE A 57 1.52 -2.41 7.38
N VAL A 58 2.63 -1.89 7.98
CA VAL A 58 4.04 -2.24 7.84
C VAL A 58 4.46 -3.61 8.37
N GLU A 59 3.78 -4.09 9.44
CA GLU A 59 3.77 -5.47 9.94
C GLU A 59 3.12 -6.42 8.90
N ALA A 60 2.00 -5.98 8.22
CA ALA A 60 1.43 -6.68 7.04
C ALA A 60 2.32 -6.76 5.81
N TYR A 61 3.03 -5.63 5.53
CA TYR A 61 3.84 -5.30 4.37
C TYR A 61 4.95 -6.35 3.99
N GLY A 62 5.25 -7.28 4.92
CA GLY A 62 6.06 -8.48 4.73
C GLY A 62 5.28 -9.78 4.45
N LYS A 63 3.93 -9.73 4.28
CA LYS A 63 3.01 -10.85 4.07
C LYS A 63 2.57 -11.15 2.63
N ALA A 64 2.47 -10.15 1.71
CA ALA A 64 2.07 -10.33 0.30
C ALA A 64 3.16 -9.89 -0.68
N ILE A 65 4.44 -10.01 -0.26
CA ILE A 65 5.63 -9.57 -1.00
C ILE A 65 6.31 -10.66 -1.85
N PRO A 66 6.19 -10.68 -3.21
CA PRO A 66 7.04 -11.49 -4.09
C PRO A 66 8.40 -10.76 -4.34
N PRO A 67 9.56 -11.38 -4.56
CA PRO A 67 10.85 -10.70 -4.73
C PRO A 67 11.10 -10.18 -6.16
N ALA A 68 10.14 -9.45 -6.79
CA ALA A 68 10.24 -8.92 -8.13
C ALA A 68 9.03 -8.00 -8.34
N PRO A 69 9.05 -6.99 -9.22
CA PRO A 69 7.90 -6.10 -9.50
C PRO A 69 6.85 -6.81 -10.42
N PRO A 70 5.53 -6.82 -10.14
CA PRO A 70 4.55 -7.53 -10.96
C PRO A 70 3.94 -6.61 -12.03
N ALA A 71 2.61 -6.32 -11.94
CA ALA A 71 1.80 -5.53 -12.85
C ALA A 71 1.66 -4.03 -12.56
N PRO A 72 1.57 -3.44 -11.33
CA PRO A 72 1.33 -2.02 -11.10
C PRO A 72 2.42 -0.98 -11.47
N PRO A 73 3.79 -1.11 -11.45
CA PRO A 73 4.70 -0.02 -11.76
C PRO A 73 4.81 0.26 -13.28
N LEU A 74 4.93 1.56 -13.67
CA LEU A 74 4.93 2.00 -15.06
C LEU A 74 6.27 2.66 -15.40
N THR A 75 6.79 2.60 -16.65
CA THR A 75 8.07 3.23 -17.08
C THR A 75 7.91 4.74 -17.36
N LEU A 76 7.57 5.45 -16.26
CA LEU A 76 7.28 6.84 -15.97
C LEU A 76 6.14 6.69 -14.95
N SER A 77 6.50 6.24 -13.71
CA SER A 77 5.60 5.84 -12.61
C SER A 77 5.25 6.97 -11.66
N LYS A 78 5.73 8.18 -12.04
CA LYS A 78 5.76 9.47 -11.37
C LYS A 78 7.16 10.00 -11.66
N LEU A 79 8.20 9.29 -11.15
CA LEU A 79 9.62 9.61 -11.35
C LEU A 79 10.32 8.32 -11.76
N GLU A 80 9.61 7.54 -12.64
CA GLU A 80 9.92 6.23 -13.24
C GLU A 80 9.54 5.07 -12.34
N HIS A 81 9.54 3.82 -12.87
CA HIS A 81 9.06 2.57 -12.23
C HIS A 81 9.59 2.20 -10.83
N MET A 1 -7.64 -4.84 -4.57
CA MET A 1 -6.53 -5.73 -4.83
C MET A 1 -6.24 -6.50 -3.55
N GLY A 2 -7.18 -6.41 -2.57
CA GLY A 2 -7.12 -7.00 -1.23
C GLY A 2 -6.76 -5.95 -0.20
N ILE A 3 -5.48 -5.93 0.27
CA ILE A 3 -4.95 -4.90 1.19
C ILE A 3 -3.89 -4.12 0.43
N ASP A 4 -3.95 -2.76 0.47
CA ASP A 4 -2.94 -1.94 -0.19
C ASP A 4 -1.77 -1.59 0.69
N TYR A 5 -0.95 -2.61 1.00
CA TYR A 5 0.50 -2.58 1.18
C TYR A 5 1.22 -2.48 -0.17
N SER A 6 0.82 -3.42 -1.08
CA SER A 6 1.47 -3.81 -2.32
C SER A 6 1.76 -2.77 -3.42
N GLY A 7 0.82 -1.86 -3.87
CA GLY A 7 1.18 -0.66 -4.66
C GLY A 7 2.21 0.29 -4.03
N LEU A 8 2.27 0.34 -2.68
CA LEU A 8 3.22 1.12 -1.92
C LEU A 8 4.59 0.48 -1.91
N ARG A 9 4.68 -0.86 -1.67
CA ARG A 9 5.94 -1.59 -1.82
C ARG A 9 6.46 -1.76 -3.24
N THR A 10 5.54 -1.98 -4.23
CA THR A 10 5.90 -2.10 -5.64
C THR A 10 6.09 -0.81 -6.40
N ILE A 11 5.49 0.35 -5.97
CA ILE A 11 5.78 1.67 -6.56
C ILE A 11 6.80 2.46 -5.69
N PHE A 12 6.79 2.40 -4.32
CA PHE A 12 7.61 3.30 -3.48
C PHE A 12 8.66 2.60 -2.62
N GLY A 13 8.61 1.25 -2.50
CA GLY A 13 9.57 0.42 -1.78
C GLY A 13 9.56 0.39 -0.26
N GLU A 14 9.83 1.57 0.36
CA GLU A 14 10.09 1.79 1.80
C GLU A 14 9.00 1.58 2.86
N LYS A 15 7.83 2.23 2.74
CA LYS A 15 6.76 2.12 3.73
C LYS A 15 5.48 2.42 2.99
N LEU A 16 4.52 3.12 3.63
CA LEU A 16 3.30 3.58 3.01
C LEU A 16 3.47 5.11 2.91
N PRO A 17 3.16 5.80 1.82
CA PRO A 17 3.24 7.25 1.68
C PRO A 17 1.99 7.96 2.17
N GLU A 18 2.00 9.29 2.04
CA GLU A 18 1.04 10.31 2.40
C GLU A 18 -0.28 10.32 1.61
N SER A 19 -1.38 10.83 2.24
CA SER A 19 -2.76 10.88 1.71
C SER A 19 -3.06 11.68 0.45
N HIS A 20 -2.22 12.72 0.10
CA HIS A 20 -2.29 13.50 -1.15
C HIS A 20 -2.05 12.60 -2.37
N ILE A 21 -1.06 11.69 -2.26
CA ILE A 21 -0.84 10.57 -3.17
C ILE A 21 -1.78 9.39 -2.94
N PHE A 22 -1.88 8.83 -1.68
CA PHE A 22 -2.57 7.56 -1.43
C PHE A 22 -4.09 7.63 -1.75
N PHE A 23 -4.84 8.66 -1.25
CA PHE A 23 -6.24 8.89 -1.61
C PHE A 23 -6.48 9.53 -3.02
N ALA A 24 -5.48 10.16 -3.75
CA ALA A 24 -5.75 10.76 -5.08
C ALA A 24 -5.09 10.16 -6.34
N THR A 25 -3.97 9.39 -6.20
CA THR A 25 -3.16 8.86 -7.31
C THR A 25 -3.35 7.35 -7.39
N VAL A 26 -3.49 6.74 -8.63
CA VAL A 26 -3.72 5.29 -8.88
C VAL A 26 -2.64 4.35 -8.46
N ALA A 27 -1.36 4.79 -8.27
CA ALA A 27 -0.20 4.02 -7.79
C ALA A 27 -0.49 3.20 -6.53
N ALA A 28 -1.32 3.81 -5.66
CA ALA A 28 -1.95 3.21 -4.53
C ALA A 28 -3.47 3.02 -4.65
N HIS A 29 -4.20 3.94 -5.33
CA HIS A 29 -5.67 3.98 -5.42
C HIS A 29 -6.39 2.91 -6.27
N LYS A 30 -5.66 2.23 -7.20
CA LYS A 30 -6.07 1.08 -8.03
C LYS A 30 -6.26 -0.22 -7.23
N TYR A 31 -5.82 -0.12 -5.95
CA TYR A 31 -5.50 -1.19 -5.03
C TYR A 31 -6.50 -1.30 -3.89
N VAL A 32 -6.48 -0.30 -2.97
CA VAL A 32 -7.44 0.00 -1.90
C VAL A 32 -7.17 1.45 -1.81
N PRO A 33 -8.04 2.37 -1.46
CA PRO A 33 -7.67 3.76 -1.57
C PRO A 33 -6.88 4.42 -0.43
N SER A 34 -7.15 4.14 0.87
CA SER A 34 -6.49 4.73 2.05
C SER A 34 -7.13 4.18 3.34
N TYR A 35 -6.72 4.68 4.56
CA TYR A 35 -7.11 4.37 5.98
C TYR A 35 -8.61 4.19 6.29
N ALA A 36 -9.51 4.72 5.44
CA ALA A 36 -10.95 4.55 5.49
C ALA A 36 -11.42 3.20 4.98
N PHE A 37 -10.73 2.69 3.92
CA PHE A 37 -10.85 1.31 3.46
C PHE A 37 -10.07 0.44 4.44
N LEU A 38 -8.78 0.80 4.72
CA LEU A 38 -7.95 -0.01 5.62
C LEU A 38 -8.33 -0.12 7.11
N ARG A 39 -8.93 0.91 7.82
CA ARG A 39 -9.37 0.67 9.21
C ARG A 39 -10.60 -0.20 9.31
N ARG A 40 -11.55 0.00 8.36
CA ARG A 40 -12.78 -0.75 8.15
C ARG A 40 -12.51 -2.19 7.65
N GLU A 41 -11.46 -2.40 6.81
CA GLU A 41 -11.06 -3.71 6.29
C GLU A 41 -10.15 -4.49 7.26
N LEU A 42 -9.27 -3.83 8.07
CA LEU A 42 -8.44 -4.58 9.03
C LEU A 42 -9.12 -4.87 10.35
N GLY A 43 -10.31 -4.28 10.63
CA GLY A 43 -11.08 -4.46 11.87
C GLY A 43 -10.54 -3.81 13.13
N LEU A 44 -9.26 -3.34 13.12
CA LEU A 44 -8.55 -2.72 14.24
C LEU A 44 -8.42 -1.20 14.15
N SER A 45 -8.67 -0.47 15.28
CA SER A 45 -8.66 1.01 15.38
C SER A 45 -7.28 1.65 15.55
N SER A 46 -6.27 1.19 14.75
CA SER A 46 -4.88 1.70 14.70
C SER A 46 -4.69 3.04 14.01
N ALA A 47 -5.75 3.58 13.34
CA ALA A 47 -5.68 4.75 12.44
C ALA A 47 -5.42 6.12 13.05
N HIS A 48 -5.61 6.26 14.40
CA HIS A 48 -5.36 7.41 15.29
C HIS A 48 -4.08 8.24 15.06
N THR A 49 -2.90 7.57 14.86
CA THR A 49 -1.65 8.21 14.47
C THR A 49 -1.17 7.46 13.23
N ASN A 50 -0.67 8.22 12.20
CA ASN A 50 -0.20 7.72 10.90
C ASN A 50 0.91 6.68 11.04
N ARG A 51 1.84 6.97 11.98
CA ARG A 51 2.96 6.18 12.44
C ARG A 51 2.55 4.86 13.09
N LYS A 52 1.45 4.81 13.89
CA LYS A 52 0.84 3.61 14.49
C LYS A 52 0.11 2.71 13.49
N VAL A 53 -0.76 3.32 12.61
CA VAL A 53 -1.48 2.56 11.55
C VAL A 53 -0.57 2.02 10.52
N TRP A 54 0.41 2.87 10.08
CA TRP A 54 1.50 2.53 9.19
C TRP A 54 2.46 1.52 9.76
N LYS A 55 2.72 1.51 11.08
CA LYS A 55 3.44 0.44 11.81
C LYS A 55 2.70 -0.88 11.83
N LYS A 56 1.35 -0.95 12.10
CA LYS A 56 0.59 -2.22 11.95
C LYS A 56 0.50 -2.69 10.48
N PHE A 57 0.38 -1.67 9.59
CA PHE A 57 0.48 -1.80 8.12
C PHE A 57 1.84 -2.31 7.59
N VAL A 58 2.97 -1.75 8.13
CA VAL A 58 4.36 -2.14 7.98
C VAL A 58 4.75 -3.46 8.64
N GLU A 59 4.09 -3.82 9.77
CA GLU A 59 4.08 -5.16 10.39
C GLU A 59 3.41 -6.21 9.46
N ALA A 60 2.29 -5.84 8.75
CA ALA A 60 1.64 -6.63 7.69
C ALA A 60 2.46 -6.85 6.44
N TYR A 61 3.10 -5.76 5.96
CA TYR A 61 3.79 -5.52 4.70
C TYR A 61 4.86 -6.58 4.28
N GLY A 62 5.27 -7.44 5.23
CA GLY A 62 5.94 -8.72 5.03
C GLY A 62 5.07 -9.92 4.61
N LYS A 63 3.73 -9.76 4.37
CA LYS A 63 2.74 -10.78 4.02
C LYS A 63 2.47 -11.05 2.54
N ALA A 64 2.26 -10.03 1.66
CA ALA A 64 2.03 -10.18 0.21
C ALA A 64 3.33 -10.07 -0.58
N ILE A 65 4.46 -9.78 0.10
CA ILE A 65 5.79 -9.63 -0.47
C ILE A 65 6.63 -10.91 -0.32
N PRO A 66 7.34 -11.45 -1.36
CA PRO A 66 8.21 -12.63 -1.22
C PRO A 66 9.62 -12.28 -0.65
N PRO A 67 10.78 -11.87 -1.26
CA PRO A 67 12.02 -11.63 -0.51
C PRO A 67 12.10 -10.21 0.08
N ALA A 68 11.66 -9.18 -0.65
CA ALA A 68 11.68 -7.77 -0.34
C ALA A 68 11.09 -7.20 -1.63
N PRO A 69 10.69 -5.92 -1.79
CA PRO A 69 10.20 -5.36 -3.06
C PRO A 69 11.33 -5.13 -4.10
N PRO A 70 11.40 -5.80 -5.27
CA PRO A 70 12.58 -5.69 -6.12
C PRO A 70 12.27 -5.18 -7.54
N ALA A 71 11.02 -4.78 -7.91
CA ALA A 71 10.69 -4.40 -9.28
C ALA A 71 9.46 -3.49 -9.30
N PRO A 72 9.23 -2.65 -10.34
CA PRO A 72 8.06 -1.79 -10.49
C PRO A 72 6.88 -2.55 -11.17
N PRO A 73 5.64 -2.01 -11.25
CA PRO A 73 4.51 -2.66 -11.91
C PRO A 73 4.55 -2.48 -13.45
N LEU A 74 3.85 -3.38 -14.17
CA LEU A 74 3.73 -3.42 -15.62
C LEU A 74 2.64 -2.48 -16.13
N THR A 75 3.07 -1.37 -16.77
CA THR A 75 2.21 -0.34 -17.33
C THR A 75 3.07 0.37 -18.36
N LEU A 76 2.47 1.26 -19.19
CA LEU A 76 3.06 1.96 -20.33
C LEU A 76 3.40 3.40 -19.97
N SER A 77 4.10 3.59 -18.83
CA SER A 77 4.50 4.84 -18.21
C SER A 77 5.61 5.64 -18.90
N LYS A 78 5.42 5.91 -20.21
CA LYS A 78 6.29 6.69 -21.08
C LYS A 78 5.55 7.92 -21.55
N LEU A 79 4.25 7.78 -21.95
CA LEU A 79 3.38 8.86 -22.38
C LEU A 79 1.95 8.49 -22.01
N GLU A 80 1.75 7.78 -20.87
CA GLU A 80 0.45 7.32 -20.39
C GLU A 80 0.38 7.53 -18.90
N HIS A 81 1.16 6.73 -18.14
CA HIS A 81 1.21 6.77 -16.69
C HIS A 81 2.46 7.49 -16.21
N MET A 1 -4.36 -8.18 -4.66
CA MET A 1 -3.84 -7.25 -3.71
C MET A 1 -5.02 -6.54 -3.09
N GLY A 2 -5.79 -7.26 -2.22
CA GLY A 2 -7.01 -6.78 -1.54
C GLY A 2 -6.81 -5.74 -0.45
N ILE A 3 -5.65 -5.77 0.24
CA ILE A 3 -5.24 -4.78 1.21
C ILE A 3 -4.06 -4.05 0.59
N ASP A 4 -4.06 -2.69 0.51
CA ASP A 4 -3.03 -1.94 -0.20
C ASP A 4 -1.72 -1.72 0.51
N TYR A 5 -0.92 -2.78 0.66
CA TYR A 5 0.53 -2.76 0.75
C TYR A 5 1.27 -2.56 -0.60
N SER A 6 1.03 -3.53 -1.55
CA SER A 6 1.88 -3.79 -2.74
C SER A 6 2.21 -2.71 -3.76
N GLY A 7 1.30 -1.85 -4.34
CA GLY A 7 1.62 -0.69 -5.18
C GLY A 7 2.43 0.35 -4.43
N LEU A 8 2.29 0.42 -3.09
CA LEU A 8 3.12 1.27 -2.26
C LEU A 8 4.52 0.66 -2.04
N ARG A 9 4.68 -0.68 -1.82
CA ARG A 9 6.01 -1.34 -1.85
C ARG A 9 6.69 -1.46 -3.21
N THR A 10 5.90 -1.70 -4.28
CA THR A 10 6.32 -1.82 -5.69
C THR A 10 6.49 -0.49 -6.42
N ILE A 11 5.86 0.64 -5.96
CA ILE A 11 6.09 2.00 -6.46
C ILE A 11 7.01 2.79 -5.50
N PHE A 12 6.91 2.74 -4.12
CA PHE A 12 7.65 3.68 -3.25
C PHE A 12 8.83 3.06 -2.51
N GLY A 13 8.74 1.74 -2.19
CA GLY A 13 9.83 0.95 -1.61
C GLY A 13 9.73 0.65 -0.13
N GLU A 14 10.35 1.49 0.73
CA GLU A 14 10.53 1.29 2.19
C GLU A 14 9.32 1.49 3.12
N LYS A 15 8.48 2.52 2.87
CA LYS A 15 7.29 2.82 3.64
C LYS A 15 6.29 3.37 2.64
N LEU A 16 4.99 3.37 2.98
CA LEU A 16 3.89 3.80 2.16
C LEU A 16 3.44 5.24 2.49
N PRO A 17 2.84 5.97 1.54
CA PRO A 17 2.45 7.38 1.63
C PRO A 17 1.25 7.72 2.48
N GLU A 18 0.98 9.03 2.44
CA GLU A 18 -0.11 9.76 3.00
C GLU A 18 -1.22 9.89 1.96
N SER A 19 -2.44 10.19 2.44
CA SER A 19 -3.69 10.32 1.70
C SER A 19 -3.78 11.23 0.48
N HIS A 20 -2.90 12.28 0.33
CA HIS A 20 -2.83 13.21 -0.81
C HIS A 20 -2.45 12.51 -2.11
N ILE A 21 -1.37 11.66 -2.11
CA ILE A 21 -1.16 10.67 -3.19
C ILE A 21 -2.05 9.44 -3.03
N PHE A 22 -2.26 8.96 -1.76
CA PHE A 22 -2.86 7.65 -1.50
C PHE A 22 -4.34 7.54 -1.93
N PHE A 23 -5.29 8.44 -1.50
CA PHE A 23 -6.69 8.51 -2.00
C PHE A 23 -6.77 9.16 -3.41
N ALA A 24 -5.69 9.79 -4.01
CA ALA A 24 -5.76 10.39 -5.36
C ALA A 24 -4.93 9.80 -6.53
N THR A 25 -3.80 9.05 -6.31
CA THR A 25 -2.91 8.54 -7.38
C THR A 25 -3.06 7.03 -7.55
N VAL A 26 -3.21 6.51 -8.81
CA VAL A 26 -3.39 5.08 -9.19
C VAL A 26 -2.19 4.19 -8.92
N ALA A 27 -1.06 4.76 -8.42
CA ALA A 27 0.11 4.09 -7.85
C ALA A 27 -0.32 3.24 -6.64
N ALA A 28 -1.29 3.79 -5.90
CA ALA A 28 -2.00 3.12 -4.86
C ALA A 28 -3.46 2.80 -5.16
N HIS A 29 -4.21 3.72 -5.84
CA HIS A 29 -5.67 3.68 -6.09
C HIS A 29 -6.27 2.47 -6.79
N LYS A 30 -5.41 1.67 -7.46
CA LYS A 30 -5.68 0.42 -8.17
C LYS A 30 -6.05 -0.74 -7.25
N TYR A 31 -5.72 -0.59 -5.95
CA TYR A 31 -5.92 -1.54 -4.87
C TYR A 31 -6.97 -0.99 -3.90
N VAL A 32 -6.51 -0.37 -2.79
CA VAL A 32 -7.33 0.31 -1.79
C VAL A 32 -6.87 1.73 -1.81
N PRO A 33 -7.70 2.71 -1.56
CA PRO A 33 -7.22 4.06 -1.55
C PRO A 33 -6.57 4.57 -0.25
N SER A 34 -6.99 4.26 1.01
CA SER A 34 -6.39 4.85 2.21
C SER A 34 -7.03 4.31 3.49
N TYR A 35 -6.62 4.84 4.70
CA TYR A 35 -6.99 4.54 6.11
C TYR A 35 -8.48 4.35 6.42
N ALA A 36 -9.37 4.86 5.54
CA ALA A 36 -10.80 4.69 5.50
C ALA A 36 -11.25 3.32 5.08
N PHE A 37 -10.61 2.79 3.99
CA PHE A 37 -10.76 1.42 3.52
C PHE A 37 -9.98 0.53 4.48
N LEU A 38 -8.68 0.86 4.76
CA LEU A 38 -7.88 0.02 5.68
C LEU A 38 -8.33 -0.09 7.15
N ARG A 39 -8.96 0.96 7.79
CA ARG A 39 -9.47 0.82 9.17
C ARG A 39 -10.73 -0.03 9.27
N ARG A 40 -11.68 0.19 8.31
CA ARG A 40 -12.92 -0.53 8.10
C ARG A 40 -12.71 -1.97 7.63
N GLU A 41 -11.65 -2.22 6.80
CA GLU A 41 -11.24 -3.53 6.32
C GLU A 41 -10.41 -4.34 7.32
N LEU A 42 -9.43 -3.75 8.11
CA LEU A 42 -8.68 -4.62 9.03
C LEU A 42 -9.36 -4.79 10.40
N GLY A 43 -10.44 -4.01 10.73
CA GLY A 43 -11.19 -4.06 12.00
C GLY A 43 -10.40 -3.48 13.17
N LEU A 44 -9.42 -2.64 12.80
CA LEU A 44 -8.35 -2.13 13.65
C LEU A 44 -8.58 -0.71 14.12
N SER A 45 -8.08 -0.36 15.34
CA SER A 45 -8.27 0.96 15.95
C SER A 45 -6.98 1.78 15.96
N SER A 46 -5.94 1.36 15.19
CA SER A 46 -4.62 1.98 15.07
C SER A 46 -4.54 3.28 14.29
N ALA A 47 -5.58 3.69 13.52
CA ALA A 47 -5.54 4.80 12.56
C ALA A 47 -5.44 6.23 13.07
N HIS A 48 -5.40 6.44 14.41
CA HIS A 48 -5.30 7.69 15.15
C HIS A 48 -3.93 8.39 15.06
N THR A 49 -2.86 7.61 14.84
CA THR A 49 -1.48 8.06 14.71
C THR A 49 -0.95 7.35 13.49
N ASN A 50 -0.39 8.11 12.48
CA ASN A 50 0.15 7.57 11.22
C ASN A 50 1.27 6.56 11.41
N ARG A 51 2.11 6.77 12.45
CA ARG A 51 3.19 5.88 12.85
C ARG A 51 2.72 4.60 13.54
N LYS A 52 1.61 4.60 14.32
CA LYS A 52 0.97 3.41 14.92
C LYS A 52 0.21 2.54 13.90
N VAL A 53 -0.63 3.21 13.01
CA VAL A 53 -1.32 2.52 11.90
C VAL A 53 -0.37 2.03 10.88
N TRP A 54 0.61 2.88 10.45
CA TRP A 54 1.70 2.50 9.54
C TRP A 54 2.59 1.42 10.09
N LYS A 55 2.84 1.34 11.42
CA LYS A 55 3.50 0.20 12.09
C LYS A 55 2.68 -1.09 12.07
N LYS A 56 1.33 -1.11 12.35
CA LYS A 56 0.54 -2.36 12.15
C LYS A 56 0.41 -2.75 10.65
N PHE A 57 0.35 -1.70 9.80
CA PHE A 57 0.45 -1.78 8.33
C PHE A 57 1.78 -2.35 7.82
N VAL A 58 2.92 -1.79 8.28
CA VAL A 58 4.30 -2.25 8.15
C VAL A 58 4.61 -3.63 8.74
N GLU A 59 3.90 -4.00 9.84
CA GLU A 59 3.76 -5.37 10.37
C GLU A 59 3.06 -6.32 9.37
N ALA A 60 1.98 -5.86 8.63
CA ALA A 60 1.37 -6.60 7.48
C ALA A 60 2.27 -6.81 6.29
N TYR A 61 3.03 -5.74 5.93
CA TYR A 61 3.80 -5.47 4.70
C TYR A 61 4.78 -6.60 4.24
N GLY A 62 5.05 -7.56 5.16
CA GLY A 62 5.68 -8.85 4.91
C GLY A 62 4.77 -10.02 4.55
N LYS A 63 3.42 -9.83 4.34
CA LYS A 63 2.43 -10.86 4.00
C LYS A 63 2.15 -11.06 2.50
N ALA A 64 1.87 -10.00 1.71
CA ALA A 64 1.54 -10.07 0.27
C ALA A 64 2.71 -9.74 -0.65
N ILE A 65 3.95 -10.00 -0.19
CA ILE A 65 5.20 -9.79 -0.91
C ILE A 65 5.73 -11.16 -1.41
N PRO A 66 6.21 -11.35 -2.66
CA PRO A 66 6.84 -12.60 -3.11
C PRO A 66 8.33 -12.68 -2.66
N PRO A 67 8.94 -13.85 -2.36
CA PRO A 67 10.34 -13.99 -1.89
C PRO A 67 11.37 -13.92 -3.03
N ALA A 68 11.50 -12.74 -3.67
CA ALA A 68 12.37 -12.42 -4.80
C ALA A 68 12.14 -10.93 -4.94
N PRO A 69 12.62 -10.11 -5.90
CA PRO A 69 12.19 -8.72 -6.04
C PRO A 69 10.80 -8.66 -6.74
N PRO A 70 9.76 -7.91 -6.28
CA PRO A 70 8.40 -7.89 -6.86
C PRO A 70 8.30 -7.21 -8.24
N ALA A 71 9.20 -6.22 -8.51
CA ALA A 71 9.37 -5.44 -9.74
C ALA A 71 8.59 -4.11 -9.70
N PRO A 72 9.03 -3.00 -10.37
CA PRO A 72 8.25 -1.76 -10.49
C PRO A 72 7.17 -1.91 -11.60
N PRO A 73 6.16 -1.03 -11.75
CA PRO A 73 5.11 -1.19 -12.76
C PRO A 73 5.57 -0.85 -14.19
N LEU A 74 5.22 -1.73 -15.15
CA LEU A 74 5.50 -1.65 -16.57
C LEU A 74 4.19 -1.47 -17.33
N THR A 75 4.27 -0.74 -18.47
CA THR A 75 3.14 -0.46 -19.37
C THR A 75 3.71 -0.35 -20.78
N LEU A 76 4.81 -1.11 -21.03
CA LEU A 76 5.60 -1.16 -22.24
C LEU A 76 6.68 -2.19 -21.95
N SER A 77 7.54 -2.51 -22.95
CA SER A 77 8.72 -3.39 -22.91
C SER A 77 8.57 -4.88 -22.59
N LYS A 78 7.75 -5.24 -21.58
CA LYS A 78 7.46 -6.60 -21.13
C LYS A 78 6.36 -7.26 -21.95
N LEU A 79 5.16 -6.63 -22.06
CA LEU A 79 4.01 -7.10 -22.85
C LEU A 79 4.12 -6.67 -24.33
N GLU A 80 5.17 -5.88 -24.63
CA GLU A 80 5.52 -5.34 -25.93
C GLU A 80 6.83 -5.93 -26.43
N HIS A 81 7.37 -6.98 -25.74
CA HIS A 81 8.66 -7.63 -26.01
C HIS A 81 8.74 -8.47 -27.27
N MET A 1 -3.84 -8.29 -6.79
CA MET A 1 -3.84 -7.13 -5.95
C MET A 1 -4.77 -7.48 -4.79
N GLY A 2 -5.11 -6.53 -3.87
CA GLY A 2 -5.99 -6.88 -2.74
C GLY A 2 -6.03 -5.79 -1.70
N ILE A 3 -5.20 -5.90 -0.62
CA ILE A 3 -4.99 -4.85 0.41
C ILE A 3 -3.84 -3.94 -0.06
N ASP A 4 -3.92 -2.60 0.15
CA ASP A 4 -2.89 -1.72 -0.42
C ASP A 4 -1.62 -1.50 0.37
N TYR A 5 -0.85 -2.59 0.52
CA TYR A 5 0.58 -2.76 0.67
C TYR A 5 1.42 -2.62 -0.57
N SER A 6 1.24 -3.62 -1.49
CA SER A 6 2.03 -4.00 -2.66
C SER A 6 2.29 -2.95 -3.72
N GLY A 7 1.28 -2.14 -4.20
CA GLY A 7 1.51 -0.89 -4.95
C GLY A 7 2.42 0.14 -4.29
N LEU A 8 2.39 0.25 -2.94
CA LEU A 8 3.14 1.17 -2.12
C LEU A 8 4.58 0.69 -1.98
N ARG A 9 4.81 -0.62 -1.70
CA ARG A 9 6.13 -1.24 -1.76
C ARG A 9 6.77 -1.43 -3.14
N THR A 10 5.96 -1.67 -4.21
CA THR A 10 6.44 -1.78 -5.60
C THR A 10 6.63 -0.45 -6.33
N ILE A 11 5.83 0.61 -6.03
CA ILE A 11 6.00 1.97 -6.57
C ILE A 11 6.82 2.89 -5.62
N PHE A 12 6.71 2.85 -4.24
CA PHE A 12 7.31 3.89 -3.38
C PHE A 12 8.48 3.38 -2.56
N GLY A 13 8.45 2.06 -2.21
CA GLY A 13 9.58 1.33 -1.68
C GLY A 13 9.54 0.96 -0.22
N GLU A 14 10.13 1.81 0.66
CA GLU A 14 10.41 1.52 2.07
C GLU A 14 9.28 1.55 3.09
N LYS A 15 8.27 2.43 2.93
CA LYS A 15 7.19 2.58 3.90
C LYS A 15 5.94 2.78 3.09
N LEU A 16 4.88 3.39 3.68
CA LEU A 16 3.68 3.81 2.99
C LEU A 16 3.80 5.33 2.85
N PRO A 17 3.45 5.98 1.74
CA PRO A 17 3.44 7.44 1.62
C PRO A 17 2.09 8.01 2.10
N GLU A 18 1.97 9.34 2.16
CA GLU A 18 0.79 10.09 2.60
C GLU A 18 -0.43 10.13 1.65
N SER A 19 -1.57 10.60 2.19
CA SER A 19 -2.90 10.71 1.57
C SER A 19 -3.12 11.58 0.35
N HIS A 20 -2.27 12.63 0.07
CA HIS A 20 -2.24 13.47 -1.15
C HIS A 20 -2.03 12.62 -2.41
N ILE A 21 -1.05 11.68 -2.33
CA ILE A 21 -0.87 10.56 -3.26
C ILE A 21 -1.79 9.37 -3.03
N PHE A 22 -1.92 8.86 -1.75
CA PHE A 22 -2.55 7.57 -1.45
C PHE A 22 -4.07 7.59 -1.80
N PHE A 23 -4.85 8.60 -1.33
CA PHE A 23 -6.27 8.80 -1.67
C PHE A 23 -6.49 9.40 -3.10
N ALA A 24 -5.46 9.94 -3.85
CA ALA A 24 -5.65 10.46 -5.21
C ALA A 24 -4.96 9.77 -6.41
N THR A 25 -3.85 8.99 -6.24
CA THR A 25 -3.05 8.44 -7.36
C THR A 25 -3.28 6.95 -7.52
N VAL A 26 -3.48 6.43 -8.78
CA VAL A 26 -3.75 5.02 -9.19
C VAL A 26 -2.76 4.00 -8.67
N ALA A 27 -1.49 4.47 -8.50
CA ALA A 27 -0.28 3.86 -7.94
C ALA A 27 -0.54 3.19 -6.59
N ALA A 28 -1.44 3.82 -5.80
CA ALA A 28 -2.02 3.24 -4.64
C ALA A 28 -3.52 2.90 -4.84
N HIS A 29 -4.33 3.76 -5.53
CA HIS A 29 -5.80 3.64 -5.73
C HIS A 29 -6.39 2.38 -6.39
N LYS A 30 -5.56 1.60 -7.15
CA LYS A 30 -5.89 0.35 -7.84
C LYS A 30 -6.14 -0.83 -6.90
N TYR A 31 -5.67 -0.69 -5.66
CA TYR A 31 -5.68 -1.65 -4.55
C TYR A 31 -6.81 -1.34 -3.57
N VAL A 32 -6.56 -0.35 -2.68
CA VAL A 32 -7.46 0.19 -1.68
C VAL A 32 -7.10 1.64 -1.68
N PRO A 33 -7.95 2.54 -1.26
CA PRO A 33 -7.60 3.94 -1.32
C PRO A 33 -6.85 4.61 -0.15
N SER A 34 -7.08 4.32 1.17
CA SER A 34 -6.42 4.99 2.33
C SER A 34 -6.87 4.48 3.69
N TYR A 35 -6.37 5.14 4.80
CA TYR A 35 -6.58 4.88 6.25
C TYR A 35 -8.04 4.57 6.68
N ALA A 36 -9.03 5.16 5.96
CA ALA A 36 -10.48 4.97 6.02
C ALA A 36 -10.97 3.60 5.63
N PHE A 37 -10.35 3.04 4.55
CA PHE A 37 -10.51 1.70 4.04
C PHE A 37 -9.76 0.76 4.99
N LEU A 38 -8.49 1.14 5.38
CA LEU A 38 -7.69 0.30 6.32
C LEU A 38 -8.27 0.08 7.72
N ARG A 39 -9.00 1.08 8.34
CA ARG A 39 -9.65 0.85 9.64
C ARG A 39 -10.84 -0.12 9.61
N ARG A 40 -11.70 -0.02 8.55
CA ARG A 40 -12.80 -0.96 8.25
C ARG A 40 -12.30 -2.34 7.80
N GLU A 41 -11.15 -2.39 7.05
CA GLU A 41 -10.45 -3.58 6.59
C GLU A 41 -9.72 -4.36 7.68
N LEU A 42 -9.02 -3.72 8.67
CA LEU A 42 -8.31 -4.53 9.67
C LEU A 42 -9.14 -4.88 10.90
N GLY A 43 -10.34 -4.27 11.07
CA GLY A 43 -11.20 -4.38 12.24
C GLY A 43 -10.75 -3.69 13.51
N LEU A 44 -9.47 -3.22 13.58
CA LEU A 44 -8.84 -2.56 14.71
C LEU A 44 -8.80 -1.05 14.55
N SER A 45 -8.76 -0.30 15.66
CA SER A 45 -8.68 1.16 15.71
C SER A 45 -7.29 1.73 15.37
N SER A 46 -6.80 1.47 14.13
CA SER A 46 -5.50 1.89 13.62
C SER A 46 -5.35 3.38 13.29
N ALA A 47 -6.42 4.06 12.77
CA ALA A 47 -6.45 5.41 12.17
C ALA A 47 -6.21 6.63 13.07
N HIS A 48 -5.88 6.37 14.37
CA HIS A 48 -5.50 7.31 15.42
C HIS A 48 -4.17 8.04 15.12
N THR A 49 -3.08 7.30 14.74
CA THR A 49 -1.79 7.88 14.40
C THR A 49 -1.29 7.23 13.10
N ASN A 50 -0.67 8.05 12.18
CA ASN A 50 -0.11 7.65 10.88
C ASN A 50 0.98 6.59 11.02
N ARG A 51 1.82 6.73 12.07
CA ARG A 51 2.86 5.81 12.48
C ARG A 51 2.36 4.51 13.13
N LYS A 52 1.24 4.49 13.90
CA LYS A 52 0.61 3.25 14.40
C LYS A 52 -0.12 2.45 13.32
N VAL A 53 -0.96 3.11 12.43
CA VAL A 53 -1.61 2.41 11.30
C VAL A 53 -0.64 1.93 10.26
N TRP A 54 0.34 2.80 9.87
CA TRP A 54 1.45 2.45 9.00
C TRP A 54 2.34 1.38 9.55
N LYS A 55 2.56 1.27 10.88
CA LYS A 55 3.22 0.16 11.59
C LYS A 55 2.43 -1.15 11.56
N LYS A 56 1.07 -1.15 11.78
CA LYS A 56 0.21 -2.36 11.66
C LYS A 56 0.13 -2.83 10.20
N PHE A 57 0.05 -1.80 9.31
CA PHE A 57 0.21 -1.94 7.85
C PHE A 57 1.60 -2.44 7.42
N VAL A 58 2.68 -1.91 8.07
CA VAL A 58 4.09 -2.29 7.98
C VAL A 58 4.47 -3.65 8.52
N GLU A 59 3.74 -4.10 9.57
CA GLU A 59 3.67 -5.47 10.10
C GLU A 59 3.01 -6.42 9.06
N ALA A 60 1.90 -6.00 8.38
CA ALA A 60 1.30 -6.72 7.22
C ALA A 60 2.19 -6.93 6.00
N TYR A 61 2.88 -5.82 5.63
CA TYR A 61 3.67 -5.49 4.43
C TYR A 61 4.76 -6.54 4.07
N GLY A 62 5.07 -7.44 5.03
CA GLY A 62 5.85 -8.66 4.87
C GLY A 62 5.08 -9.93 4.49
N LYS A 63 3.74 -9.87 4.19
CA LYS A 63 2.89 -11.01 3.82
C LYS A 63 2.66 -11.20 2.32
N ALA A 64 2.23 -10.18 1.53
CA ALA A 64 2.01 -10.24 0.06
C ALA A 64 3.24 -9.84 -0.75
N ILE A 65 4.42 -10.10 -0.14
CA ILE A 65 5.76 -9.87 -0.66
C ILE A 65 6.22 -11.06 -1.55
N PRO A 66 6.47 -10.96 -2.88
CA PRO A 66 6.91 -12.09 -3.71
C PRO A 66 8.43 -12.38 -3.57
N PRO A 67 8.97 -13.58 -3.89
CA PRO A 67 10.39 -13.93 -3.71
C PRO A 67 11.30 -13.37 -4.82
N ALA A 68 11.46 -12.02 -4.86
CA ALA A 68 12.24 -11.20 -5.80
C ALA A 68 11.43 -10.80 -7.06
N PRO A 69 10.51 -9.82 -7.00
CA PRO A 69 9.69 -9.43 -8.15
C PRO A 69 10.37 -8.39 -9.06
N PRO A 70 9.81 -8.08 -10.26
CA PRO A 70 10.19 -6.91 -11.06
C PRO A 70 9.47 -5.65 -10.51
N ALA A 71 9.89 -4.43 -10.93
CA ALA A 71 9.37 -3.13 -10.52
C ALA A 71 7.87 -2.81 -10.72
N PRO A 72 7.17 -2.97 -11.87
CA PRO A 72 5.74 -2.67 -12.00
C PRO A 72 4.86 -3.79 -11.42
N PRO A 73 3.61 -3.52 -10.97
CA PRO A 73 2.67 -4.54 -10.50
C PRO A 73 1.97 -5.24 -11.68
N LEU A 74 1.48 -6.49 -11.43
CA LEU A 74 0.80 -7.32 -12.41
C LEU A 74 -0.70 -7.05 -12.39
N THR A 75 -1.16 -6.29 -13.42
CA THR A 75 -2.54 -5.88 -13.64
C THR A 75 -3.21 -6.78 -14.67
N LEU A 76 -2.83 -6.61 -15.96
CA LEU A 76 -3.32 -7.33 -17.11
C LEU A 76 -2.14 -8.00 -17.81
N SER A 77 -1.67 -9.15 -17.26
CA SER A 77 -0.57 -9.93 -17.83
C SER A 77 -1.09 -11.32 -18.24
N LYS A 78 -0.16 -12.29 -18.41
CA LYS A 78 -0.36 -13.68 -18.87
C LYS A 78 -0.65 -13.75 -20.37
N LEU A 79 0.18 -13.02 -21.16
CA LEU A 79 0.16 -12.83 -22.62
C LEU A 79 -0.82 -11.74 -23.07
N GLU A 80 -0.93 -10.65 -22.27
CA GLU A 80 -1.82 -9.51 -22.50
C GLU A 80 -1.05 -8.20 -22.66
N HIS A 81 -0.92 -7.37 -21.57
CA HIS A 81 -0.22 -6.08 -21.49
C HIS A 81 -0.87 -4.93 -22.26
N MET A 1 -6.58 -5.84 -5.64
CA MET A 1 -5.33 -6.49 -5.34
C MET A 1 -5.18 -6.50 -3.82
N GLY A 2 -6.34 -6.69 -3.13
CA GLY A 2 -6.54 -6.90 -1.69
C GLY A 2 -6.57 -5.64 -0.86
N ILE A 3 -5.57 -5.50 0.04
CA ILE A 3 -5.27 -4.32 0.85
C ILE A 3 -4.19 -3.55 0.11
N ASP A 4 -4.10 -2.20 0.22
CA ASP A 4 -3.07 -1.47 -0.48
C ASP A 4 -1.74 -1.41 0.19
N TYR A 5 -1.08 -2.57 0.28
CA TYR A 5 0.36 -2.77 0.38
C TYR A 5 1.18 -2.65 -0.90
N SER A 6 0.97 -3.64 -1.84
CA SER A 6 1.81 -3.98 -2.99
C SER A 6 2.08 -2.87 -4.00
N GLY A 7 1.08 -2.07 -4.48
CA GLY A 7 1.27 -0.81 -5.22
C GLY A 7 2.14 0.25 -4.58
N LEU A 8 2.14 0.32 -3.23
CA LEU A 8 2.93 1.24 -2.40
C LEU A 8 4.37 0.83 -2.30
N ARG A 9 4.61 -0.46 -1.93
CA ARG A 9 5.96 -1.06 -1.89
C ARG A 9 6.63 -1.26 -3.22
N THR A 10 5.82 -1.51 -4.27
CA THR A 10 6.25 -1.67 -5.65
C THR A 10 6.44 -0.34 -6.37
N ILE A 11 5.52 0.66 -6.26
CA ILE A 11 5.72 1.98 -6.90
C ILE A 11 6.49 2.99 -6.01
N PHE A 12 6.42 3.01 -4.63
CA PHE A 12 7.04 4.13 -3.89
C PHE A 12 8.18 3.65 -2.99
N GLY A 13 8.06 2.40 -2.48
CA GLY A 13 9.19 1.67 -1.89
C GLY A 13 9.18 1.37 -0.42
N GLU A 14 10.02 2.11 0.38
CA GLU A 14 10.41 1.79 1.76
C GLU A 14 9.41 1.71 2.93
N LYS A 15 8.59 2.76 3.22
CA LYS A 15 7.59 2.74 4.31
C LYS A 15 6.24 2.60 3.65
N LEU A 16 5.22 3.34 4.12
CA LEU A 16 3.95 3.50 3.46
C LEU A 16 3.92 5.00 3.19
N PRO A 17 3.50 5.50 2.05
CA PRO A 17 3.42 6.92 1.77
C PRO A 17 2.16 7.59 2.31
N GLU A 18 2.15 8.93 2.32
CA GLU A 18 1.04 9.78 2.72
C GLU A 18 -0.08 9.87 1.67
N SER A 19 -1.26 10.30 2.14
CA SER A 19 -2.54 10.46 1.47
C SER A 19 -2.67 11.33 0.24
N HIS A 20 -1.76 12.33 0.00
CA HIS A 20 -1.65 13.20 -1.18
C HIS A 20 -1.38 12.38 -2.45
N ILE A 21 -0.43 11.40 -2.38
CA ILE A 21 -0.35 10.30 -3.35
C ILE A 21 -1.37 9.21 -3.08
N PHE A 22 -1.52 8.73 -1.79
CA PHE A 22 -2.27 7.51 -1.46
C PHE A 22 -3.77 7.59 -1.86
N PHE A 23 -4.56 8.63 -1.44
CA PHE A 23 -5.96 8.85 -1.86
C PHE A 23 -6.09 9.42 -3.31
N ALA A 24 -5.00 9.88 -4.02
CA ALA A 24 -5.14 10.47 -5.36
C ALA A 24 -4.54 9.73 -6.58
N THR A 25 -3.55 8.81 -6.44
CA THR A 25 -2.95 8.08 -7.58
C THR A 25 -3.56 6.70 -7.72
N VAL A 26 -3.53 6.17 -8.98
CA VAL A 26 -3.98 4.82 -9.37
C VAL A 26 -3.05 3.73 -8.88
N ALA A 27 -1.72 4.06 -8.76
CA ALA A 27 -0.61 3.25 -8.21
C ALA A 27 -0.93 2.67 -6.83
N ALA A 28 -1.78 3.43 -6.10
CA ALA A 28 -2.38 3.10 -4.85
C ALA A 28 -3.92 2.83 -4.98
N HIS A 29 -4.72 3.58 -5.81
CA HIS A 29 -6.19 3.44 -6.00
C HIS A 29 -6.78 2.06 -6.38
N LYS A 30 -6.03 1.27 -7.19
CA LYS A 30 -6.33 -0.09 -7.69
C LYS A 30 -6.42 -1.21 -6.62
N TYR A 31 -5.91 -0.90 -5.40
CA TYR A 31 -5.82 -1.73 -4.22
C TYR A 31 -6.89 -1.41 -3.19
N VAL A 32 -6.68 -0.29 -2.45
CA VAL A 32 -7.54 0.35 -1.47
C VAL A 32 -7.10 1.76 -1.57
N PRO A 33 -7.92 2.77 -1.34
CA PRO A 33 -7.46 4.14 -1.47
C PRO A 33 -6.68 4.78 -0.31
N SER A 34 -6.98 4.54 1.00
CA SER A 34 -6.28 5.12 2.17
C SER A 34 -6.87 4.64 3.50
N TYR A 35 -6.38 5.16 4.68
CA TYR A 35 -6.69 4.87 6.11
C TYR A 35 -8.18 4.73 6.52
N ALA A 36 -9.08 5.31 5.68
CA ALA A 36 -10.51 5.25 5.73
C ALA A 36 -11.10 3.92 5.32
N PHE A 37 -10.56 3.35 4.21
CA PHE A 37 -10.81 2.00 3.74
C PHE A 37 -10.04 1.04 4.65
N LEU A 38 -8.71 1.32 4.88
CA LEU A 38 -7.86 0.45 5.72
C LEU A 38 -8.25 0.29 7.20
N ARG A 39 -8.89 1.31 7.87
CA ARG A 39 -9.42 1.11 9.23
C ARG A 39 -10.59 0.12 9.32
N ARG A 40 -11.52 0.19 8.32
CA ARG A 40 -12.62 -0.74 8.09
C ARG A 40 -12.17 -2.13 7.61
N GLU A 41 -11.09 -2.18 6.79
CA GLU A 41 -10.46 -3.39 6.27
C GLU A 41 -9.61 -4.16 7.29
N LEU A 42 -8.87 -3.50 8.24
CA LEU A 42 -8.04 -4.28 9.18
C LEU A 42 -8.78 -4.88 10.37
N GLY A 43 -10.06 -4.51 10.59
CA GLY A 43 -10.87 -4.84 11.77
C GLY A 43 -10.50 -4.12 13.06
N LEU A 44 -9.32 -3.43 13.12
CA LEU A 44 -8.79 -2.77 14.30
C LEU A 44 -8.59 -1.28 14.13
N SER A 45 -8.83 -0.53 15.24
CA SER A 45 -8.71 0.91 15.33
C SER A 45 -7.34 1.39 15.76
N SER A 46 -6.25 0.94 15.05
CA SER A 46 -4.87 1.46 15.12
C SER A 46 -4.76 2.81 14.42
N ALA A 47 -5.83 3.16 13.67
CA ALA A 47 -6.07 4.25 12.75
C ALA A 47 -6.15 5.67 13.30
N HIS A 48 -5.89 5.87 14.62
CA HIS A 48 -5.85 7.13 15.35
C HIS A 48 -4.59 7.96 15.09
N THR A 49 -3.44 7.31 14.74
CA THR A 49 -2.19 7.96 14.37
C THR A 49 -1.62 7.25 13.14
N ASN A 50 -0.93 8.03 12.26
CA ASN A 50 -0.23 7.58 11.05
C ASN A 50 0.94 6.62 11.38
N ARG A 51 1.58 6.81 12.56
CA ARG A 51 2.66 6.04 13.17
C ARG A 51 2.25 4.68 13.72
N LYS A 52 1.08 4.60 14.46
CA LYS A 52 0.47 3.38 15.00
C LYS A 52 -0.19 2.51 13.93
N VAL A 53 -0.97 3.15 12.99
CA VAL A 53 -1.58 2.42 11.85
C VAL A 53 -0.53 1.98 10.88
N TRP A 54 0.45 2.85 10.47
CA TRP A 54 1.64 2.50 9.68
C TRP A 54 2.52 1.44 10.30
N LYS A 55 2.59 1.37 11.65
CA LYS A 55 3.22 0.29 12.39
C LYS A 55 2.49 -1.04 12.26
N LYS A 56 1.14 -1.14 12.50
CA LYS A 56 0.44 -2.43 12.24
C LYS A 56 0.36 -2.82 10.74
N PHE A 57 0.21 -1.77 9.89
CA PHE A 57 0.17 -1.87 8.43
C PHE A 57 1.53 -2.24 7.80
N VAL A 58 2.61 -1.57 8.28
CA VAL A 58 4.01 -1.83 7.97
C VAL A 58 4.56 -3.14 8.51
N GLU A 59 4.00 -3.58 9.69
CA GLU A 59 4.06 -4.95 10.22
C GLU A 59 3.35 -5.98 9.29
N ALA A 60 2.19 -5.64 8.63
CA ALA A 60 1.54 -6.41 7.52
C ALA A 60 2.41 -6.64 6.32
N TYR A 61 3.09 -5.55 5.87
CA TYR A 61 3.78 -5.34 4.59
C TYR A 61 4.75 -6.47 4.12
N GLY A 62 5.13 -7.43 5.02
CA GLY A 62 5.76 -8.71 4.67
C GLY A 62 4.82 -9.83 4.18
N LYS A 63 3.46 -9.69 4.24
CA LYS A 63 2.47 -10.70 3.87
C LYS A 63 2.13 -10.91 2.38
N ALA A 64 2.14 -9.87 1.51
CA ALA A 64 1.83 -10.00 0.08
C ALA A 64 3.01 -9.57 -0.79
N ILE A 65 4.24 -9.74 -0.28
CA ILE A 65 5.53 -9.33 -0.83
C ILE A 65 6.11 -10.10 -2.08
N PRO A 66 6.05 -9.59 -3.33
CA PRO A 66 6.56 -10.27 -4.51
C PRO A 66 7.82 -9.56 -5.08
N PRO A 67 8.53 -10.06 -6.12
CA PRO A 67 9.55 -9.30 -6.84
C PRO A 67 8.94 -8.27 -7.82
N ALA A 68 9.72 -7.27 -8.32
CA ALA A 68 9.24 -6.21 -9.20
C ALA A 68 9.95 -6.17 -10.58
N PRO A 69 9.68 -7.09 -11.55
CA PRO A 69 10.42 -7.18 -12.82
C PRO A 69 10.24 -6.06 -13.87
N PRO A 70 9.16 -5.29 -14.16
CA PRO A 70 9.16 -4.31 -15.25
C PRO A 70 9.63 -2.92 -14.78
N ALA A 71 9.62 -1.96 -15.73
CA ALA A 71 10.00 -0.55 -15.61
C ALA A 71 9.11 0.35 -14.74
N PRO A 72 7.75 0.30 -14.67
CA PRO A 72 6.91 1.14 -13.78
C PRO A 72 7.19 1.01 -12.26
N PRO A 73 7.33 -0.14 -11.53
CA PRO A 73 7.75 -0.21 -10.13
C PRO A 73 9.23 0.12 -9.89
N LEU A 74 9.58 0.45 -8.63
CA LEU A 74 10.89 0.91 -8.17
C LEU A 74 11.62 -0.21 -7.44
N THR A 75 12.87 -0.56 -7.86
CA THR A 75 13.65 -1.62 -7.25
C THR A 75 15.08 -1.30 -7.60
N LEU A 76 16.06 -2.11 -7.14
CA LEU A 76 17.48 -1.95 -7.45
C LEU A 76 17.96 -3.30 -7.94
N SER A 77 19.26 -3.45 -8.27
CA SER A 77 19.74 -4.70 -8.78
C SER A 77 21.23 -4.68 -8.58
N LYS A 78 21.86 -5.89 -8.60
CA LYS A 78 23.29 -6.16 -8.37
C LYS A 78 23.60 -6.26 -6.88
N LEU A 79 23.30 -5.18 -6.12
CA LEU A 79 23.49 -5.05 -4.68
C LEU A 79 22.18 -5.30 -3.93
N GLU A 80 21.15 -5.77 -4.69
CA GLU A 80 19.79 -5.97 -4.23
C GLU A 80 19.19 -7.21 -4.90
N HIS A 81 18.64 -7.05 -6.13
CA HIS A 81 18.00 -8.11 -6.90
C HIS A 81 18.55 -8.19 -8.33
N MET A 1 -4.27 -8.49 -3.65
CA MET A 1 -3.93 -7.17 -3.18
C MET A 1 -5.22 -6.58 -2.63
N GLY A 2 -5.73 -7.21 -1.53
CA GLY A 2 -6.97 -6.88 -0.79
C GLY A 2 -6.81 -5.73 0.18
N ILE A 3 -5.61 -5.64 0.82
CA ILE A 3 -5.19 -4.49 1.59
C ILE A 3 -4.10 -3.90 0.71
N ASP A 4 -4.04 -2.56 0.62
CA ASP A 4 -3.16 -1.87 -0.30
C ASP A 4 -1.70 -1.76 0.11
N TYR A 5 -0.96 -2.88 0.23
CA TYR A 5 0.48 -2.97 0.25
C TYR A 5 1.29 -2.88 -1.03
N SER A 6 1.09 -3.89 -1.94
CA SER A 6 2.00 -4.35 -3.03
C SER A 6 2.50 -3.34 -4.07
N GLY A 7 1.61 -2.50 -4.68
CA GLY A 7 1.82 -1.25 -5.41
C GLY A 7 2.54 -0.21 -4.58
N LEU A 8 2.27 -0.11 -3.27
CA LEU A 8 2.93 0.84 -2.38
C LEU A 8 4.38 0.42 -2.05
N ARG A 9 4.64 -0.92 -1.87
CA ARG A 9 5.98 -1.49 -1.72
C ARG A 9 6.84 -1.47 -2.98
N THR A 10 6.21 -1.74 -4.14
CA THR A 10 6.85 -1.76 -5.45
C THR A 10 7.01 -0.38 -6.11
N ILE A 11 6.11 0.60 -5.81
CA ILE A 11 6.18 1.99 -6.26
C ILE A 11 6.89 2.90 -5.23
N PHE A 12 6.79 2.74 -3.86
CA PHE A 12 7.38 3.74 -2.94
C PHE A 12 8.54 3.18 -2.11
N GLY A 13 8.69 1.83 -2.07
CA GLY A 13 9.82 1.13 -1.47
C GLY A 13 9.74 0.87 0.01
N GLU A 14 10.34 1.77 0.83
CA GLU A 14 10.54 1.69 2.27
C GLU A 14 9.32 1.78 3.19
N LYS A 15 8.40 2.74 2.98
CA LYS A 15 7.23 2.91 3.83
C LYS A 15 6.06 3.30 2.96
N LEU A 16 4.86 3.32 3.57
CA LEU A 16 3.59 3.62 2.98
C LEU A 16 3.32 5.14 2.85
N PRO A 17 2.75 5.63 1.73
CA PRO A 17 2.45 7.04 1.54
C PRO A 17 1.24 7.57 2.31
N GLU A 18 1.08 8.89 2.16
CA GLU A 18 0.06 9.76 2.69
C GLU A 18 -1.04 9.94 1.66
N SER A 19 -2.23 10.34 2.14
CA SER A 19 -3.47 10.52 1.41
C SER A 19 -3.52 11.40 0.18
N HIS A 20 -2.59 12.40 0.00
CA HIS A 20 -2.44 13.27 -1.19
C HIS A 20 -2.13 12.48 -2.46
N ILE A 21 -1.15 11.53 -2.39
CA ILE A 21 -0.95 10.48 -3.39
C ILE A 21 -1.91 9.32 -3.24
N PHE A 22 -2.16 8.88 -1.97
CA PHE A 22 -2.82 7.61 -1.68
C PHE A 22 -4.33 7.60 -2.05
N PHE A 23 -5.20 8.59 -1.64
CA PHE A 23 -6.60 8.72 -2.14
C PHE A 23 -6.66 9.31 -3.59
N ALA A 24 -5.55 9.88 -4.22
CA ALA A 24 -5.63 10.44 -5.59
C ALA A 24 -4.85 9.78 -6.76
N THR A 25 -3.76 8.99 -6.53
CA THR A 25 -2.91 8.41 -7.60
C THR A 25 -3.10 6.91 -7.64
N VAL A 26 -3.35 6.26 -8.84
CA VAL A 26 -3.60 4.80 -9.00
C VAL A 26 -2.48 3.86 -8.63
N ALA A 27 -1.25 4.39 -8.36
CA ALA A 27 -0.09 3.69 -7.81
C ALA A 27 -0.43 3.02 -6.49
N ALA A 28 -1.24 3.72 -5.68
CA ALA A 28 -1.82 3.18 -4.48
C ALA A 28 -3.33 2.93 -4.55
N HIS A 29 -4.06 3.68 -5.42
CA HIS A 29 -5.52 3.64 -5.63
C HIS A 29 -6.10 2.42 -6.31
N LYS A 30 -5.26 1.62 -7.03
CA LYS A 30 -5.58 0.39 -7.73
C LYS A 30 -6.02 -0.77 -6.82
N TYR A 31 -5.80 -0.62 -5.48
CA TYR A 31 -6.21 -1.62 -4.48
C TYR A 31 -7.30 -1.06 -3.58
N VAL A 32 -6.90 -0.16 -2.65
CA VAL A 32 -7.75 0.53 -1.70
C VAL A 32 -7.17 1.89 -1.72
N PRO A 33 -7.92 2.96 -1.52
CA PRO A 33 -7.34 4.28 -1.54
C PRO A 33 -6.67 4.80 -0.27
N SER A 34 -7.13 4.53 0.98
CA SER A 34 -6.54 5.15 2.18
C SER A 34 -7.20 4.65 3.45
N TYR A 35 -6.78 5.23 4.63
CA TYR A 35 -7.09 5.01 6.07
C TYR A 35 -8.56 4.82 6.45
N ALA A 36 -9.45 5.28 5.55
CA ALA A 36 -10.90 5.16 5.51
C ALA A 36 -11.40 3.79 5.14
N PHE A 37 -10.81 3.18 4.06
CA PHE A 37 -10.99 1.80 3.64
C PHE A 37 -10.21 0.93 4.60
N LEU A 38 -8.91 1.27 4.85
CA LEU A 38 -8.09 0.46 5.76
C LEU A 38 -8.56 0.38 7.21
N ARG A 39 -9.24 1.40 7.82
CA ARG A 39 -9.77 1.21 9.17
C ARG A 39 -10.98 0.29 9.28
N ARG A 40 -12.03 0.46 8.42
CA ARG A 40 -13.19 -0.43 8.34
C ARG A 40 -12.90 -1.83 7.77
N GLU A 41 -11.96 -1.96 6.78
CA GLU A 41 -11.58 -3.25 6.22
C GLU A 41 -10.48 -4.00 6.98
N LEU A 42 -9.49 -3.35 7.68
CA LEU A 42 -8.46 -4.17 8.34
C LEU A 42 -8.78 -4.39 9.82
N GLY A 43 -9.83 -3.66 10.34
CA GLY A 43 -10.36 -3.76 11.71
C GLY A 43 -9.43 -3.16 12.74
N LEU A 44 -8.69 -2.12 12.33
CA LEU A 44 -7.59 -1.61 13.12
C LEU A 44 -7.93 -0.44 14.04
N SER A 45 -7.52 -0.56 15.32
CA SER A 45 -7.67 0.40 16.42
C SER A 45 -6.42 1.27 16.58
N SER A 46 -5.33 0.88 15.84
CA SER A 46 -4.05 1.57 15.61
C SER A 46 -4.21 2.75 14.65
N ALA A 47 -5.41 2.85 14.00
CA ALA A 47 -5.84 3.80 12.99
C ALA A 47 -6.06 5.25 13.42
N HIS A 48 -5.75 5.55 14.71
CA HIS A 48 -5.82 6.86 15.36
C HIS A 48 -4.50 7.65 15.32
N THR A 49 -3.38 7.04 14.85
CA THR A 49 -2.07 7.71 14.75
C THR A 49 -1.42 7.18 13.49
N ASN A 50 -0.86 8.05 12.60
CA ASN A 50 -0.24 7.61 11.33
C ASN A 50 1.00 6.75 11.45
N ARG A 51 1.82 6.98 12.52
CA ARG A 51 2.98 6.16 12.83
C ARG A 51 2.63 4.78 13.39
N LYS A 52 1.57 4.65 14.25
CA LYS A 52 1.04 3.37 14.78
C LYS A 52 0.28 2.51 13.78
N VAL A 53 -0.61 3.17 12.95
CA VAL A 53 -1.40 2.53 11.88
C VAL A 53 -0.49 2.02 10.81
N TRP A 54 0.48 2.89 10.35
CA TRP A 54 1.52 2.56 9.39
C TRP A 54 2.47 1.51 9.87
N LYS A 55 2.79 1.42 11.17
CA LYS A 55 3.53 0.33 11.83
C LYS A 55 2.78 -1.01 11.86
N LYS A 56 1.44 -1.10 12.19
CA LYS A 56 0.71 -2.39 12.09
C LYS A 56 0.49 -2.80 10.63
N PHE A 57 0.32 -1.75 9.78
CA PHE A 57 0.30 -1.88 8.31
C PHE A 57 1.63 -2.36 7.71
N VAL A 58 2.76 -1.72 8.12
CA VAL A 58 4.16 -2.10 7.92
C VAL A 58 4.56 -3.47 8.49
N GLU A 59 3.92 -3.91 9.60
CA GLU A 59 3.89 -5.29 10.11
C GLU A 59 3.17 -6.27 9.12
N ALA A 60 2.01 -5.88 8.46
CA ALA A 60 1.37 -6.64 7.34
C ALA A 60 2.22 -6.78 6.09
N TYR A 61 2.95 -5.67 5.76
CA TYR A 61 3.77 -5.35 4.58
C TYR A 61 4.83 -6.43 4.21
N GLY A 62 5.09 -7.38 5.12
CA GLY A 62 5.80 -8.64 4.91
C GLY A 62 4.96 -9.86 4.52
N LYS A 63 3.61 -9.76 4.25
CA LYS A 63 2.72 -10.88 3.91
C LYS A 63 2.38 -11.09 2.42
N ALA A 64 1.89 -10.07 1.65
CA ALA A 64 1.52 -10.19 0.22
C ALA A 64 2.74 -10.18 -0.72
N ILE A 65 3.90 -9.72 -0.19
CA ILE A 65 5.21 -9.69 -0.86
C ILE A 65 5.90 -11.08 -0.79
N PRO A 66 6.40 -11.69 -1.91
CA PRO A 66 7.18 -12.92 -1.88
C PRO A 66 8.68 -12.63 -1.53
N PRO A 67 9.48 -13.57 -0.97
CA PRO A 67 10.88 -13.36 -0.58
C PRO A 67 11.86 -13.53 -1.76
N ALA A 68 11.82 -12.60 -2.73
CA ALA A 68 12.59 -12.55 -3.96
C ALA A 68 12.17 -11.19 -4.52
N PRO A 69 12.33 -10.71 -5.78
CA PRO A 69 11.82 -9.39 -6.23
C PRO A 69 10.26 -9.27 -6.23
N PRO A 70 9.62 -8.11 -5.94
CA PRO A 70 8.17 -7.94 -5.93
C PRO A 70 7.58 -7.75 -7.34
N ALA A 71 6.23 -7.63 -7.45
CA ALA A 71 5.46 -7.47 -8.67
C ALA A 71 5.43 -6.00 -9.16
N PRO A 72 5.33 -5.69 -10.47
CA PRO A 72 5.45 -4.33 -11.01
C PRO A 72 4.12 -3.53 -11.00
N PRO A 73 4.10 -2.25 -11.42
CA PRO A 73 2.88 -1.46 -11.58
C PRO A 73 2.23 -1.68 -12.96
N LEU A 74 0.89 -1.84 -12.98
CA LEU A 74 0.08 -2.01 -14.19
C LEU A 74 -1.10 -1.06 -14.11
N THR A 75 -1.26 -0.22 -15.16
CA THR A 75 -2.34 0.76 -15.32
C THR A 75 -3.29 0.26 -16.40
N LEU A 76 -4.26 1.13 -16.81
CA LEU A 76 -5.30 0.96 -17.81
C LEU A 76 -4.64 1.02 -19.18
N SER A 77 -4.43 -0.17 -19.78
CA SER A 77 -3.70 -0.37 -21.02
C SER A 77 -4.62 -0.86 -22.14
N LYS A 78 -4.08 -1.62 -23.13
CA LYS A 78 -4.74 -2.26 -24.28
C LYS A 78 -5.38 -1.35 -25.32
N LEU A 79 -6.57 -0.81 -24.99
CA LEU A 79 -7.37 0.13 -25.76
C LEU A 79 -7.17 1.56 -25.26
N GLU A 80 -6.56 1.70 -24.05
CA GLU A 80 -6.21 2.94 -23.37
C GLU A 80 -4.73 3.28 -23.56
N HIS A 81 -3.84 2.98 -22.57
CA HIS A 81 -2.40 3.22 -22.63
C HIS A 81 -1.64 2.02 -23.17
N MET A 1 -4.72 -8.22 -4.83
CA MET A 1 -4.13 -7.31 -3.89
C MET A 1 -5.27 -6.58 -3.21
N GLY A 2 -5.97 -7.27 -2.27
CA GLY A 2 -7.15 -6.76 -1.54
C GLY A 2 -6.89 -5.72 -0.48
N ILE A 3 -5.61 -5.62 -0.01
CA ILE A 3 -5.14 -4.61 0.92
C ILE A 3 -4.02 -3.89 0.20
N ASP A 4 -3.89 -2.54 0.39
CA ASP A 4 -2.90 -1.78 -0.36
C ASP A 4 -1.47 -1.81 0.20
N TYR A 5 -0.83 -2.97 0.22
CA TYR A 5 0.62 -3.15 0.30
C TYR A 5 1.46 -2.96 -0.96
N SER A 6 1.27 -3.91 -1.93
CA SER A 6 2.19 -4.22 -3.04
C SER A 6 2.59 -3.12 -4.00
N GLY A 7 1.66 -2.28 -4.56
CA GLY A 7 1.86 -1.03 -5.25
C GLY A 7 2.59 0.03 -4.46
N LEU A 8 2.41 0.08 -3.13
CA LEU A 8 3.08 1.01 -2.24
C LEU A 8 4.54 0.57 -2.00
N ARG A 9 4.79 -0.76 -1.79
CA ARG A 9 6.15 -1.34 -1.77
C ARG A 9 6.89 -1.38 -3.11
N THR A 10 6.19 -1.71 -4.22
CA THR A 10 6.73 -1.80 -5.58
C THR A 10 6.85 -0.48 -6.33
N ILE A 11 6.02 0.57 -6.00
CA ILE A 11 6.14 1.94 -6.51
C ILE A 11 6.97 2.81 -5.52
N PHE A 12 6.88 2.70 -4.14
CA PHE A 12 7.55 3.69 -3.27
C PHE A 12 8.77 3.15 -2.53
N GLY A 13 8.81 1.82 -2.27
CA GLY A 13 9.95 1.12 -1.67
C GLY A 13 9.80 0.73 -0.21
N GLU A 14 10.42 1.51 0.72
CA GLU A 14 10.57 1.23 2.16
C GLU A 14 9.36 1.41 3.10
N LYS A 15 8.52 2.43 2.87
CA LYS A 15 7.34 2.73 3.66
C LYS A 15 6.32 3.22 2.67
N LEU A 16 5.02 3.23 3.04
CA LEU A 16 3.90 3.67 2.21
C LEU A 16 3.59 5.15 2.49
N PRO A 17 3.00 5.93 1.60
CA PRO A 17 2.90 7.38 1.71
C PRO A 17 1.60 7.88 2.31
N GLU A 18 1.52 9.22 2.37
CA GLU A 18 0.42 10.05 2.81
C GLU A 18 -0.81 10.09 1.88
N SER A 19 -1.96 10.58 2.41
CA SER A 19 -3.27 10.59 1.74
C SER A 19 -3.45 11.40 0.46
N HIS A 20 -2.70 12.53 0.25
CA HIS A 20 -2.66 13.38 -0.96
C HIS A 20 -2.37 12.60 -2.24
N ILE A 21 -1.33 11.71 -2.21
CA ILE A 21 -1.10 10.66 -3.22
C ILE A 21 -2.01 9.46 -3.05
N PHE A 22 -2.12 8.90 -1.79
CA PHE A 22 -2.80 7.62 -1.56
C PHE A 22 -4.32 7.63 -1.90
N PHE A 23 -5.12 8.66 -1.48
CA PHE A 23 -6.52 8.85 -1.87
C PHE A 23 -6.68 9.42 -3.32
N ALA A 24 -5.64 10.02 -4.00
CA ALA A 24 -5.78 10.54 -5.37
C ALA A 24 -5.01 9.90 -6.56
N THR A 25 -3.89 9.16 -6.36
CA THR A 25 -3.04 8.60 -7.45
C THR A 25 -3.14 7.09 -7.44
N VAL A 26 -3.47 6.42 -8.61
CA VAL A 26 -3.71 4.96 -8.75
C VAL A 26 -2.59 4.01 -8.40
N ALA A 27 -1.36 4.52 -8.16
CA ALA A 27 -0.16 3.85 -7.64
C ALA A 27 -0.47 3.04 -6.37
N ALA A 28 -1.30 3.66 -5.49
CA ALA A 28 -1.89 3.07 -4.32
C ALA A 28 -3.41 2.83 -4.38
N HIS A 29 -4.16 3.64 -5.18
CA HIS A 29 -5.63 3.65 -5.39
C HIS A 29 -6.21 2.49 -6.17
N LYS A 30 -5.36 1.74 -6.94
CA LYS A 30 -5.68 0.56 -7.75
C LYS A 30 -6.10 -0.66 -6.93
N TYR A 31 -5.89 -0.58 -5.59
CA TYR A 31 -6.22 -1.62 -4.63
C TYR A 31 -7.38 -1.26 -3.72
N VAL A 32 -7.11 -0.26 -2.84
CA VAL A 32 -7.96 0.27 -1.79
C VAL A 32 -7.54 1.69 -1.81
N PRO A 33 -8.34 2.65 -1.38
CA PRO A 33 -7.92 4.02 -1.47
C PRO A 33 -7.11 4.67 -0.31
N SER A 34 -7.30 4.41 1.01
CA SER A 34 -6.57 5.04 2.14
C SER A 34 -7.08 4.51 3.49
N TYR A 35 -6.55 5.06 4.65
CA TYR A 35 -6.79 4.79 6.09
C TYR A 35 -8.25 4.61 6.58
N ALA A 36 -9.20 5.12 5.75
CA ALA A 36 -10.65 5.02 5.84
C ALA A 36 -11.18 3.68 5.43
N PHE A 37 -10.64 3.10 4.32
CA PHE A 37 -10.88 1.74 3.86
C PHE A 37 -10.09 0.81 4.78
N LEU A 38 -8.77 1.12 4.98
CA LEU A 38 -7.92 0.28 5.85
C LEU A 38 -8.31 0.17 7.33
N ARG A 39 -8.95 1.19 7.99
CA ARG A 39 -9.46 0.98 9.37
C ARG A 39 -10.65 0.04 9.46
N ARG A 40 -11.62 0.18 8.51
CA ARG A 40 -12.77 -0.70 8.36
C ARG A 40 -12.44 -2.11 7.87
N GLU A 41 -11.42 -2.24 6.98
CA GLU A 41 -10.90 -3.50 6.47
C GLU A 41 -9.93 -4.23 7.42
N LEU A 42 -9.09 -3.56 8.28
CA LEU A 42 -8.26 -4.32 9.23
C LEU A 42 -9.00 -4.70 10.52
N GLY A 43 -10.22 -4.16 10.75
CA GLY A 43 -11.05 -4.36 11.96
C GLY A 43 -10.58 -3.66 13.23
N LEU A 44 -9.33 -3.12 13.23
CA LEU A 44 -8.68 -2.47 14.38
C LEU A 44 -8.58 -0.95 14.31
N SER A 45 -8.70 -0.28 15.50
CA SER A 45 -8.65 1.18 15.78
C SER A 45 -7.27 1.84 15.58
N SER A 46 -6.69 1.58 14.38
CA SER A 46 -5.38 1.96 13.84
C SER A 46 -5.23 3.43 13.43
N ALA A 47 -6.32 4.11 12.97
CA ALA A 47 -6.38 5.44 12.36
C ALA A 47 -6.11 6.66 13.26
N HIS A 48 -5.69 6.39 14.53
CA HIS A 48 -5.31 7.34 15.57
C HIS A 48 -4.05 8.18 15.25
N THR A 49 -2.95 7.48 14.83
CA THR A 49 -1.68 8.09 14.42
C THR A 49 -1.17 7.35 13.17
N ASN A 50 -0.50 8.09 12.22
CA ASN A 50 0.11 7.54 10.98
C ASN A 50 1.22 6.55 11.27
N ARG A 51 1.93 6.74 12.43
CA ARG A 51 2.97 5.89 12.97
C ARG A 51 2.45 4.57 13.53
N LYS A 52 1.27 4.55 14.24
CA LYS A 52 0.59 3.36 14.74
C LYS A 52 -0.07 2.54 13.66
N VAL A 53 -0.85 3.19 12.72
CA VAL A 53 -1.47 2.49 11.58
C VAL A 53 -0.45 1.98 10.63
N TRP A 54 0.56 2.84 10.25
CA TRP A 54 1.69 2.44 9.42
C TRP A 54 2.53 1.38 10.08
N LYS A 55 2.75 1.36 11.41
CA LYS A 55 3.34 0.19 12.09
C LYS A 55 2.54 -1.10 11.99
N LYS A 56 1.16 -1.10 12.17
CA LYS A 56 0.34 -2.31 11.93
C LYS A 56 0.33 -2.75 10.44
N PHE A 57 0.26 -1.72 9.56
CA PHE A 57 0.37 -1.81 8.09
C PHE A 57 1.72 -2.38 7.58
N VAL A 58 2.84 -1.77 8.06
CA VAL A 58 4.23 -2.20 7.91
C VAL A 58 4.56 -3.53 8.56
N GLU A 59 3.88 -3.88 9.70
CA GLU A 59 3.80 -5.22 10.29
C GLU A 59 3.11 -6.25 9.35
N ALA A 60 2.04 -5.86 8.56
CA ALA A 60 1.48 -6.66 7.45
C ALA A 60 2.42 -6.93 6.31
N TYR A 61 3.08 -5.83 5.85
CA TYR A 61 3.78 -5.58 4.59
C TYR A 61 4.83 -6.65 4.15
N GLY A 62 5.21 -7.59 5.04
CA GLY A 62 5.89 -8.84 4.69
C GLY A 62 5.02 -9.95 4.10
N LYS A 63 3.65 -9.89 4.21
CA LYS A 63 2.68 -10.91 3.79
C LYS A 63 2.37 -11.14 2.31
N ALA A 64 2.39 -10.13 1.41
CA ALA A 64 2.11 -10.28 -0.03
C ALA A 64 3.37 -10.08 -0.86
N ILE A 65 4.55 -10.38 -0.30
CA ILE A 65 5.84 -10.22 -0.98
C ILE A 65 6.76 -11.45 -0.87
N PRO A 66 6.69 -12.46 -1.78
CA PRO A 66 7.53 -13.67 -1.76
C PRO A 66 9.05 -13.52 -2.04
N PRO A 67 9.63 -12.75 -3.00
CA PRO A 67 11.07 -12.77 -3.28
C PRO A 67 11.80 -11.64 -2.52
N ALA A 68 12.58 -10.79 -3.24
CA ALA A 68 13.34 -9.68 -2.72
C ALA A 68 12.57 -8.37 -2.98
N PRO A 69 12.27 -7.48 -2.00
CA PRO A 69 11.46 -6.27 -2.16
C PRO A 69 11.84 -5.17 -3.17
N PRO A 70 13.07 -4.64 -3.42
CA PRO A 70 13.31 -3.52 -4.35
C PRO A 70 13.30 -3.96 -5.83
N ALA A 71 12.13 -3.84 -6.51
CA ALA A 71 11.92 -4.18 -7.91
C ALA A 71 10.90 -3.22 -8.51
N PRO A 72 11.02 -2.74 -9.77
CA PRO A 72 10.10 -1.76 -10.37
C PRO A 72 8.84 -2.42 -10.99
N PRO A 73 7.75 -1.68 -11.28
CA PRO A 73 6.55 -2.18 -11.95
C PRO A 73 6.76 -2.32 -13.47
N LEU A 74 6.32 -3.47 -14.06
CA LEU A 74 6.48 -3.83 -15.45
C LEU A 74 5.11 -4.27 -15.99
N THR A 75 4.74 -3.84 -17.23
CA THR A 75 3.50 -4.15 -17.97
C THR A 75 2.37 -3.18 -17.64
N LEU A 76 2.67 -1.87 -17.49
CA LEU A 76 1.70 -0.84 -17.10
C LEU A 76 1.36 0.04 -18.29
N SER A 77 2.39 0.76 -18.78
CA SER A 77 2.32 1.75 -19.85
C SER A 77 2.91 1.20 -21.14
N LYS A 78 2.85 -0.16 -21.31
CA LYS A 78 3.37 -0.99 -22.41
C LYS A 78 4.79 -1.44 -22.08
N LEU A 79 4.92 -2.49 -21.20
CA LEU A 79 6.16 -3.05 -20.60
C LEU A 79 6.70 -2.18 -19.45
N GLU A 80 6.68 -0.85 -19.71
CA GLU A 80 6.94 0.38 -18.99
C GLU A 80 5.87 0.74 -17.95
N HIS A 81 6.05 1.88 -17.22
CA HIS A 81 5.05 2.51 -16.37
C HIS A 81 5.12 4.03 -16.54
N MET A 1 -7.47 -5.00 -4.57
CA MET A 1 -6.38 -5.94 -4.77
C MET A 1 -6.14 -6.64 -3.43
N GLY A 2 -7.16 -6.55 -2.53
CA GLY A 2 -7.16 -7.04 -1.15
C GLY A 2 -6.82 -5.93 -0.19
N ILE A 3 -5.54 -5.82 0.23
CA ILE A 3 -5.06 -4.77 1.13
C ILE A 3 -3.90 -4.06 0.43
N ASP A 4 -3.91 -2.69 0.43
CA ASP A 4 -2.90 -1.90 -0.23
C ASP A 4 -1.73 -1.52 0.61
N TYR A 5 -0.89 -2.51 0.94
CA TYR A 5 0.55 -2.41 1.14
C TYR A 5 1.31 -2.27 -0.19
N SER A 6 0.90 -3.21 -1.07
CA SER A 6 1.52 -3.69 -2.30
C SER A 6 1.75 -2.72 -3.46
N GLY A 7 0.78 -1.84 -3.95
CA GLY A 7 1.10 -0.68 -4.81
C GLY A 7 2.12 0.32 -4.26
N LEU A 8 2.24 0.38 -2.91
CA LEU A 8 3.20 1.16 -2.18
C LEU A 8 4.57 0.58 -2.17
N ARG A 9 4.74 -0.72 -1.78
CA ARG A 9 6.03 -1.43 -1.88
C ARG A 9 6.53 -1.67 -3.29
N THR A 10 5.58 -1.87 -4.22
CA THR A 10 5.83 -2.03 -5.65
C THR A 10 6.01 -0.76 -6.47
N ILE A 11 5.45 0.41 -6.05
CA ILE A 11 5.72 1.71 -6.70
C ILE A 11 6.75 2.53 -5.89
N PHE A 12 6.80 2.49 -4.52
CA PHE A 12 7.66 3.41 -3.73
C PHE A 12 8.76 2.68 -2.96
N GLY A 13 8.60 1.35 -2.71
CA GLY A 13 9.57 0.47 -2.05
C GLY A 13 9.73 0.58 -0.56
N GLU A 14 10.25 1.75 -0.10
CA GLU A 14 10.67 2.10 1.25
C GLU A 14 9.63 2.06 2.38
N LYS A 15 8.41 2.58 2.14
CA LYS A 15 7.34 2.54 3.11
C LYS A 15 6.07 2.73 2.31
N LEU A 16 5.02 3.04 3.08
CA LEU A 16 3.68 3.38 2.69
C LEU A 16 3.56 4.90 2.76
N PRO A 17 3.26 5.63 1.69
CA PRO A 17 3.09 7.08 1.67
C PRO A 17 1.81 7.61 2.28
N GLU A 18 1.71 8.96 2.20
CA GLU A 18 0.69 9.85 2.68
C GLU A 18 -0.56 9.97 1.82
N SER A 19 -1.72 10.33 2.45
CA SER A 19 -3.06 10.47 1.88
C SER A 19 -3.28 11.34 0.65
N HIS A 20 -2.37 12.35 0.39
CA HIS A 20 -2.36 13.22 -0.79
C HIS A 20 -2.01 12.43 -2.05
N ILE A 21 -0.95 11.58 -2.00
CA ILE A 21 -0.67 10.58 -3.05
C ILE A 21 -1.56 9.36 -2.95
N PHE A 22 -1.81 8.84 -1.69
CA PHE A 22 -2.46 7.56 -1.45
C PHE A 22 -3.96 7.64 -1.83
N PHE A 23 -4.77 8.64 -1.36
CA PHE A 23 -6.16 8.86 -1.81
C PHE A 23 -6.27 9.53 -3.22
N ALA A 24 -5.20 10.10 -3.88
CA ALA A 24 -5.30 10.71 -5.22
C ALA A 24 -4.56 10.07 -6.43
N THR A 25 -3.50 9.24 -6.22
CA THR A 25 -2.65 8.68 -7.30
C THR A 25 -3.03 7.23 -7.52
N VAL A 26 -3.13 6.74 -8.80
CA VAL A 26 -3.53 5.36 -9.21
C VAL A 26 -2.66 4.23 -8.67
N ALA A 27 -1.35 4.55 -8.40
CA ALA A 27 -0.27 3.73 -7.87
C ALA A 27 -0.65 2.97 -6.61
N ALA A 28 -1.49 3.62 -5.80
CA ALA A 28 -2.14 3.11 -4.63
C ALA A 28 -3.65 2.91 -4.81
N HIS A 29 -4.35 3.78 -5.61
CA HIS A 29 -5.81 3.80 -5.81
C HIS A 29 -6.49 2.62 -6.51
N LYS A 30 -5.76 1.90 -7.39
CA LYS A 30 -6.13 0.68 -8.12
C LYS A 30 -6.29 -0.56 -7.23
N TYR A 31 -5.90 -0.38 -5.95
CA TYR A 31 -5.54 -1.36 -4.97
C TYR A 31 -6.49 -1.41 -3.78
N VAL A 32 -6.48 -0.34 -2.94
CA VAL A 32 -7.39 0.00 -1.85
C VAL A 32 -7.11 1.45 -1.79
N PRO A 33 -7.98 2.36 -1.43
CA PRO A 33 -7.62 3.76 -1.55
C PRO A 33 -6.82 4.46 -0.42
N SER A 34 -7.04 4.25 0.90
CA SER A 34 -6.33 4.93 2.01
C SER A 34 -6.82 4.48 3.39
N TYR A 35 -6.31 5.10 4.50
CA TYR A 35 -6.53 4.88 5.97
C TYR A 35 -7.99 4.64 6.48
N ALA A 36 -8.98 5.10 5.69
CA ALA A 36 -10.41 4.94 5.80
C ALA A 36 -10.90 3.54 5.45
N PHE A 37 -10.30 2.98 4.35
CA PHE A 37 -10.43 1.62 3.87
C PHE A 37 -9.60 0.75 4.81
N LEU A 38 -8.38 1.24 5.21
CA LEU A 38 -7.52 0.51 6.16
C LEU A 38 -8.10 0.23 7.53
N ARG A 39 -8.82 1.21 8.19
CA ARG A 39 -9.48 0.90 9.48
C ARG A 39 -10.58 -0.17 9.43
N ARG A 40 -11.44 -0.11 8.37
CA ARG A 40 -12.48 -1.08 8.06
C ARG A 40 -11.96 -2.46 7.60
N GLU A 41 -10.85 -2.49 6.79
CA GLU A 41 -10.16 -3.69 6.35
C GLU A 41 -9.33 -4.37 7.46
N LEU A 42 -8.70 -3.60 8.40
CA LEU A 42 -7.91 -4.26 9.45
C LEU A 42 -8.71 -4.68 10.67
N GLY A 43 -9.99 -4.25 10.79
CA GLY A 43 -10.87 -4.56 11.93
C GLY A 43 -10.56 -3.89 13.26
N LEU A 44 -9.37 -3.25 13.42
CA LEU A 44 -8.87 -2.64 14.64
C LEU A 44 -8.65 -1.15 14.52
N SER A 45 -8.92 -0.44 15.67
CA SER A 45 -8.80 1.01 15.96
C SER A 45 -7.41 1.62 15.91
N SER A 46 -6.64 1.23 14.87
CA SER A 46 -5.29 1.62 14.47
C SER A 46 -5.23 3.03 13.86
N ALA A 47 -6.28 3.48 13.11
CA ALA A 47 -6.34 4.68 12.27
C ALA A 47 -6.34 6.05 12.92
N HIS A 48 -6.20 6.11 14.27
CA HIS A 48 -6.07 7.28 15.12
C HIS A 48 -4.75 8.06 14.91
N THR A 49 -3.68 7.37 14.42
CA THR A 49 -2.37 7.96 14.21
C THR A 49 -1.74 7.28 13.02
N ASN A 50 -1.22 8.07 12.01
CA ASN A 50 -0.55 7.64 10.76
C ASN A 50 0.52 6.60 10.96
N ARG A 51 1.44 6.88 11.89
CA ARG A 51 2.57 6.13 12.37
C ARG A 51 2.23 4.85 13.18
N LYS A 52 1.13 4.82 13.98
CA LYS A 52 0.59 3.63 14.68
C LYS A 52 -0.09 2.64 13.74
N VAL A 53 -0.98 3.18 12.82
CA VAL A 53 -1.67 2.42 11.76
C VAL A 53 -0.69 1.89 10.76
N TRP A 54 0.34 2.75 10.44
CA TRP A 54 1.53 2.43 9.65
C TRP A 54 2.38 1.39 10.30
N LYS A 55 2.73 1.43 11.59
CA LYS A 55 3.36 0.32 12.33
C LYS A 55 2.63 -1.02 12.27
N LYS A 56 1.26 -1.06 12.47
CA LYS A 56 0.46 -2.29 12.23
C LYS A 56 0.45 -2.74 10.75
N PHE A 57 0.32 -1.75 9.86
CA PHE A 57 0.45 -1.91 8.38
C PHE A 57 1.84 -2.40 7.87
N VAL A 58 2.95 -1.80 8.37
CA VAL A 58 4.35 -2.17 8.22
C VAL A 58 4.73 -3.50 8.87
N GLU A 59 4.06 -3.85 10.01
CA GLU A 59 4.01 -5.19 10.60
C GLU A 59 3.32 -6.23 9.66
N ALA A 60 2.23 -5.84 8.89
CA ALA A 60 1.62 -6.63 7.80
C ALA A 60 2.49 -6.90 6.62
N TYR A 61 3.19 -5.83 6.15
CA TYR A 61 3.85 -5.54 4.88
C TYR A 61 4.82 -6.63 4.34
N GLY A 62 5.18 -7.62 5.18
CA GLY A 62 5.77 -8.90 4.77
C GLY A 62 4.78 -9.99 4.27
N LYS A 63 3.45 -9.71 4.11
CA LYS A 63 2.39 -10.62 3.68
C LYS A 63 2.10 -10.75 2.17
N ALA A 64 1.97 -9.67 1.37
CA ALA A 64 1.68 -9.68 -0.08
C ALA A 64 2.91 -9.41 -0.95
N ILE A 65 4.10 -9.79 -0.46
CA ILE A 65 5.40 -9.62 -1.10
C ILE A 65 5.88 -10.98 -1.65
N PRO A 66 6.41 -11.13 -2.89
CA PRO A 66 6.93 -12.40 -3.39
C PRO A 66 8.41 -12.60 -2.96
N PRO A 67 8.98 -13.83 -2.95
CA PRO A 67 10.40 -14.11 -2.60
C PRO A 67 11.32 -13.76 -3.79
N ALA A 68 11.46 -12.45 -4.07
CA ALA A 68 12.17 -11.86 -5.18
C ALA A 68 12.60 -10.45 -4.74
N PRO A 69 13.55 -9.75 -5.42
CA PRO A 69 13.98 -8.38 -5.06
C PRO A 69 12.98 -7.31 -5.56
N PRO A 70 13.15 -5.98 -5.28
CA PRO A 70 12.23 -4.91 -5.69
C PRO A 70 12.12 -4.70 -7.21
N ALA A 71 10.90 -4.80 -7.76
CA ALA A 71 10.59 -4.69 -9.18
C ALA A 71 9.43 -3.69 -9.39
N PRO A 72 9.29 -3.04 -10.58
CA PRO A 72 8.21 -2.11 -10.91
C PRO A 72 6.93 -2.84 -11.37
N PRO A 73 5.75 -2.20 -11.49
CA PRO A 73 4.51 -2.83 -11.93
C PRO A 73 4.41 -2.96 -13.46
N LEU A 74 3.76 -4.06 -13.93
CA LEU A 74 3.49 -4.37 -15.32
C LEU A 74 1.99 -4.16 -15.50
N THR A 75 1.54 -3.44 -16.57
CA THR A 75 0.14 -3.14 -16.85
C THR A 75 -0.46 -4.10 -17.87
N LEU A 76 -0.31 -3.77 -19.17
CA LEU A 76 -0.75 -4.53 -20.32
C LEU A 76 0.32 -4.08 -21.31
N SER A 77 0.91 -4.95 -22.16
CA SER A 77 2.03 -4.53 -23.02
C SER A 77 1.72 -4.45 -24.50
N LYS A 78 0.42 -4.55 -24.88
CA LYS A 78 -0.06 -4.53 -26.26
C LYS A 78 -0.34 -3.11 -26.75
N LEU A 79 0.71 -2.42 -27.27
CA LEU A 79 0.77 -1.03 -27.79
C LEU A 79 1.36 -0.07 -26.75
N GLU A 80 1.05 -0.34 -25.45
CA GLU A 80 1.48 0.35 -24.22
C GLU A 80 2.95 0.17 -23.87
N HIS A 81 3.42 -1.11 -23.95
CA HIS A 81 4.75 -1.61 -23.66
C HIS A 81 5.05 -1.78 -22.17
N MET A 1 -4.71 -7.95 -4.87
CA MET A 1 -4.14 -7.13 -3.83
C MET A 1 -5.29 -6.43 -3.13
N GLY A 2 -5.93 -7.14 -2.15
CA GLY A 2 -7.13 -6.74 -1.39
C GLY A 2 -6.93 -5.66 -0.35
N ILE A 3 -5.76 -5.64 0.33
CA ILE A 3 -5.35 -4.56 1.22
C ILE A 3 -4.13 -3.96 0.55
N ASP A 4 -4.10 -2.63 0.34
CA ASP A 4 -3.03 -1.96 -0.39
C ASP A 4 -1.76 -1.69 0.34
N TYR A 5 -0.93 -2.71 0.57
CA TYR A 5 0.52 -2.63 0.66
C TYR A 5 1.25 -2.48 -0.69
N SER A 6 0.96 -3.45 -1.64
CA SER A 6 1.74 -3.75 -2.85
C SER A 6 2.06 -2.71 -3.92
N GLY A 7 1.13 -1.83 -4.44
CA GLY A 7 1.43 -0.65 -5.25
C GLY A 7 2.33 0.33 -4.54
N LEU A 8 2.27 0.37 -3.18
CA LEU A 8 3.12 1.19 -2.35
C LEU A 8 4.51 0.61 -2.20
N ARG A 9 4.65 -0.73 -1.95
CA ARG A 9 5.94 -1.43 -1.93
C ARG A 9 6.65 -1.55 -3.28
N THR A 10 5.89 -1.74 -4.37
CA THR A 10 6.39 -1.80 -5.74
C THR A 10 6.62 -0.43 -6.38
N ILE A 11 5.81 0.62 -6.06
CA ILE A 11 6.02 2.00 -6.54
C ILE A 11 6.94 2.83 -5.58
N PHE A 12 6.88 2.75 -4.21
CA PHE A 12 7.64 3.68 -3.34
C PHE A 12 8.80 3.00 -2.61
N GLY A 13 8.74 1.65 -2.49
CA GLY A 13 9.82 0.81 -1.96
C GLY A 13 9.85 0.64 -0.46
N GLU A 14 10.48 1.61 0.25
CA GLU A 14 10.77 1.65 1.69
C GLU A 14 9.59 1.69 2.65
N LYS A 15 8.57 2.56 2.39
CA LYS A 15 7.40 2.67 3.21
C LYS A 15 6.14 2.82 2.36
N LEU A 16 5.08 3.20 3.08
CA LEU A 16 3.73 3.47 2.70
C LEU A 16 3.52 4.99 2.72
N PRO A 17 3.01 5.64 1.68
CA PRO A 17 2.78 7.08 1.65
C PRO A 17 1.59 7.60 2.44
N GLU A 18 1.51 8.94 2.30
CA GLU A 18 0.61 9.94 2.76
C GLU A 18 -0.65 10.01 1.89
N SER A 19 -1.81 10.36 2.49
CA SER A 19 -3.14 10.43 1.87
C SER A 19 -3.37 11.24 0.61
N HIS A 20 -2.55 12.31 0.33
CA HIS A 20 -2.56 13.19 -0.85
C HIS A 20 -2.27 12.42 -2.15
N ILE A 21 -1.20 11.57 -2.15
CA ILE A 21 -0.93 10.57 -3.18
C ILE A 21 -1.77 9.35 -3.02
N PHE A 22 -1.97 8.88 -1.73
CA PHE A 22 -2.57 7.58 -1.44
C PHE A 22 -4.07 7.55 -1.83
N PHE A 23 -4.97 8.50 -1.42
CA PHE A 23 -6.37 8.54 -1.87
C PHE A 23 -6.53 9.07 -3.34
N ALA A 24 -5.50 9.75 -3.97
CA ALA A 24 -5.66 10.31 -5.32
C ALA A 24 -4.86 9.73 -6.51
N THR A 25 -3.73 9.01 -6.29
CA THR A 25 -2.86 8.49 -7.37
C THR A 25 -3.11 6.99 -7.59
N VAL A 26 -3.26 6.50 -8.85
CA VAL A 26 -3.50 5.11 -9.33
C VAL A 26 -2.48 4.09 -8.86
N ALA A 27 -1.22 4.56 -8.55
CA ALA A 27 -0.08 3.88 -7.94
C ALA A 27 -0.49 3.14 -6.67
N ALA A 28 -1.41 3.77 -5.92
CA ALA A 28 -2.10 3.19 -4.81
C ALA A 28 -3.60 2.93 -5.03
N HIS A 29 -4.34 3.85 -5.73
CA HIS A 29 -5.81 3.81 -5.95
C HIS A 29 -6.38 2.61 -6.70
N LYS A 30 -5.53 1.86 -7.46
CA LYS A 30 -5.82 0.63 -8.18
C LYS A 30 -6.25 -0.56 -7.30
N TYR A 31 -5.92 -0.49 -5.98
CA TYR A 31 -6.11 -1.50 -4.94
C TYR A 31 -7.13 -1.09 -3.88
N VAL A 32 -6.66 -0.28 -2.90
CA VAL A 32 -7.38 0.28 -1.76
C VAL A 32 -6.98 1.71 -1.81
N PRO A 33 -7.81 2.72 -1.66
CA PRO A 33 -7.32 4.06 -1.67
C PRO A 33 -6.64 4.56 -0.40
N SER A 34 -7.04 4.24 0.85
CA SER A 34 -6.41 4.80 2.06
C SER A 34 -7.00 4.29 3.37
N TYR A 35 -6.51 4.85 4.53
CA TYR A 35 -6.78 4.59 5.97
C TYR A 35 -8.25 4.43 6.41
N ALA A 36 -9.18 4.95 5.57
CA ALA A 36 -10.61 4.88 5.60
C ALA A 36 -11.18 3.53 5.26
N PHE A 37 -10.66 2.94 4.14
CA PHE A 37 -10.90 1.60 3.67
C PHE A 37 -10.10 0.66 4.57
N LEU A 38 -8.79 0.95 4.80
CA LEU A 38 -7.97 0.09 5.70
C LEU A 38 -8.42 -0.02 7.18
N ARG A 39 -9.09 1.01 7.82
CA ARG A 39 -9.60 0.83 9.18
C ARG A 39 -10.80 -0.09 9.30
N ARG A 40 -11.81 0.05 8.39
CA ARG A 40 -12.96 -0.83 8.23
C ARG A 40 -12.62 -2.23 7.69
N GLU A 41 -11.60 -2.34 6.79
CA GLU A 41 -11.06 -3.60 6.26
C GLU A 41 -10.22 -4.39 7.24
N LEU A 42 -9.33 -3.76 8.10
CA LEU A 42 -8.60 -4.62 9.05
C LEU A 42 -9.31 -4.81 10.38
N GLY A 43 -10.41 -4.05 10.69
CA GLY A 43 -11.16 -4.12 11.96
C GLY A 43 -10.38 -3.54 13.13
N LEU A 44 -9.46 -2.62 12.77
CA LEU A 44 -8.38 -2.13 13.62
C LEU A 44 -8.61 -0.76 14.25
N SER A 45 -8.04 -0.55 15.46
CA SER A 45 -8.14 0.67 16.28
C SER A 45 -6.90 1.56 16.20
N SER A 46 -5.88 1.12 15.41
CA SER A 46 -4.56 1.75 15.25
C SER A 46 -4.52 3.02 14.44
N ALA A 47 -5.58 3.30 13.65
CA ALA A 47 -5.75 4.37 12.68
C ALA A 47 -5.87 5.82 13.15
N HIS A 48 -5.75 6.10 14.47
CA HIS A 48 -5.77 7.41 15.11
C HIS A 48 -4.44 8.17 15.00
N THR A 49 -3.33 7.43 14.80
CA THR A 49 -1.99 8.00 14.69
C THR A 49 -1.38 7.33 13.49
N ASN A 50 -0.86 8.13 12.49
CA ASN A 50 -0.29 7.63 11.23
C ASN A 50 0.87 6.66 11.40
N ARG A 51 1.71 6.91 12.44
CA ARG A 51 2.85 6.11 12.86
C ARG A 51 2.45 4.80 13.53
N LYS A 52 1.31 4.74 14.29
CA LYS A 52 0.71 3.55 14.91
C LYS A 52 0.03 2.61 13.91
N VAL A 53 -0.80 3.21 12.98
CA VAL A 53 -1.45 2.46 11.88
C VAL A 53 -0.44 1.99 10.90
N TRP A 54 0.53 2.87 10.50
CA TRP A 54 1.66 2.53 9.65
C TRP A 54 2.57 1.52 10.27
N LYS A 55 2.81 1.48 11.60
CA LYS A 55 3.46 0.35 12.27
C LYS A 55 2.68 -0.98 12.20
N LYS A 56 1.33 -1.04 12.43
CA LYS A 56 0.59 -2.30 12.20
C LYS A 56 0.50 -2.70 10.70
N PHE A 57 0.39 -1.65 9.84
CA PHE A 57 0.43 -1.76 8.36
C PHE A 57 1.79 -2.23 7.80
N VAL A 58 2.90 -1.59 8.25
CA VAL A 58 4.30 -1.97 8.08
C VAL A 58 4.69 -3.33 8.68
N GLU A 59 4.03 -3.74 9.81
CA GLU A 59 3.99 -5.12 10.34
C GLU A 59 3.29 -6.12 9.34
N ALA A 60 2.16 -5.73 8.66
CA ALA A 60 1.49 -6.48 7.55
C ALA A 60 2.33 -6.70 6.31
N TYR A 61 3.09 -5.63 5.96
CA TYR A 61 3.85 -5.33 4.77
C TYR A 61 4.84 -6.44 4.30
N GLY A 62 5.11 -7.43 5.17
CA GLY A 62 5.78 -8.70 4.87
C GLY A 62 4.85 -9.88 4.52
N LYS A 63 3.50 -9.71 4.39
CA LYS A 63 2.51 -10.77 4.11
C LYS A 63 2.16 -10.98 2.64
N ALA A 64 1.75 -9.94 1.86
CA ALA A 64 1.43 -10.03 0.41
C ALA A 64 2.65 -10.03 -0.51
N ILE A 65 3.87 -9.96 0.07
CA ILE A 65 5.16 -10.01 -0.63
C ILE A 65 5.89 -11.35 -0.42
N PRO A 66 5.66 -12.43 -1.22
CA PRO A 66 6.42 -13.68 -1.15
C PRO A 66 7.76 -13.54 -1.92
N PRO A 67 8.70 -14.51 -2.06
CA PRO A 67 9.95 -14.35 -2.83
C PRO A 67 9.71 -14.39 -4.36
N ALA A 68 9.08 -13.32 -4.90
CA ALA A 68 8.69 -13.10 -6.28
C ALA A 68 8.43 -11.61 -6.39
N PRO A 69 8.15 -10.96 -7.56
CA PRO A 69 7.83 -9.52 -7.67
C PRO A 69 6.30 -9.26 -7.54
N PRO A 70 5.68 -8.80 -6.41
CA PRO A 70 4.22 -8.61 -6.27
C PRO A 70 3.66 -7.35 -6.98
N ALA A 71 3.68 -7.43 -8.35
CA ALA A 71 3.21 -6.49 -9.37
C ALA A 71 4.25 -5.41 -9.68
N PRO A 72 5.08 -5.41 -10.74
CA PRO A 72 6.06 -4.35 -11.01
C PRO A 72 5.40 -3.13 -11.71
N PRO A 73 5.90 -1.88 -11.60
CA PRO A 73 5.39 -0.72 -12.34
C PRO A 73 5.83 -0.75 -13.83
N LEU A 74 4.91 -0.51 -14.79
CA LEU A 74 5.21 -0.54 -16.22
C LEU A 74 4.87 0.79 -16.88
N THR A 75 5.87 1.40 -17.57
CA THR A 75 5.77 2.59 -18.42
C THR A 75 5.83 2.05 -19.85
N LEU A 76 4.87 2.40 -20.75
CA LEU A 76 4.79 1.84 -22.09
C LEU A 76 5.77 2.45 -23.10
N SER A 77 7.10 2.16 -22.91
CA SER A 77 8.28 2.46 -23.74
C SER A 77 8.47 3.89 -24.30
N LYS A 78 8.99 3.94 -25.54
CA LYS A 78 9.23 5.11 -26.39
C LYS A 78 8.23 5.13 -27.55
N LEU A 79 8.08 3.99 -28.26
CA LEU A 79 7.19 3.78 -29.41
C LEU A 79 6.14 2.72 -29.07
N GLU A 80 5.79 2.71 -27.76
CA GLU A 80 4.87 1.90 -26.98
C GLU A 80 5.12 0.39 -26.87
N HIS A 81 5.61 0.01 -25.65
CA HIS A 81 6.04 -1.27 -25.09
C HIS A 81 7.06 -2.08 -25.90
N MET A 1 -5.07 -7.33 -5.02
CA MET A 1 -4.00 -7.31 -4.05
C MET A 1 -4.61 -7.16 -2.66
N GLY A 2 -5.97 -7.11 -2.60
CA GLY A 2 -6.85 -7.07 -1.42
C GLY A 2 -6.75 -5.85 -0.50
N ILE A 3 -5.54 -5.61 0.04
CA ILE A 3 -5.21 -4.48 0.90
C ILE A 3 -4.04 -3.78 0.23
N ASP A 4 -3.99 -2.43 0.27
CA ASP A 4 -2.96 -1.70 -0.46
C ASP A 4 -1.60 -1.56 0.16
N TYR A 5 -0.87 -2.70 0.26
CA TYR A 5 0.56 -2.89 0.34
C TYR A 5 1.40 -2.75 -0.93
N SER A 6 1.20 -3.73 -1.90
CA SER A 6 2.12 -4.07 -3.01
C SER A 6 2.54 -2.97 -3.99
N GLY A 7 1.64 -2.11 -4.56
CA GLY A 7 1.97 -0.89 -5.29
C GLY A 7 2.63 0.17 -4.44
N LEU A 8 2.47 0.20 -3.11
CA LEU A 8 3.12 1.17 -2.21
C LEU A 8 4.57 0.80 -1.98
N ARG A 9 4.83 -0.52 -1.74
CA ARG A 9 6.19 -1.07 -1.70
C ARG A 9 6.91 -1.13 -3.03
N THR A 10 6.22 -1.54 -4.11
CA THR A 10 6.79 -1.62 -5.46
C THR A 10 6.82 -0.33 -6.27
N ILE A 11 5.97 0.69 -5.95
CA ILE A 11 5.99 2.01 -6.58
C ILE A 11 6.67 3.07 -5.66
N PHE A 12 6.62 3.04 -4.27
CA PHE A 12 7.17 4.17 -3.47
C PHE A 12 8.33 3.74 -2.55
N GLY A 13 8.31 2.46 -2.09
CA GLY A 13 9.47 1.82 -1.43
C GLY A 13 9.34 1.42 0.02
N GLU A 14 10.12 2.08 0.93
CA GLU A 14 10.39 1.76 2.33
C GLU A 14 9.26 1.69 3.35
N LYS A 15 8.29 2.63 3.32
CA LYS A 15 7.16 2.66 4.22
C LYS A 15 6.04 3.14 3.33
N LEU A 16 4.78 3.23 3.83
CA LEU A 16 3.62 3.67 3.07
C LEU A 16 3.64 5.19 2.91
N PRO A 17 3.31 5.78 1.76
CA PRO A 17 3.38 7.21 1.54
C PRO A 17 2.12 7.95 1.99
N GLU A 18 2.16 9.29 1.96
CA GLU A 18 1.13 10.25 2.34
C GLU A 18 -0.20 10.19 1.57
N SER A 19 -1.34 10.62 2.21
CA SER A 19 -2.71 10.57 1.65
C SER A 19 -3.05 11.28 0.33
N HIS A 20 -2.23 12.33 -0.03
CA HIS A 20 -2.29 13.11 -1.28
C HIS A 20 -2.00 12.24 -2.49
N ILE A 21 -0.93 11.39 -2.43
CA ILE A 21 -0.74 10.29 -3.39
C ILE A 21 -1.60 9.08 -3.11
N PHE A 22 -1.74 8.62 -1.81
CA PHE A 22 -2.46 7.40 -1.46
C PHE A 22 -3.98 7.41 -1.81
N PHE A 23 -4.84 8.41 -1.41
CA PHE A 23 -6.25 8.50 -1.81
C PHE A 23 -6.42 8.98 -3.29
N ALA A 24 -5.41 9.63 -3.96
CA ALA A 24 -5.60 10.14 -5.33
C ALA A 24 -4.84 9.50 -6.51
N THR A 25 -3.72 8.76 -6.30
CA THR A 25 -2.88 8.18 -7.38
C THR A 25 -3.18 6.69 -7.57
N VAL A 26 -3.46 6.21 -8.83
CA VAL A 26 -3.77 4.83 -9.29
C VAL A 26 -2.80 3.76 -8.81
N ALA A 27 -1.48 4.12 -8.73
CA ALA A 27 -0.37 3.38 -8.16
C ALA A 27 -0.64 2.82 -6.75
N ALA A 28 -1.45 3.54 -5.95
CA ALA A 28 -2.00 3.01 -4.72
C ALA A 28 -3.53 2.79 -4.83
N HIS A 29 -4.33 3.69 -5.49
CA HIS A 29 -5.82 3.63 -5.60
C HIS A 29 -6.43 2.40 -6.30
N LYS A 30 -5.63 1.64 -7.09
CA LYS A 30 -5.99 0.39 -7.76
C LYS A 30 -6.25 -0.80 -6.82
N TYR A 31 -5.83 -0.67 -5.53
CA TYR A 31 -5.78 -1.68 -4.48
C TYR A 31 -6.72 -1.44 -3.31
N VAL A 32 -6.57 -0.30 -2.59
CA VAL A 32 -7.34 0.20 -1.44
C VAL A 32 -7.03 1.65 -1.49
N PRO A 33 -7.91 2.63 -1.30
CA PRO A 33 -7.47 4.01 -1.38
C PRO A 33 -6.79 4.64 -0.16
N SER A 34 -7.15 4.40 1.12
CA SER A 34 -6.52 5.03 2.31
C SER A 34 -7.13 4.60 3.65
N TYR A 35 -6.69 5.20 4.82
CA TYR A 35 -7.00 4.95 6.27
C TYR A 35 -8.47 4.70 6.66
N ALA A 36 -9.40 5.22 5.82
CA ALA A 36 -10.84 5.06 5.83
C ALA A 36 -11.30 3.66 5.51
N PHE A 37 -10.71 3.11 4.40
CA PHE A 37 -10.84 1.74 3.94
C PHE A 37 -9.99 0.86 4.87
N LEU A 38 -8.78 1.35 5.34
CA LEU A 38 -7.95 0.58 6.32
C LEU A 38 -8.64 0.27 7.66
N ARG A 39 -9.48 1.23 8.19
CA ARG A 39 -10.35 0.96 9.35
C ARG A 39 -11.49 -0.05 9.07
N ARG A 40 -12.16 0.01 7.88
CA ARG A 40 -13.19 -0.93 7.42
C ARG A 40 -12.65 -2.34 7.12
N GLU A 41 -11.42 -2.39 6.54
CA GLU A 41 -10.65 -3.58 6.21
C GLU A 41 -10.06 -4.30 7.41
N LEU A 42 -9.36 -3.62 8.38
CA LEU A 42 -8.78 -4.42 9.47
C LEU A 42 -9.44 -4.23 10.83
N GLY A 43 -10.36 -3.22 11.03
CA GLY A 43 -11.09 -3.01 12.30
C GLY A 43 -10.24 -2.44 13.41
N LEU A 44 -9.24 -1.63 13.01
CA LEU A 44 -8.12 -1.19 13.82
C LEU A 44 -8.27 0.01 14.72
N SER A 45 -7.80 -0.16 15.99
CA SER A 45 -7.61 0.83 17.05
C SER A 45 -6.25 1.52 16.91
N SER A 46 -5.46 1.08 15.89
CA SER A 46 -4.20 1.60 15.36
C SER A 46 -4.41 2.89 14.58
N ALA A 47 -5.66 3.05 14.06
CA ALA A 47 -6.14 4.05 13.14
C ALA A 47 -6.27 5.49 13.63
N HIS A 48 -5.85 5.75 14.89
CA HIS A 48 -5.73 7.04 15.55
C HIS A 48 -4.44 7.78 15.19
N THR A 49 -3.42 7.09 14.60
CA THR A 49 -2.14 7.72 14.32
C THR A 49 -1.55 7.11 13.06
N ASN A 50 -0.91 7.95 12.17
CA ASN A 50 -0.26 7.54 10.91
C ASN A 50 0.82 6.49 11.08
N ARG A 51 1.72 6.70 12.07
CA ARG A 51 2.84 5.84 12.44
C ARG A 51 2.42 4.52 13.06
N LYS A 52 1.30 4.47 13.85
CA LYS A 52 0.66 3.28 14.43
C LYS A 52 -0.11 2.40 13.43
N VAL A 53 -0.96 3.06 12.57
CA VAL A 53 -1.76 2.42 11.51
C VAL A 53 -0.89 1.93 10.39
N TRP A 54 0.15 2.75 10.02
CA TRP A 54 1.23 2.39 9.11
C TRP A 54 2.11 1.29 9.64
N LYS A 55 2.37 1.18 10.96
CA LYS A 55 3.05 0.09 11.66
C LYS A 55 2.27 -1.22 11.67
N LYS A 56 0.92 -1.26 11.92
CA LYS A 56 0.10 -2.51 11.76
C LYS A 56 0.06 -2.94 10.28
N PHE A 57 -0.03 -1.89 9.41
CA PHE A 57 0.10 -2.04 7.96
C PHE A 57 1.50 -2.51 7.48
N VAL A 58 2.59 -1.95 8.07
CA VAL A 58 4.01 -2.30 7.93
C VAL A 58 4.41 -3.64 8.49
N GLU A 59 3.72 -4.08 9.57
CA GLU A 59 3.64 -5.45 10.09
C GLU A 59 3.00 -6.40 9.05
N ALA A 60 1.91 -5.95 8.31
CA ALA A 60 1.38 -6.66 7.11
C ALA A 60 2.31 -6.77 5.93
N TYR A 61 3.01 -5.66 5.59
CA TYR A 61 3.81 -5.32 4.40
C TYR A 61 4.89 -6.40 4.00
N GLY A 62 5.16 -7.35 4.92
CA GLY A 62 5.84 -8.63 4.70
C GLY A 62 4.98 -9.84 4.28
N LYS A 63 3.63 -9.73 4.01
CA LYS A 63 2.71 -10.81 3.61
C LYS A 63 2.50 -10.98 2.10
N ALA A 64 2.15 -9.94 1.28
CA ALA A 64 1.97 -10.02 -0.18
C ALA A 64 3.24 -9.67 -0.95
N ILE A 65 4.40 -9.95 -0.31
CA ILE A 65 5.76 -9.67 -0.76
C ILE A 65 6.32 -10.77 -1.72
N PRO A 66 6.96 -10.45 -2.87
CA PRO A 66 7.62 -11.45 -3.72
C PRO A 66 9.08 -11.71 -3.24
N PRO A 67 9.76 -12.83 -3.55
CA PRO A 67 11.15 -13.11 -3.11
C PRO A 67 12.19 -12.42 -4.00
N ALA A 68 12.23 -11.06 -4.00
CA ALA A 68 13.09 -10.22 -4.81
C ALA A 68 13.03 -8.81 -4.20
N PRO A 69 13.90 -7.81 -4.51
CA PRO A 69 13.86 -6.47 -3.90
C PRO A 69 12.75 -5.55 -4.48
N PRO A 70 12.35 -4.42 -3.87
CA PRO A 70 11.25 -3.55 -4.34
C PRO A 70 11.65 -2.66 -5.53
N ALA A 71 11.78 -3.30 -6.72
CA ALA A 71 12.11 -2.75 -8.03
C ALA A 71 10.83 -2.28 -8.76
N PRO A 72 10.87 -1.54 -9.90
CA PRO A 72 9.67 -0.99 -10.55
C PRO A 72 8.73 -2.04 -11.21
N PRO A 73 7.40 -1.83 -11.32
CA PRO A 73 6.46 -2.80 -11.88
C PRO A 73 6.54 -2.90 -13.42
N LEU A 74 6.32 -4.12 -13.96
CA LEU A 74 6.36 -4.45 -15.38
C LEU A 74 4.97 -4.86 -15.82
N THR A 75 4.63 -4.52 -17.10
CA THR A 75 3.34 -4.70 -17.80
C THR A 75 2.37 -3.58 -17.45
N LEU A 76 2.88 -2.32 -17.36
CA LEU A 76 2.14 -1.13 -16.95
C LEU A 76 1.59 -0.23 -18.06
N SER A 77 2.15 -0.22 -19.29
CA SER A 77 1.68 0.63 -20.40
C SER A 77 1.30 -0.16 -21.64
N LYS A 78 2.32 -0.76 -22.33
CA LYS A 78 2.31 -1.53 -23.59
C LYS A 78 1.11 -2.46 -23.88
N LEU A 79 1.00 -3.58 -23.12
CA LEU A 79 -0.10 -4.54 -23.17
C LEU A 79 -0.94 -4.35 -21.91
N GLU A 80 -1.33 -3.08 -21.63
CA GLU A 80 -2.06 -2.65 -20.45
C GLU A 80 -2.68 -1.30 -20.77
N HIS A 81 -2.57 -0.32 -19.83
CA HIS A 81 -3.09 1.03 -19.97
C HIS A 81 -2.38 1.93 -18.97
N MET A 1 -4.38 -7.82 -4.53
CA MET A 1 -4.49 -6.41 -4.32
C MET A 1 -5.63 -6.13 -3.36
N GLY A 2 -5.79 -6.99 -2.30
CA GLY A 2 -6.86 -6.93 -1.29
C GLY A 2 -6.74 -5.80 -0.28
N ILE A 3 -5.57 -5.71 0.40
CA ILE A 3 -5.20 -4.58 1.26
C ILE A 3 -4.11 -3.91 0.45
N ASP A 4 -4.07 -2.55 0.41
CA ASP A 4 -3.03 -1.85 -0.31
C ASP A 4 -1.76 -1.72 0.49
N TYR A 5 -1.00 -2.82 0.60
CA TYR A 5 0.45 -2.86 0.71
C TYR A 5 1.17 -2.64 -0.63
N SER A 6 0.87 -3.56 -1.62
CA SER A 6 1.59 -3.76 -2.88
C SER A 6 1.73 -2.70 -3.96
N GLY A 7 0.78 -1.79 -4.33
CA GLY A 7 1.09 -0.58 -5.12
C GLY A 7 2.04 0.37 -4.41
N LEU A 8 2.05 0.35 -3.05
CA LEU A 8 2.97 1.12 -2.24
C LEU A 8 4.37 0.48 -2.20
N ARG A 9 4.46 -0.86 -1.93
CA ARG A 9 5.74 -1.60 -1.99
C ARG A 9 6.33 -1.79 -3.38
N THR A 10 5.48 -1.95 -4.42
CA THR A 10 5.91 -2.04 -5.82
C THR A 10 6.17 -0.68 -6.49
N ILE A 11 5.46 0.44 -6.15
CA ILE A 11 5.77 1.79 -6.65
C ILE A 11 6.84 2.50 -5.79
N PHE A 12 6.87 2.42 -4.41
CA PHE A 12 7.77 3.28 -3.63
C PHE A 12 8.92 2.52 -2.98
N GLY A 13 8.81 1.17 -2.89
CA GLY A 13 9.83 0.28 -2.33
C GLY A 13 9.87 0.21 -0.81
N GLU A 14 10.46 1.26 -0.17
CA GLU A 14 10.76 1.45 1.24
C GLU A 14 9.60 1.45 2.25
N LYS A 15 8.55 2.26 1.99
CA LYS A 15 7.40 2.33 2.89
C LYS A 15 6.11 2.62 2.13
N LEU A 16 5.18 3.25 2.88
CA LEU A 16 3.82 3.61 2.54
C LEU A 16 3.69 5.14 2.51
N PRO A 17 3.08 5.75 1.49
CA PRO A 17 2.81 7.18 1.41
C PRO A 17 1.57 7.64 2.20
N GLU A 18 1.36 8.96 2.15
CA GLU A 18 0.35 9.76 2.81
C GLU A 18 -0.85 9.99 1.92
N SER A 19 -2.02 10.37 2.50
CA SER A 19 -3.31 10.48 1.85
C SER A 19 -3.57 11.23 0.55
N HIS A 20 -2.77 12.24 0.11
CA HIS A 20 -2.99 12.93 -1.19
C HIS A 20 -2.63 12.04 -2.35
N ILE A 21 -1.43 11.42 -2.25
CA ILE A 21 -0.91 10.42 -3.16
C ILE A 21 -1.52 9.08 -2.90
N PHE A 22 -1.84 8.71 -1.62
CA PHE A 22 -2.54 7.47 -1.30
C PHE A 22 -4.05 7.49 -1.74
N PHE A 23 -4.96 8.45 -1.37
CA PHE A 23 -6.36 8.47 -1.88
C PHE A 23 -6.49 8.94 -3.35
N ALA A 24 -5.60 9.81 -3.96
CA ALA A 24 -5.88 10.35 -5.30
C ALA A 24 -5.01 9.93 -6.49
N THR A 25 -3.75 9.43 -6.29
CA THR A 25 -2.81 9.10 -7.39
C THR A 25 -2.89 7.61 -7.70
N VAL A 26 -2.74 7.16 -8.99
CA VAL A 26 -2.90 5.74 -9.43
C VAL A 26 -1.84 4.76 -8.93
N ALA A 27 -0.82 5.27 -8.20
CA ALA A 27 0.24 4.58 -7.47
C ALA A 27 -0.35 3.49 -6.54
N ALA A 28 -1.42 3.94 -5.86
CA ALA A 28 -2.27 3.26 -4.93
C ALA A 28 -3.71 2.94 -5.37
N HIS A 29 -4.37 3.89 -6.10
CA HIS A 29 -5.81 3.92 -6.47
C HIS A 29 -6.46 2.70 -7.14
N LYS A 30 -5.62 1.86 -7.78
CA LYS A 30 -5.94 0.57 -8.40
C LYS A 30 -6.14 -0.57 -7.36
N TYR A 31 -5.69 -0.33 -6.09
CA TYR A 31 -5.76 -1.26 -4.95
C TYR A 31 -6.87 -0.76 -4.01
N VAL A 32 -6.48 -0.23 -2.83
CA VAL A 32 -7.33 0.40 -1.83
C VAL A 32 -6.81 1.78 -1.86
N PRO A 33 -7.61 2.80 -1.68
CA PRO A 33 -7.07 4.13 -1.66
C PRO A 33 -6.44 4.56 -0.33
N SER A 34 -6.91 4.23 0.87
CA SER A 34 -6.31 4.78 2.11
C SER A 34 -6.97 4.26 3.36
N TYR A 35 -6.53 4.81 4.55
CA TYR A 35 -6.90 4.53 5.95
C TYR A 35 -8.40 4.37 6.27
N ALA A 36 -9.27 4.90 5.39
CA ALA A 36 -10.71 4.77 5.38
C ALA A 36 -11.19 3.39 4.98
N PHE A 37 -10.58 2.81 3.92
CA PHE A 37 -10.75 1.43 3.49
C PHE A 37 -9.99 0.55 4.48
N LEU A 38 -8.69 0.89 4.74
CA LEU A 38 -7.82 0.06 5.58
C LEU A 38 -8.20 -0.07 7.08
N ARG A 39 -8.88 0.95 7.71
CA ARG A 39 -9.40 0.81 9.07
C ARG A 39 -10.63 -0.08 9.20
N ARG A 40 -11.66 0.11 8.32
CA ARG A 40 -12.85 -0.73 8.24
C ARG A 40 -12.58 -2.14 7.70
N GLU A 41 -11.61 -2.29 6.75
CA GLU A 41 -11.17 -3.56 6.20
C GLU A 41 -10.24 -4.34 7.14
N LEU A 42 -9.32 -3.72 7.96
CA LEU A 42 -8.60 -4.58 8.91
C LEU A 42 -9.36 -4.78 10.23
N GLY A 43 -10.47 -4.00 10.47
CA GLY A 43 -11.37 -4.08 11.63
C GLY A 43 -10.71 -3.57 12.90
N LEU A 44 -9.80 -2.59 12.70
CA LEU A 44 -8.76 -2.23 13.64
C LEU A 44 -8.81 -0.83 14.24
N SER A 45 -8.30 -0.70 15.52
CA SER A 45 -8.24 0.52 16.35
C SER A 45 -6.86 1.19 16.26
N SER A 46 -6.19 1.05 15.08
CA SER A 46 -4.93 1.62 14.60
C SER A 46 -5.05 3.13 14.25
N ALA A 47 -6.30 3.63 14.25
CA ALA A 47 -6.88 4.88 13.80
C ALA A 47 -6.52 6.14 14.56
N HIS A 48 -5.60 6.00 15.53
CA HIS A 48 -5.05 6.97 16.45
C HIS A 48 -4.03 7.93 15.84
N THR A 49 -2.91 7.39 15.27
CA THR A 49 -1.78 8.12 14.70
C THR A 49 -1.28 7.40 13.44
N ASN A 50 -0.65 8.16 12.46
CA ASN A 50 -0.02 7.65 11.22
C ASN A 50 1.15 6.70 11.48
N ARG A 51 1.81 6.89 12.66
CA ARG A 51 2.90 6.11 13.21
C ARG A 51 2.44 4.74 13.70
N LYS A 52 1.29 4.66 14.44
CA LYS A 52 0.65 3.45 14.97
C LYS A 52 -0.01 2.60 13.91
N VAL A 53 -0.82 3.26 12.98
CA VAL A 53 -1.43 2.57 11.83
C VAL A 53 -0.38 2.10 10.89
N TRP A 54 0.60 2.97 10.48
CA TRP A 54 1.77 2.62 9.67
C TRP A 54 2.68 1.58 10.28
N LYS A 55 2.80 1.51 11.63
CA LYS A 55 3.43 0.41 12.33
C LYS A 55 2.71 -0.93 12.18
N LYS A 56 1.36 -1.01 12.41
CA LYS A 56 0.61 -2.27 12.19
C LYS A 56 0.51 -2.67 10.69
N PHE A 57 0.37 -1.61 9.85
CA PHE A 57 0.36 -1.69 8.38
C PHE A 57 1.70 -2.12 7.79
N VAL A 58 2.80 -1.45 8.23
CA VAL A 58 4.19 -1.72 7.93
C VAL A 58 4.71 -3.05 8.48
N GLU A 59 4.12 -3.50 9.64
CA GLU A 59 4.16 -4.91 10.12
C GLU A 59 3.45 -5.92 9.15
N ALA A 60 2.23 -5.61 8.56
CA ALA A 60 1.59 -6.40 7.45
C ALA A 60 2.42 -6.52 6.17
N TYR A 61 3.14 -5.42 5.86
CA TYR A 61 3.96 -5.14 4.69
C TYR A 61 5.03 -6.23 4.34
N GLY A 62 5.29 -7.17 5.29
CA GLY A 62 6.05 -8.40 5.15
C GLY A 62 5.23 -9.68 4.99
N LYS A 63 3.87 -9.66 4.85
CA LYS A 63 2.99 -10.84 4.76
C LYS A 63 2.60 -11.30 3.35
N ALA A 64 2.26 -10.36 2.42
CA ALA A 64 1.80 -10.61 1.03
C ALA A 64 2.89 -10.51 -0.01
N ILE A 65 4.10 -10.11 0.46
CA ILE A 65 5.33 -9.92 -0.33
C ILE A 65 5.93 -11.18 -1.01
N PRO A 66 5.98 -11.33 -2.36
CA PRO A 66 6.71 -12.41 -3.03
C PRO A 66 8.22 -12.09 -3.10
N PRO A 67 9.19 -13.02 -3.24
CA PRO A 67 10.64 -12.74 -3.23
C PRO A 67 11.18 -12.14 -4.56
N ALA A 68 10.42 -11.24 -5.23
CA ALA A 68 10.80 -10.58 -6.47
C ALA A 68 9.82 -9.45 -6.85
N PRO A 69 9.66 -8.33 -6.11
CA PRO A 69 8.80 -7.19 -6.48
C PRO A 69 9.47 -6.30 -7.56
N PRO A 70 8.99 -6.15 -8.82
CA PRO A 70 9.62 -5.34 -9.85
C PRO A 70 9.14 -3.87 -9.82
N ALA A 71 9.72 -3.03 -10.73
CA ALA A 71 9.42 -1.62 -10.94
C ALA A 71 8.04 -1.28 -11.54
N PRO A 72 7.50 -1.87 -12.64
CA PRO A 72 6.12 -1.63 -13.08
C PRO A 72 5.11 -2.54 -12.33
N PRO A 73 3.89 -2.10 -11.93
CA PRO A 73 2.86 -2.96 -11.31
C PRO A 73 2.15 -3.87 -12.34
N LEU A 74 1.61 -5.04 -11.89
CA LEU A 74 0.93 -6.02 -12.73
C LEU A 74 -0.56 -6.13 -12.40
N THR A 75 -1.41 -5.53 -13.28
CA THR A 75 -2.88 -5.56 -13.20
C THR A 75 -3.35 -6.65 -14.16
N LEU A 76 -3.16 -6.37 -15.47
CA LEU A 76 -3.38 -7.25 -16.59
C LEU A 76 -2.23 -6.91 -17.52
N SER A 77 -0.98 -6.98 -16.97
CA SER A 77 0.27 -6.64 -17.64
C SER A 77 1.13 -7.89 -17.86
N LYS A 78 2.47 -7.71 -17.78
CA LYS A 78 3.59 -8.65 -17.94
C LYS A 78 3.78 -9.17 -19.37
N LEU A 79 2.81 -9.97 -19.85
CA LEU A 79 2.74 -10.52 -21.22
C LEU A 79 1.99 -9.56 -22.14
N GLU A 80 1.14 -8.70 -21.51
CA GLU A 80 0.36 -7.60 -22.07
C GLU A 80 1.06 -6.32 -21.59
N HIS A 81 2.40 -6.23 -21.78
CA HIS A 81 3.33 -5.23 -21.24
C HIS A 81 3.07 -3.75 -21.54
N MET A 1 -3.23 -7.41 -2.68
CA MET A 1 -3.87 -6.36 -3.43
C MET A 1 -5.27 -6.18 -2.92
N GLY A 2 -5.69 -6.98 -1.90
CA GLY A 2 -6.96 -6.88 -1.14
C GLY A 2 -6.87 -5.82 -0.07
N ILE A 3 -5.67 -5.69 0.55
CA ILE A 3 -5.28 -4.61 1.43
C ILE A 3 -4.16 -3.93 0.68
N ASP A 4 -4.16 -2.57 0.60
CA ASP A 4 -3.18 -1.87 -0.20
C ASP A 4 -1.79 -1.67 0.39
N TYR A 5 -1.01 -2.78 0.55
CA TYR A 5 0.44 -2.86 0.64
C TYR A 5 1.20 -2.72 -0.67
N SER A 6 0.96 -3.69 -1.63
CA SER A 6 1.80 -3.96 -2.82
C SER A 6 2.11 -2.86 -3.82
N GLY A 7 1.19 -1.98 -4.35
CA GLY A 7 1.49 -0.80 -5.16
C GLY A 7 2.35 0.25 -4.48
N LEU A 8 2.26 0.35 -3.14
CA LEU A 8 3.00 1.21 -2.22
C LEU A 8 4.41 0.66 -2.04
N ARG A 9 4.58 -0.69 -1.83
CA ARG A 9 5.90 -1.36 -1.90
C ARG A 9 6.54 -1.47 -3.28
N THR A 10 5.75 -1.77 -4.32
CA THR A 10 6.23 -1.91 -5.70
C THR A 10 6.39 -0.62 -6.48
N ILE A 11 5.71 0.50 -6.12
CA ILE A 11 5.95 1.83 -6.68
C ILE A 11 6.83 2.68 -5.71
N PHE A 12 6.73 2.62 -4.33
CA PHE A 12 7.45 3.58 -3.47
C PHE A 12 8.61 2.95 -2.68
N GLY A 13 8.59 1.61 -2.48
CA GLY A 13 9.68 0.86 -1.86
C GLY A 13 9.60 0.66 -0.36
N GLU A 14 10.23 1.56 0.44
CA GLU A 14 10.45 1.48 1.89
C GLU A 14 9.28 1.64 2.86
N LYS A 15 8.42 2.67 2.69
CA LYS A 15 7.28 2.95 3.55
C LYS A 15 6.18 3.41 2.62
N LEU A 16 4.90 3.28 3.05
CA LEU A 16 3.72 3.71 2.32
C LEU A 16 3.46 5.21 2.52
N PRO A 17 2.87 5.92 1.56
CA PRO A 17 2.54 7.32 1.67
C PRO A 17 1.37 7.73 2.57
N GLU A 18 1.23 9.06 2.52
CA GLU A 18 0.29 9.99 3.06
C GLU A 18 -0.93 10.01 2.16
N SER A 19 -2.09 10.49 2.67
CA SER A 19 -3.35 10.46 1.94
C SER A 19 -3.48 11.25 0.64
N HIS A 20 -2.63 12.31 0.43
CA HIS A 20 -2.60 13.16 -0.77
C HIS A 20 -2.18 12.39 -2.01
N ILE A 21 -1.07 11.59 -1.97
CA ILE A 21 -0.79 10.60 -3.02
C ILE A 21 -1.61 9.32 -2.88
N PHE A 22 -1.94 8.84 -1.63
CA PHE A 22 -2.63 7.55 -1.46
C PHE A 22 -4.11 7.59 -1.92
N PHE A 23 -4.96 8.59 -1.51
CA PHE A 23 -6.34 8.80 -1.97
C PHE A 23 -6.43 9.41 -3.41
N ALA A 24 -5.33 9.98 -4.01
CA ALA A 24 -5.33 10.53 -5.37
C ALA A 24 -4.49 9.83 -6.46
N THR A 25 -3.46 9.00 -6.14
CA THR A 25 -2.57 8.35 -7.14
C THR A 25 -2.92 6.87 -7.28
N VAL A 26 -3.22 6.37 -8.54
CA VAL A 26 -3.61 4.98 -8.90
C VAL A 26 -2.57 3.93 -8.61
N ALA A 27 -1.28 4.37 -8.40
CA ALA A 27 -0.11 3.64 -7.89
C ALA A 27 -0.45 2.89 -6.60
N ALA A 28 -1.27 3.53 -5.75
CA ALA A 28 -1.90 2.92 -4.61
C ALA A 28 -3.42 2.74 -4.82
N HIS A 29 -4.16 3.71 -5.44
CA HIS A 29 -5.63 3.71 -5.65
C HIS A 29 -6.30 2.53 -6.39
N LYS A 30 -5.51 1.73 -7.15
CA LYS A 30 -5.90 0.54 -7.90
C LYS A 30 -6.24 -0.67 -7.01
N TYR A 31 -5.89 -0.56 -5.71
CA TYR A 31 -5.93 -1.59 -4.67
C TYR A 31 -7.01 -1.30 -3.65
N VAL A 32 -6.73 -0.37 -2.71
CA VAL A 32 -7.66 0.15 -1.72
C VAL A 32 -7.30 1.58 -1.73
N PRO A 33 -8.15 2.52 -1.40
CA PRO A 33 -7.81 3.90 -1.56
C PRO A 33 -7.00 4.59 -0.44
N SER A 34 -7.21 4.33 0.89
CA SER A 34 -6.48 4.94 2.03
C SER A 34 -6.98 4.45 3.38
N TYR A 35 -6.42 5.04 4.50
CA TYR A 35 -6.61 4.81 5.96
C TYR A 35 -8.06 4.66 6.47
N ALA A 36 -9.03 5.16 5.68
CA ALA A 36 -10.48 5.07 5.78
C ALA A 36 -11.05 3.72 5.41
N PHE A 37 -10.54 3.14 4.28
CA PHE A 37 -10.82 1.80 3.79
C PHE A 37 -10.03 0.85 4.69
N LEU A 38 -8.71 1.12 4.88
CA LEU A 38 -7.87 0.28 5.74
C LEU A 38 -8.27 0.19 7.22
N ARG A 39 -8.85 1.26 7.87
CA ARG A 39 -9.39 1.09 9.23
C ARG A 39 -10.61 0.16 9.34
N ARG A 40 -11.57 0.24 8.39
CA ARG A 40 -12.73 -0.65 8.24
C ARG A 40 -12.35 -2.08 7.80
N GLU A 41 -11.30 -2.24 6.94
CA GLU A 41 -10.83 -3.54 6.47
C GLU A 41 -9.82 -4.24 7.39
N LEU A 42 -9.04 -3.53 8.27
CA LEU A 42 -8.07 -4.22 9.14
C LEU A 42 -8.65 -4.82 10.42
N GLY A 43 -9.93 -4.53 10.74
CA GLY A 43 -10.65 -4.88 11.96
C GLY A 43 -10.26 -4.12 13.23
N LEU A 44 -9.11 -3.40 13.24
CA LEU A 44 -8.58 -2.66 14.39
C LEU A 44 -8.54 -1.15 14.19
N SER A 45 -8.80 -0.39 15.30
CA SER A 45 -8.88 1.09 15.45
C SER A 45 -7.53 1.81 15.34
N SER A 46 -6.84 1.54 14.20
CA SER A 46 -5.50 1.93 13.77
C SER A 46 -5.30 3.39 13.35
N ALA A 47 -6.27 4.06 12.66
CA ALA A 47 -6.14 5.38 12.02
C ALA A 47 -6.00 6.63 12.91
N HIS A 48 -5.92 6.44 14.25
CA HIS A 48 -5.68 7.45 15.27
C HIS A 48 -4.28 8.08 15.21
N THR A 49 -3.26 7.33 14.74
CA THR A 49 -1.89 7.81 14.69
C THR A 49 -1.24 7.16 13.49
N ASN A 50 -0.59 7.97 12.57
CA ASN A 50 0.05 7.47 11.34
C ASN A 50 1.20 6.52 11.58
N ARG A 51 1.94 6.70 12.69
CA ARG A 51 3.00 5.80 13.14
C ARG A 51 2.50 4.49 13.73
N LYS A 52 1.33 4.46 14.44
CA LYS A 52 0.68 3.24 14.97
C LYS A 52 0.04 2.38 13.88
N VAL A 53 -0.75 3.05 12.95
CA VAL A 53 -1.31 2.38 11.76
C VAL A 53 -0.24 1.97 10.81
N TRP A 54 0.74 2.88 10.48
CA TRP A 54 1.89 2.53 9.64
C TRP A 54 2.76 1.45 10.24
N LYS A 55 2.96 1.34 11.57
CA LYS A 55 3.52 0.13 12.19
C LYS A 55 2.69 -1.15 12.02
N LYS A 56 1.33 -1.15 12.22
CA LYS A 56 0.50 -2.37 11.93
C LYS A 56 0.46 -2.75 10.43
N PHE A 57 0.36 -1.67 9.60
CA PHE A 57 0.48 -1.70 8.13
C PHE A 57 1.84 -2.19 7.61
N VAL A 58 2.96 -1.59 8.11
CA VAL A 58 4.35 -2.00 7.94
C VAL A 58 4.73 -3.38 8.50
N GLU A 59 4.05 -3.83 9.60
CA GLU A 59 4.01 -5.22 10.08
C GLU A 59 3.36 -6.20 9.05
N ALA A 60 2.19 -5.81 8.40
CA ALA A 60 1.61 -6.52 7.23
C ALA A 60 2.45 -6.53 5.97
N TYR A 61 3.21 -5.46 5.71
CA TYR A 61 4.00 -5.18 4.51
C TYR A 61 5.00 -6.34 4.06
N GLY A 62 5.25 -7.33 4.97
CA GLY A 62 5.90 -8.62 4.74
C GLY A 62 4.97 -9.83 4.49
N LYS A 63 3.62 -9.63 4.34
CA LYS A 63 2.55 -10.61 4.15
C LYS A 63 2.20 -10.93 2.68
N ALA A 64 1.92 -9.92 1.82
CA ALA A 64 1.54 -10.08 0.40
C ALA A 64 2.72 -9.81 -0.54
N ILE A 65 3.94 -10.10 -0.01
CA ILE A 65 5.26 -9.93 -0.61
C ILE A 65 5.68 -11.18 -1.42
N PRO A 66 6.25 -11.11 -2.64
CA PRO A 66 6.74 -12.29 -3.36
C PRO A 66 8.20 -12.63 -2.95
N PRO A 67 8.72 -13.88 -3.10
CA PRO A 67 10.10 -14.26 -2.76
C PRO A 67 11.09 -13.80 -3.86
N ALA A 68 11.27 -12.47 -3.99
CA ALA A 68 12.05 -11.78 -5.00
C ALA A 68 12.50 -10.44 -4.41
N PRO A 69 13.52 -9.75 -4.98
CA PRO A 69 13.97 -8.41 -4.55
C PRO A 69 13.03 -7.29 -5.11
N PRO A 70 13.15 -6.00 -4.72
CA PRO A 70 12.29 -4.90 -5.20
C PRO A 70 12.59 -4.47 -6.65
N ALA A 71 11.52 -4.22 -7.44
CA ALA A 71 11.54 -3.80 -8.82
C ALA A 71 10.24 -3.03 -9.07
N PRO A 72 10.07 -2.20 -10.14
CA PRO A 72 8.84 -1.46 -10.43
C PRO A 72 7.80 -2.35 -11.17
N PRO A 73 6.53 -1.95 -11.36
CA PRO A 73 5.51 -2.74 -12.06
C PRO A 73 5.62 -2.64 -13.60
N LEU A 74 5.15 -3.70 -14.30
CA LEU A 74 5.14 -3.84 -15.75
C LEU A 74 3.71 -4.01 -16.26
N THR A 75 3.42 -3.56 -17.51
CA THR A 75 2.12 -3.65 -18.20
C THR A 75 2.11 -4.92 -19.05
N LEU A 76 1.06 -5.80 -18.95
CA LEU A 76 0.86 -7.04 -19.69
C LEU A 76 0.22 -6.76 -21.05
N SER A 77 0.96 -5.98 -21.86
CA SER A 77 0.61 -5.55 -23.18
C SER A 77 1.84 -5.64 -24.05
N LYS A 78 2.46 -6.84 -23.99
CA LYS A 78 3.63 -7.27 -24.73
C LYS A 78 3.33 -8.74 -24.85
N LEU A 79 2.98 -9.23 -26.07
CA LEU A 79 2.54 -10.59 -26.40
C LEU A 79 1.07 -10.86 -26.06
N GLU A 80 0.63 -10.32 -24.88
CA GLU A 80 -0.70 -10.33 -24.26
C GLU A 80 -1.65 -9.25 -24.79
N HIS A 81 -1.16 -8.43 -25.76
CA HIS A 81 -1.85 -7.38 -26.49
C HIS A 81 -2.78 -7.91 -27.58
N MET A 1 -5.58 -7.22 -4.92
CA MET A 1 -4.53 -7.39 -3.94
C MET A 1 -5.13 -7.32 -2.56
N GLY A 2 -6.47 -7.08 -2.47
CA GLY A 2 -7.30 -6.98 -1.26
C GLY A 2 -7.07 -5.77 -0.37
N ILE A 3 -5.80 -5.60 0.07
CA ILE A 3 -5.31 -4.49 0.85
C ILE A 3 -4.23 -3.79 0.01
N ASP A 4 -4.04 -2.46 0.18
CA ASP A 4 -3.03 -1.76 -0.58
C ASP A 4 -1.71 -1.63 0.07
N TYR A 5 -0.99 -2.74 0.24
CA TYR A 5 0.44 -2.81 0.41
C TYR A 5 1.27 -2.63 -0.86
N SER A 6 1.06 -3.62 -1.78
CA SER A 6 1.90 -3.91 -2.94
C SER A 6 2.17 -2.83 -3.97
N GLY A 7 1.22 -1.95 -4.41
CA GLY A 7 1.45 -0.77 -5.26
C GLY A 7 2.33 0.26 -4.59
N LEU A 8 2.28 0.29 -3.25
CA LEU A 8 3.06 1.15 -2.38
C LEU A 8 4.50 0.63 -2.29
N ARG A 9 4.71 -0.67 -1.93
CA ARG A 9 6.06 -1.29 -1.93
C ARG A 9 6.68 -1.49 -3.30
N THR A 10 5.82 -1.74 -4.31
CA THR A 10 6.21 -1.93 -5.71
C THR A 10 6.38 -0.66 -6.54
N ILE A 11 5.71 0.48 -6.21
CA ILE A 11 5.93 1.78 -6.87
C ILE A 11 6.88 2.64 -6.00
N PHE A 12 6.86 2.61 -4.62
CA PHE A 12 7.62 3.59 -3.81
C PHE A 12 8.84 2.98 -3.10
N GLY A 13 8.93 1.63 -3.08
CA GLY A 13 10.09 0.86 -2.62
C GLY A 13 10.28 0.69 -1.12
N GLU A 14 10.46 1.83 -0.40
CA GLU A 14 10.86 1.94 1.00
C GLU A 14 9.79 1.80 2.08
N LYS A 15 8.66 2.53 1.96
CA LYS A 15 7.59 2.50 2.95
C LYS A 15 6.24 2.61 2.24
N LEU A 16 5.27 3.18 2.99
CA LEU A 16 3.89 3.45 2.66
C LEU A 16 3.71 4.96 2.61
N PRO A 17 3.16 5.58 1.57
CA PRO A 17 2.89 7.02 1.49
C PRO A 17 1.75 7.53 2.36
N GLU A 18 1.62 8.88 2.31
CA GLU A 18 0.63 9.69 2.96
C GLU A 18 -0.60 9.89 2.07
N SER A 19 -1.73 10.33 2.69
CA SER A 19 -3.05 10.45 2.06
C SER A 19 -3.24 11.28 0.78
N HIS A 20 -2.42 12.37 0.56
CA HIS A 20 -2.38 13.23 -0.62
C HIS A 20 -2.07 12.48 -1.91
N ILE A 21 -1.03 11.60 -1.91
CA ILE A 21 -0.81 10.59 -2.97
C ILE A 21 -1.70 9.38 -2.85
N PHE A 22 -1.91 8.86 -1.60
CA PHE A 22 -2.56 7.56 -1.38
C PHE A 22 -4.06 7.59 -1.79
N PHE A 23 -4.89 8.56 -1.30
CA PHE A 23 -6.30 8.76 -1.70
C PHE A 23 -6.45 9.42 -3.10
N ALA A 24 -5.37 9.98 -3.75
CA ALA A 24 -5.47 10.57 -5.11
C ALA A 24 -4.73 9.89 -6.28
N THR A 25 -3.65 9.06 -6.08
CA THR A 25 -2.84 8.49 -7.19
C THR A 25 -3.09 6.99 -7.31
N VAL A 26 -3.39 6.44 -8.53
CA VAL A 26 -3.67 5.01 -8.84
C VAL A 26 -2.51 4.06 -8.61
N ALA A 27 -1.29 4.61 -8.36
CA ALA A 27 -0.05 4.01 -7.89
C ALA A 27 -0.31 3.17 -6.64
N ALA A 28 -1.17 3.70 -5.75
CA ALA A 28 -1.77 2.98 -4.66
C ALA A 28 -3.29 2.75 -4.87
N HIS A 29 -4.09 3.72 -5.40
CA HIS A 29 -5.58 3.71 -5.52
C HIS A 29 -6.29 2.52 -6.18
N LYS A 30 -5.53 1.71 -6.95
CA LYS A 30 -5.92 0.48 -7.64
C LYS A 30 -6.26 -0.68 -6.70
N TYR A 31 -5.84 -0.55 -5.42
CA TYR A 31 -5.85 -1.57 -4.39
C TYR A 31 -6.81 -1.36 -3.22
N VAL A 32 -6.64 -0.24 -2.49
CA VAL A 32 -7.40 0.23 -1.33
C VAL A 32 -7.10 1.67 -1.43
N PRO A 33 -7.98 2.61 -1.17
CA PRO A 33 -7.61 4.01 -1.30
C PRO A 33 -6.86 4.67 -0.14
N SER A 34 -7.12 4.38 1.16
CA SER A 34 -6.41 4.94 2.33
C SER A 34 -7.00 4.43 3.64
N TYR A 35 -6.49 4.91 4.83
CA TYR A 35 -6.77 4.57 6.26
C TYR A 35 -8.22 4.36 6.71
N ALA A 36 -9.16 4.93 5.91
CA ALA A 36 -10.61 4.85 5.97
C ALA A 36 -11.16 3.51 5.56
N PHE A 37 -10.69 3.01 4.38
CA PHE A 37 -10.95 1.68 3.87
C PHE A 37 -10.08 0.71 4.67
N LEU A 38 -8.74 1.00 4.88
CA LEU A 38 -7.87 0.11 5.67
C LEU A 38 -8.26 -0.12 7.13
N ARG A 39 -8.93 0.86 7.83
CA ARG A 39 -9.47 0.58 9.18
C ARG A 39 -10.69 -0.36 9.19
N ARG A 40 -11.64 -0.20 8.21
CA ARG A 40 -12.77 -1.11 7.97
C ARG A 40 -12.35 -2.48 7.42
N GLU A 41 -11.27 -2.53 6.60
CA GLU A 41 -10.64 -3.72 6.05
C GLU A 41 -9.87 -4.56 7.08
N LEU A 42 -9.04 -3.93 7.98
CA LEU A 42 -8.34 -4.79 8.96
C LEU A 42 -9.11 -5.03 10.26
N GLY A 43 -10.25 -4.32 10.52
CA GLY A 43 -11.07 -4.48 11.74
C GLY A 43 -10.43 -3.92 13.00
N LEU A 44 -9.36 -3.14 12.78
CA LEU A 44 -8.40 -2.66 13.75
C LEU A 44 -8.52 -1.17 13.83
N SER A 45 -8.60 -0.58 15.06
CA SER A 45 -8.84 0.84 15.33
C SER A 45 -7.59 1.72 15.34
N SER A 46 -6.54 1.31 14.59
CA SER A 46 -5.23 1.95 14.49
C SER A 46 -5.17 3.27 13.73
N ALA A 47 -6.23 3.72 12.97
CA ALA A 47 -6.10 4.87 12.04
C ALA A 47 -5.88 6.26 12.64
N HIS A 48 -6.15 6.48 13.95
CA HIS A 48 -5.93 7.71 14.73
C HIS A 48 -4.52 8.35 14.68
N THR A 49 -3.42 7.56 14.52
CA THR A 49 -2.06 8.09 14.39
C THR A 49 -1.39 7.36 13.24
N ASN A 50 -0.66 8.14 12.36
CA ASN A 50 0.08 7.62 11.20
C ASN A 50 1.22 6.70 11.57
N ARG A 51 1.85 6.92 12.76
CA ARG A 51 2.87 6.05 13.30
C ARG A 51 2.35 4.72 13.86
N LYS A 52 1.16 4.68 14.56
CA LYS A 52 0.53 3.44 15.05
C LYS A 52 -0.10 2.58 13.97
N VAL A 53 -0.89 3.22 13.02
CA VAL A 53 -1.45 2.52 11.84
C VAL A 53 -0.37 2.07 10.91
N TRP A 54 0.61 2.95 10.52
CA TRP A 54 1.80 2.61 9.73
C TRP A 54 2.67 1.53 10.35
N LYS A 55 2.73 1.45 11.70
CA LYS A 55 3.31 0.30 12.41
C LYS A 55 2.52 -0.98 12.19
N LYS A 56 1.18 -1.07 12.45
CA LYS A 56 0.44 -2.32 12.14
C LYS A 56 0.36 -2.69 10.64
N PHE A 57 0.26 -1.62 9.82
CA PHE A 57 0.30 -1.67 8.34
C PHE A 57 1.67 -2.09 7.78
N VAL A 58 2.76 -1.45 8.26
CA VAL A 58 4.15 -1.73 7.97
C VAL A 58 4.67 -3.07 8.49
N GLU A 59 4.10 -3.52 9.66
CA GLU A 59 4.12 -4.91 10.16
C GLU A 59 3.42 -5.91 9.20
N ALA A 60 2.23 -5.53 8.59
CA ALA A 60 1.58 -6.23 7.44
C ALA A 60 2.42 -6.35 6.19
N TYR A 61 3.29 -5.34 5.90
CA TYR A 61 4.07 -5.23 4.66
C TYR A 61 4.91 -6.50 4.24
N GLY A 62 5.10 -7.46 5.18
CA GLY A 62 5.60 -8.84 4.99
C GLY A 62 4.54 -9.94 4.76
N LYS A 63 3.23 -9.61 4.61
CA LYS A 63 2.05 -10.46 4.42
C LYS A 63 1.71 -10.76 2.96
N ALA A 64 1.59 -9.72 2.09
CA ALA A 64 1.22 -9.86 0.66
C ALA A 64 2.42 -9.66 -0.28
N ILE A 65 3.64 -9.87 0.25
CA ILE A 65 4.94 -9.72 -0.40
C ILE A 65 5.30 -10.91 -1.33
N PRO A 66 5.76 -10.70 -2.61
CA PRO A 66 6.16 -11.78 -3.52
C PRO A 66 7.60 -12.29 -3.20
N PRO A 67 8.00 -13.56 -3.46
CA PRO A 67 9.32 -14.11 -3.13
C PRO A 67 10.39 -13.69 -4.16
N ALA A 68 10.69 -12.37 -4.22
CA ALA A 68 11.59 -11.72 -5.14
C ALA A 68 12.07 -10.42 -4.46
N PRO A 69 13.17 -9.76 -4.91
CA PRO A 69 13.64 -8.47 -4.39
C PRO A 69 12.87 -7.29 -5.04
N PRO A 70 13.12 -5.98 -4.75
CA PRO A 70 12.39 -4.82 -5.30
C PRO A 70 12.45 -4.66 -6.84
N ALA A 71 11.26 -4.69 -7.49
CA ALA A 71 11.06 -4.64 -8.93
C ALA A 71 9.91 -3.68 -9.27
N PRO A 72 9.85 -3.09 -10.50
CA PRO A 72 8.82 -2.14 -10.95
C PRO A 72 7.49 -2.82 -11.37
N PRO A 73 6.38 -2.10 -11.59
CA PRO A 73 5.07 -2.69 -11.92
C PRO A 73 4.87 -3.07 -13.40
N LEU A 74 3.96 -4.04 -13.62
CA LEU A 74 3.50 -4.58 -14.89
C LEU A 74 1.99 -4.70 -14.72
N THR A 75 1.19 -4.57 -15.82
CA THR A 75 -0.26 -4.67 -15.81
C THR A 75 -0.67 -5.41 -17.07
N LEU A 76 -1.99 -5.45 -17.37
CA LEU A 76 -2.63 -6.10 -18.50
C LEU A 76 -2.83 -5.18 -19.69
N SER A 77 -3.06 -5.78 -20.89
CA SER A 77 -3.34 -5.13 -22.16
C SER A 77 -4.68 -5.65 -22.66
N LYS A 78 -5.60 -6.01 -21.74
CA LYS A 78 -6.93 -6.54 -22.00
C LYS A 78 -7.96 -5.42 -21.85
N LEU A 79 -8.16 -4.61 -22.93
CA LEU A 79 -8.98 -3.39 -23.07
C LEU A 79 -8.11 -2.14 -22.94
N GLU A 80 -6.95 -2.26 -22.25
CA GLU A 80 -5.98 -1.21 -21.94
C GLU A 80 -4.90 -1.00 -23.02
N HIS A 81 -5.04 -1.59 -24.24
CA HIS A 81 -4.08 -1.45 -25.32
C HIS A 81 -4.54 -0.39 -26.33
N MET A 1 -4.49 -8.59 -4.18
CA MET A 1 -4.12 -7.39 -3.47
C MET A 1 -5.41 -6.68 -3.07
N GLY A 2 -6.17 -7.29 -2.11
CA GLY A 2 -7.40 -6.70 -1.52
C GLY A 2 -7.16 -5.63 -0.48
N ILE A 3 -5.89 -5.55 -0.02
CA ILE A 3 -5.41 -4.53 0.91
C ILE A 3 -4.26 -3.83 0.22
N ASP A 4 -4.20 -2.48 0.25
CA ASP A 4 -3.16 -1.73 -0.44
C ASP A 4 -1.83 -1.63 0.23
N TYR A 5 -1.10 -2.75 0.32
CA TYR A 5 0.35 -2.89 0.42
C TYR A 5 1.19 -2.71 -0.84
N SER A 6 1.00 -3.68 -1.82
CA SER A 6 1.91 -3.98 -2.95
C SER A 6 2.28 -2.85 -3.91
N GLY A 7 1.33 -2.00 -4.43
CA GLY A 7 1.60 -0.75 -5.14
C GLY A 7 2.45 0.28 -4.41
N LEU A 8 2.36 0.38 -3.07
CA LEU A 8 3.11 1.25 -2.20
C LEU A 8 4.51 0.73 -1.95
N ARG A 9 4.67 -0.61 -1.75
CA ARG A 9 5.99 -1.26 -1.73
C ARG A 9 6.73 -1.34 -3.05
N THR A 10 5.99 -1.61 -4.15
CA THR A 10 6.54 -1.68 -5.50
C THR A 10 6.73 -0.34 -6.20
N ILE A 11 5.87 0.69 -5.92
CA ILE A 11 6.02 2.04 -6.46
C ILE A 11 6.72 3.02 -5.46
N PHE A 12 6.60 2.96 -4.08
CA PHE A 12 7.16 4.04 -3.24
C PHE A 12 8.31 3.58 -2.37
N GLY A 13 8.29 2.28 -1.98
CA GLY A 13 9.48 1.57 -1.48
C GLY A 13 9.48 1.08 -0.05
N GLU A 14 10.21 1.77 0.85
CA GLU A 14 10.50 1.35 2.23
C GLU A 14 9.42 1.54 3.30
N LYS A 15 8.48 2.49 3.14
CA LYS A 15 7.43 2.73 4.11
C LYS A 15 6.27 3.16 3.29
N LEU A 16 5.05 3.26 3.87
CA LEU A 16 3.85 3.69 3.16
C LEU A 16 3.78 5.23 3.01
N PRO A 17 3.35 5.76 1.87
CA PRO A 17 3.29 7.18 1.62
C PRO A 17 2.00 7.80 2.14
N GLU A 18 1.86 9.12 1.90
CA GLU A 18 0.78 9.97 2.34
C GLU A 18 -0.47 10.00 1.45
N SER A 19 -1.64 10.35 2.02
CA SER A 19 -2.98 10.46 1.46
C SER A 19 -3.23 11.35 0.26
N HIS A 20 -2.37 12.38 -0.02
CA HIS A 20 -2.38 13.21 -1.23
C HIS A 20 -2.02 12.38 -2.46
N ILE A 21 -0.98 11.51 -2.34
CA ILE A 21 -0.70 10.42 -3.28
C ILE A 21 -1.62 9.21 -3.10
N PHE A 22 -1.77 8.69 -1.83
CA PHE A 22 -2.42 7.42 -1.53
C PHE A 22 -3.94 7.44 -1.86
N PHE A 23 -4.77 8.44 -1.42
CA PHE A 23 -6.18 8.60 -1.83
C PHE A 23 -6.33 9.19 -3.28
N ALA A 24 -5.28 9.76 -3.99
CA ALA A 24 -5.45 10.27 -5.37
C ALA A 24 -4.71 9.58 -6.54
N THR A 25 -3.59 8.83 -6.32
CA THR A 25 -2.73 8.25 -7.36
C THR A 25 -2.97 6.76 -7.50
N VAL A 26 -3.29 6.22 -8.72
CA VAL A 26 -3.62 4.81 -9.05
C VAL A 26 -2.56 3.80 -8.72
N ALA A 27 -1.27 4.24 -8.54
CA ALA A 27 -0.11 3.52 -8.01
C ALA A 27 -0.44 2.81 -6.70
N ALA A 28 -1.27 3.49 -5.86
CA ALA A 28 -1.89 2.92 -4.70
C ALA A 28 -3.40 2.72 -4.90
N HIS A 29 -4.15 3.67 -5.54
CA HIS A 29 -5.63 3.68 -5.70
C HIS A 29 -6.33 2.48 -6.35
N LYS A 30 -5.56 1.63 -7.09
CA LYS A 30 -5.95 0.39 -7.74
C LYS A 30 -6.31 -0.75 -6.78
N TYR A 31 -5.93 -0.55 -5.49
CA TYR A 31 -5.92 -1.54 -4.43
C TYR A 31 -6.86 -1.24 -3.25
N VAL A 32 -6.66 -0.10 -2.55
CA VAL A 32 -7.42 0.42 -1.40
C VAL A 32 -7.05 1.87 -1.46
N PRO A 33 -7.88 2.86 -1.21
CA PRO A 33 -7.39 4.23 -1.26
C PRO A 33 -6.72 4.80 -0.01
N SER A 34 -7.10 4.53 1.25
CA SER A 34 -6.43 4.98 2.49
C SER A 34 -7.16 4.50 3.74
N TYR A 35 -6.71 4.92 4.97
CA TYR A 35 -7.11 4.63 6.39
C TYR A 35 -8.61 4.61 6.71
N ALA A 36 -9.43 5.20 5.82
CA ALA A 36 -10.87 5.20 5.78
C ALA A 36 -11.47 3.83 5.43
N PHE A 37 -10.94 3.21 4.33
CA PHE A 37 -11.17 1.84 3.89
C PHE A 37 -10.35 0.93 4.81
N LEU A 38 -9.05 1.28 4.99
CA LEU A 38 -8.12 0.54 5.88
C LEU A 38 -8.44 0.46 7.38
N ARG A 39 -9.16 1.42 8.07
CA ARG A 39 -9.60 1.16 9.46
C ARG A 39 -10.64 0.03 9.58
N ARG A 40 -11.53 -0.14 8.56
CA ARG A 40 -12.40 -1.30 8.37
C ARG A 40 -11.61 -2.56 7.99
N GLU A 41 -10.69 -2.46 6.99
CA GLU A 41 -9.83 -3.55 6.51
C GLU A 41 -8.75 -4.09 7.47
N LEU A 42 -8.20 -3.30 8.44
CA LEU A 42 -7.16 -3.80 9.35
C LEU A 42 -7.71 -4.57 10.55
N GLY A 43 -9.05 -4.57 10.76
CA GLY A 43 -9.78 -5.16 11.88
C GLY A 43 -9.67 -4.47 13.23
N LEU A 44 -8.70 -3.52 13.40
CA LEU A 44 -8.44 -2.77 14.61
C LEU A 44 -8.53 -1.27 14.39
N SER A 45 -8.78 -0.49 15.49
CA SER A 45 -8.89 0.98 15.60
C SER A 45 -7.56 1.73 15.35
N SER A 46 -7.02 1.53 14.13
CA SER A 46 -5.72 1.93 13.62
C SER A 46 -5.52 3.39 13.31
N ALA A 47 -6.56 4.17 12.91
CA ALA A 47 -6.55 5.56 12.41
C ALA A 47 -6.19 6.68 13.42
N HIS A 48 -5.78 6.29 14.65
CA HIS A 48 -5.34 7.11 15.77
C HIS A 48 -4.07 7.96 15.52
N THR A 49 -3.04 7.34 14.90
CA THR A 49 -1.80 8.02 14.52
C THR A 49 -1.30 7.31 13.26
N ASN A 50 -0.77 8.09 12.24
CA ASN A 50 -0.23 7.62 10.94
C ASN A 50 0.84 6.56 11.08
N ARG A 51 1.81 6.80 12.01
CA ARG A 51 2.86 5.88 12.40
C ARG A 51 2.39 4.60 13.11
N LYS A 52 1.28 4.62 13.91
CA LYS A 52 0.65 3.45 14.54
C LYS A 52 -0.12 2.55 13.57
N VAL A 53 -0.97 3.17 12.67
CA VAL A 53 -1.63 2.43 11.56
C VAL A 53 -0.64 1.96 10.55
N TRP A 54 0.31 2.83 10.13
CA TRP A 54 1.41 2.49 9.23
C TRP A 54 2.32 1.42 9.75
N LYS A 55 2.57 1.33 11.07
CA LYS A 55 3.22 0.20 11.75
C LYS A 55 2.40 -1.08 11.74
N LYS A 56 1.05 -1.07 12.02
CA LYS A 56 0.20 -2.29 11.89
C LYS A 56 0.15 -2.80 10.41
N PHE A 57 0.00 -1.78 9.52
CA PHE A 57 0.08 -1.93 8.06
C PHE A 57 1.48 -2.39 7.55
N VAL A 58 2.58 -1.83 8.08
CA VAL A 58 3.98 -2.21 7.94
C VAL A 58 4.39 -3.56 8.52
N GLU A 59 3.71 -3.98 9.62
CA GLU A 59 3.68 -5.35 10.15
C GLU A 59 2.98 -6.32 9.15
N ALA A 60 1.88 -5.88 8.44
CA ALA A 60 1.27 -6.62 7.30
C ALA A 60 2.15 -6.82 6.08
N TYR A 61 2.86 -5.72 5.69
CA TYR A 61 3.61 -5.39 4.47
C TYR A 61 4.65 -6.46 4.03
N GLY A 62 4.96 -7.40 4.93
CA GLY A 62 5.67 -8.66 4.67
C GLY A 62 4.81 -9.87 4.31
N LYS A 63 3.45 -9.78 4.16
CA LYS A 63 2.54 -10.89 3.85
C LYS A 63 2.15 -11.05 2.37
N ALA A 64 1.65 -10.01 1.66
CA ALA A 64 1.27 -10.07 0.22
C ALA A 64 2.42 -9.74 -0.73
N ILE A 65 3.67 -10.02 -0.34
CA ILE A 65 4.89 -9.71 -1.11
C ILE A 65 5.44 -10.85 -2.02
N PRO A 66 5.16 -10.92 -3.36
CA PRO A 66 5.75 -11.91 -4.26
C PRO A 66 7.08 -11.42 -4.89
N PRO A 67 7.96 -12.25 -5.47
CA PRO A 67 9.24 -11.82 -6.08
C PRO A 67 9.07 -11.34 -7.54
N ALA A 68 8.18 -10.34 -7.79
CA ALA A 68 7.89 -9.76 -9.09
C ALA A 68 6.94 -8.59 -8.80
N PRO A 69 6.75 -7.55 -9.63
CA PRO A 69 5.85 -6.42 -9.35
C PRO A 69 4.36 -6.69 -9.75
N PRO A 70 3.34 -6.82 -8.88
CA PRO A 70 1.94 -7.05 -9.27
C PRO A 70 1.16 -5.73 -9.57
N ALA A 71 1.81 -4.77 -10.27
CA ALA A 71 1.34 -3.46 -10.66
C ALA A 71 2.47 -2.94 -11.55
N PRO A 72 2.39 -1.90 -12.39
CA PRO A 72 3.49 -1.44 -13.25
C PRO A 72 4.31 -0.29 -12.59
N PRO A 73 5.44 -0.49 -11.86
CA PRO A 73 6.22 0.55 -11.18
C PRO A 73 7.06 1.45 -12.10
N LEU A 74 7.45 2.63 -11.56
CA LEU A 74 8.29 3.62 -12.23
C LEU A 74 9.78 3.36 -11.95
N THR A 75 10.62 3.50 -13.01
CA THR A 75 12.05 3.19 -12.98
C THR A 75 12.91 4.34 -13.52
N LEU A 76 12.82 5.54 -12.87
CA LEU A 76 13.56 6.78 -13.14
C LEU A 76 12.65 7.86 -13.70
N SER A 77 11.52 7.52 -14.38
CA SER A 77 10.45 8.48 -14.76
C SER A 77 10.88 9.66 -15.67
N LYS A 78 10.61 10.90 -15.20
CA LYS A 78 11.12 12.16 -15.72
C LYS A 78 11.68 12.95 -14.53
N LEU A 79 12.08 12.21 -13.45
CA LEU A 79 12.61 12.72 -12.19
C LEU A 79 13.07 11.51 -11.40
N GLU A 80 12.11 10.65 -10.95
CA GLU A 80 12.42 9.36 -10.35
C GLU A 80 11.21 8.44 -10.43
N HIS A 81 10.02 8.93 -10.05
CA HIS A 81 8.81 8.12 -10.11
C HIS A 81 7.59 9.01 -10.12
N MET A 1 -4.14 -8.68 -4.24
CA MET A 1 -3.84 -7.50 -3.49
C MET A 1 -5.14 -6.83 -3.06
N GLY A 2 -5.89 -7.44 -2.09
CA GLY A 2 -7.15 -6.91 -1.54
C GLY A 2 -6.99 -5.80 -0.51
N ILE A 3 -5.74 -5.64 0.01
CA ILE A 3 -5.34 -4.58 0.93
C ILE A 3 -4.21 -3.85 0.21
N ASP A 4 -4.04 -2.52 0.42
CA ASP A 4 -3.08 -1.74 -0.34
C ASP A 4 -1.64 -1.79 0.13
N TYR A 5 -0.98 -2.95 0.12
CA TYR A 5 0.46 -3.15 0.18
C TYR A 5 1.35 -2.95 -1.04
N SER A 6 1.20 -3.89 -2.02
CA SER A 6 2.17 -4.23 -3.06
C SER A 6 2.70 -3.16 -4.02
N GLY A 7 1.84 -2.30 -4.64
CA GLY A 7 2.13 -1.05 -5.36
C GLY A 7 2.73 0.00 -4.47
N LEU A 8 2.43 0.00 -3.16
CA LEU A 8 3.04 0.92 -2.22
C LEU A 8 4.49 0.52 -1.90
N ARG A 9 4.76 -0.82 -1.76
CA ARG A 9 6.13 -1.37 -1.70
C ARG A 9 6.91 -1.32 -2.99
N THR A 10 6.27 -1.64 -4.14
CA THR A 10 6.90 -1.64 -5.46
C THR A 10 7.00 -0.27 -6.17
N ILE A 11 6.19 0.74 -5.74
CA ILE A 11 6.25 2.13 -6.19
C ILE A 11 6.96 3.04 -5.15
N PHE A 12 6.83 2.88 -3.78
CA PHE A 12 7.41 3.86 -2.83
C PHE A 12 8.61 3.33 -2.07
N GLY A 13 8.67 1.99 -1.84
CA GLY A 13 9.81 1.29 -1.26
C GLY A 13 9.66 0.91 0.20
N GLU A 14 10.20 1.75 1.12
CA GLU A 14 10.33 1.49 2.56
C GLU A 14 9.10 1.63 3.46
N LYS A 15 8.18 2.59 3.18
CA LYS A 15 7.01 2.84 3.98
C LYS A 15 5.92 3.28 3.01
N LEU A 16 4.65 3.30 3.47
CA LEU A 16 3.49 3.74 2.72
C LEU A 16 3.38 5.27 2.66
N PRO A 17 2.83 5.87 1.60
CA PRO A 17 2.61 7.30 1.48
C PRO A 17 1.44 7.86 2.28
N GLU A 18 1.36 9.19 2.17
CA GLU A 18 0.34 10.07 2.67
C GLU A 18 -0.82 10.15 1.70
N SER A 19 -2.00 10.55 2.21
CA SER A 19 -3.27 10.64 1.53
C SER A 19 -3.41 11.50 0.27
N HIS A 20 -2.54 12.54 0.05
CA HIS A 20 -2.46 13.38 -1.17
C HIS A 20 -2.15 12.56 -2.43
N ILE A 21 -1.12 11.66 -2.38
CA ILE A 21 -0.93 10.60 -3.39
C ILE A 21 -1.85 9.43 -3.20
N PHE A 22 -2.09 8.97 -1.92
CA PHE A 22 -2.76 7.70 -1.70
C PHE A 22 -4.28 7.74 -2.04
N PHE A 23 -5.06 8.78 -1.60
CA PHE A 23 -6.47 8.96 -1.98
C PHE A 23 -6.62 9.50 -3.43
N ALA A 24 -5.54 9.98 -4.15
CA ALA A 24 -5.65 10.43 -5.54
C ALA A 24 -4.92 9.62 -6.63
N THR A 25 -3.87 8.80 -6.33
CA THR A 25 -3.03 8.10 -7.33
C THR A 25 -3.22 6.57 -7.29
N VAL A 26 -3.47 5.93 -8.48
CA VAL A 26 -3.65 4.50 -8.86
C VAL A 26 -2.43 3.64 -8.62
N ALA A 27 -1.30 4.25 -8.17
CA ALA A 27 -0.11 3.61 -7.64
C ALA A 27 -0.45 2.97 -6.30
N ALA A 28 -1.27 3.68 -5.47
CA ALA A 28 -1.78 3.17 -4.21
C ALA A 28 -3.27 2.86 -4.15
N HIS A 29 -4.12 3.66 -4.88
CA HIS A 29 -5.59 3.62 -4.95
C HIS A 29 -6.24 2.34 -5.39
N LYS A 30 -5.52 1.66 -6.31
CA LYS A 30 -5.91 0.50 -7.07
C LYS A 30 -6.05 -0.78 -6.32
N TYR A 31 -5.73 -0.74 -5.01
CA TYR A 31 -5.97 -1.84 -4.09
C TYR A 31 -7.05 -1.48 -3.09
N VAL A 32 -6.90 -0.29 -2.45
CA VAL A 32 -7.82 0.30 -1.51
C VAL A 32 -7.47 1.73 -1.65
N PRO A 33 -8.32 2.71 -1.38
CA PRO A 33 -7.95 4.09 -1.59
C PRO A 33 -7.11 4.77 -0.51
N SER A 34 -7.33 4.54 0.82
CA SER A 34 -6.63 5.13 1.98
C SER A 34 -7.21 4.62 3.32
N TYR A 35 -6.73 5.16 4.50
CA TYR A 35 -7.06 4.90 5.94
C TYR A 35 -8.53 4.78 6.35
N ALA A 36 -9.45 5.31 5.50
CA ALA A 36 -10.88 5.22 5.59
C ALA A 36 -11.45 3.89 5.16
N PHE A 37 -10.89 3.28 4.07
CA PHE A 37 -11.13 1.91 3.65
C PHE A 37 -10.35 1.01 4.59
N LEU A 38 -9.02 1.32 4.79
CA LEU A 38 -8.17 0.48 5.66
C LEU A 38 -8.59 0.38 7.13
N ARG A 39 -9.13 1.40 7.87
CA ARG A 39 -9.63 1.17 9.24
C ARG A 39 -10.83 0.22 9.36
N ARG A 40 -11.75 0.26 8.36
CA ARG A 40 -12.85 -0.67 8.15
C ARG A 40 -12.43 -2.09 7.75
N GLU A 41 -11.45 -2.22 6.79
CA GLU A 41 -10.97 -3.51 6.30
C GLU A 41 -9.84 -4.15 7.13
N LEU A 42 -9.07 -3.38 7.96
CA LEU A 42 -7.95 -3.90 8.75
C LEU A 42 -8.37 -4.56 10.07
N GLY A 43 -9.68 -4.46 10.41
CA GLY A 43 -10.31 -4.93 11.65
C GLY A 43 -10.01 -4.13 12.90
N LEU A 44 -9.00 -3.22 12.89
CA LEU A 44 -8.60 -2.46 14.06
C LEU A 44 -8.45 -0.96 13.93
N SER A 45 -8.68 -0.27 15.07
CA SER A 45 -8.59 1.17 15.25
C SER A 45 -7.18 1.60 15.61
N SER A 46 -6.24 1.28 14.68
CA SER A 46 -4.83 1.68 14.60
C SER A 46 -4.70 3.16 14.17
N ALA A 47 -5.83 3.77 13.75
CA ALA A 47 -6.07 5.05 13.11
C ALA A 47 -5.85 6.31 13.91
N HIS A 48 -5.33 6.16 15.15
CA HIS A 48 -4.98 7.21 16.07
C HIS A 48 -3.72 8.00 15.68
N THR A 49 -2.69 7.32 15.08
CA THR A 49 -1.46 7.93 14.56
C THR A 49 -1.08 7.29 13.22
N ASN A 50 -0.50 8.08 12.25
CA ASN A 50 0.01 7.63 10.95
C ASN A 50 1.24 6.71 11.10
N ARG A 51 1.97 6.83 12.25
CA ARG A 51 3.09 6.03 12.71
C ARG A 51 2.68 4.63 13.19
N LYS A 52 1.60 4.54 14.02
CA LYS A 52 1.00 3.30 14.55
C LYS A 52 0.24 2.50 13.51
N VAL A 53 -0.64 3.18 12.69
CA VAL A 53 -1.39 2.50 11.60
C VAL A 53 -0.49 2.03 10.53
N TRP A 54 0.50 2.87 10.12
CA TRP A 54 1.56 2.54 9.16
C TRP A 54 2.48 1.46 9.63
N LYS A 55 2.77 1.35 10.93
CA LYS A 55 3.46 0.21 11.59
C LYS A 55 2.66 -1.09 11.58
N LYS A 56 1.30 -1.12 11.89
CA LYS A 56 0.47 -2.34 11.75
C LYS A 56 0.34 -2.78 10.26
N PHE A 57 0.20 -1.72 9.42
CA PHE A 57 0.28 -1.80 7.94
C PHE A 57 1.63 -2.36 7.43
N VAL A 58 2.75 -1.79 7.92
CA VAL A 58 4.14 -2.22 7.76
C VAL A 58 4.51 -3.60 8.31
N GLU A 59 3.84 -4.03 9.40
CA GLU A 59 3.77 -5.41 9.90
C GLU A 59 3.07 -6.36 8.88
N ALA A 60 1.93 -5.92 8.22
CA ALA A 60 1.31 -6.64 7.06
C ALA A 60 2.17 -6.80 5.83
N TYR A 61 2.92 -5.71 5.51
CA TYR A 61 3.73 -5.42 4.32
C TYR A 61 4.78 -6.52 3.92
N GLY A 62 5.05 -7.45 4.86
CA GLY A 62 5.79 -8.70 4.66
C GLY A 62 4.95 -9.95 4.43
N LYS A 63 3.59 -9.84 4.28
CA LYS A 63 2.63 -10.94 4.11
C LYS A 63 2.16 -11.21 2.69
N ALA A 64 2.08 -10.22 1.76
CA ALA A 64 1.67 -10.41 0.35
C ALA A 64 2.83 -10.14 -0.61
N ILE A 65 4.08 -10.23 -0.09
CA ILE A 65 5.31 -10.00 -0.85
C ILE A 65 5.89 -11.32 -1.38
N PRO A 66 6.18 -11.52 -2.68
CA PRO A 66 6.87 -12.71 -3.19
C PRO A 66 8.39 -12.58 -2.96
N PRO A 67 9.16 -13.49 -2.31
CA PRO A 67 10.61 -13.37 -2.10
C PRO A 67 11.43 -13.75 -3.36
N ALA A 68 11.21 -13.02 -4.48
CA ALA A 68 11.80 -13.24 -5.78
C ALA A 68 11.52 -11.96 -6.58
N PRO A 69 12.10 -11.69 -7.77
CA PRO A 69 11.85 -10.44 -8.54
C PRO A 69 10.56 -10.32 -9.40
N PRO A 70 9.46 -11.13 -9.55
CA PRO A 70 8.36 -10.80 -10.48
C PRO A 70 7.29 -9.89 -9.85
N ALA A 71 7.66 -8.74 -9.25
CA ALA A 71 6.71 -7.79 -8.70
C ALA A 71 7.00 -6.32 -9.02
N PRO A 72 7.42 -5.81 -10.22
CA PRO A 72 7.63 -4.38 -10.47
C PRO A 72 6.31 -3.68 -10.91
N PRO A 73 6.24 -2.33 -11.06
CA PRO A 73 5.08 -1.62 -11.62
C PRO A 73 5.07 -1.64 -13.17
N LEU A 74 3.87 -1.61 -13.79
CA LEU A 74 3.67 -1.58 -15.24
C LEU A 74 3.07 -0.23 -15.59
N THR A 75 3.73 0.58 -16.46
CA THR A 75 3.21 1.89 -16.86
C THR A 75 3.92 2.32 -18.12
N LEU A 76 5.28 2.30 -18.10
CA LEU A 76 6.12 2.75 -19.19
C LEU A 76 6.47 1.61 -20.15
N SER A 77 5.50 1.19 -20.99
CA SER A 77 5.55 0.10 -22.00
C SER A 77 6.33 0.49 -23.26
N LYS A 78 7.58 0.92 -23.03
CA LYS A 78 8.60 1.29 -24.00
C LYS A 78 9.91 1.06 -23.27
N LEU A 79 10.04 1.66 -22.06
CA LEU A 79 11.16 1.61 -21.13
C LEU A 79 11.19 0.32 -20.30
N GLU A 80 10.01 -0.10 -19.78
CA GLU A 80 9.76 -1.26 -18.95
C GLU A 80 9.25 -2.49 -19.70
N HIS A 81 8.34 -2.31 -20.69
CA HIS A 81 7.73 -3.44 -21.40
C HIS A 81 7.25 -3.08 -22.79
N MET A 1 -4.73 -7.15 -5.10
CA MET A 1 -3.78 -7.33 -4.03
C MET A 1 -4.49 -7.20 -2.71
N GLY A 2 -5.86 -7.10 -2.74
CA GLY A 2 -6.83 -7.07 -1.63
C GLY A 2 -6.80 -5.88 -0.69
N ILE A 3 -5.62 -5.67 -0.06
CA ILE A 3 -5.29 -4.59 0.85
C ILE A 3 -4.16 -3.84 0.18
N ASP A 4 -4.17 -2.49 0.19
CA ASP A 4 -3.20 -1.73 -0.57
C ASP A 4 -1.84 -1.54 0.06
N TYR A 5 -1.08 -2.65 0.17
CA TYR A 5 0.35 -2.79 0.29
C TYR A 5 1.22 -2.64 -0.95
N SER A 6 1.06 -3.60 -1.93
CA SER A 6 2.02 -3.89 -3.02
C SER A 6 2.44 -2.77 -3.98
N GLY A 7 1.56 -1.85 -4.50
CA GLY A 7 1.93 -0.64 -5.23
C GLY A 7 2.61 0.39 -4.35
N LEU A 8 2.44 0.31 -3.03
CA LEU A 8 3.07 1.16 -2.04
C LEU A 8 4.51 0.79 -1.78
N ARG A 9 4.74 -0.53 -1.52
CA ARG A 9 6.09 -1.11 -1.44
C ARG A 9 6.83 -1.18 -2.77
N THR A 10 6.06 -1.46 -3.83
CA THR A 10 6.57 -1.58 -5.20
C THR A 10 6.72 -0.30 -5.98
N ILE A 11 5.96 0.78 -5.66
CA ILE A 11 6.11 2.10 -6.27
C ILE A 11 6.87 3.07 -5.32
N PHE A 12 6.75 3.01 -3.94
CA PHE A 12 7.34 4.06 -3.07
C PHE A 12 8.43 3.55 -2.13
N GLY A 13 8.33 2.27 -1.69
CA GLY A 13 9.43 1.57 -1.00
C GLY A 13 9.20 1.15 0.43
N GLU A 14 10.07 1.63 1.37
CA GLU A 14 10.19 1.20 2.77
C GLU A 14 9.05 1.45 3.75
N LYS A 15 8.18 2.47 3.51
CA LYS A 15 7.04 2.78 4.34
C LYS A 15 6.01 3.23 3.35
N LEU A 16 4.69 3.25 3.74
CA LEU A 16 3.57 3.61 2.91
C LEU A 16 3.48 5.14 2.72
N PRO A 17 3.04 5.68 1.58
CA PRO A 17 2.97 7.10 1.25
C PRO A 17 1.98 7.97 2.03
N GLU A 18 1.95 9.27 1.65
CA GLU A 18 1.14 10.35 2.16
C GLU A 18 -0.24 10.40 1.46
N SER A 19 -1.29 10.96 2.13
CA SER A 19 -2.68 10.98 1.66
C SER A 19 -3.04 11.71 0.38
N HIS A 20 -2.21 12.72 -0.06
CA HIS A 20 -2.33 13.42 -1.35
C HIS A 20 -2.12 12.46 -2.53
N ILE A 21 -1.06 11.60 -2.46
CA ILE A 21 -0.89 10.45 -3.35
C ILE A 21 -1.74 9.23 -3.03
N PHE A 22 -1.85 8.76 -1.75
CA PHE A 22 -2.49 7.45 -1.46
C PHE A 22 -4.00 7.51 -1.75
N PHE A 23 -4.76 8.52 -1.24
CA PHE A 23 -6.19 8.69 -1.50
C PHE A 23 -6.51 9.20 -2.94
N ALA A 24 -5.54 9.80 -3.72
CA ALA A 24 -5.80 10.22 -5.11
C ALA A 24 -5.06 9.53 -6.29
N THR A 25 -3.88 8.87 -6.11
CA THR A 25 -3.04 8.32 -7.20
C THR A 25 -3.17 6.81 -7.33
N VAL A 26 -3.47 6.29 -8.57
CA VAL A 26 -3.69 4.87 -8.99
C VAL A 26 -2.57 3.92 -8.69
N ALA A 27 -1.32 4.43 -8.47
CA ALA A 27 -0.15 3.74 -7.94
C ALA A 27 -0.45 3.03 -6.63
N ALA A 28 -1.31 3.66 -5.80
CA ALA A 28 -1.92 2.99 -4.68
C ALA A 28 -3.43 2.72 -4.92
N HIS A 29 -4.22 3.67 -5.52
CA HIS A 29 -5.69 3.61 -5.74
C HIS A 29 -6.30 2.39 -6.47
N LYS A 30 -5.46 1.62 -7.21
CA LYS A 30 -5.77 0.41 -7.95
C LYS A 30 -6.10 -0.80 -7.08
N TYR A 31 -5.74 -0.71 -5.78
CA TYR A 31 -5.75 -1.73 -4.76
C TYR A 31 -6.78 -1.51 -3.68
N VAL A 32 -6.70 -0.37 -2.96
CA VAL A 32 -7.62 0.14 -1.93
C VAL A 32 -7.27 1.58 -1.94
N PRO A 33 -8.11 2.51 -1.52
CA PRO A 33 -7.72 3.90 -1.53
C PRO A 33 -6.98 4.56 -0.33
N SER A 34 -7.26 4.29 0.98
CA SER A 34 -6.62 4.93 2.16
C SER A 34 -7.19 4.43 3.51
N TYR A 35 -6.77 5.01 4.68
CA TYR A 35 -7.07 4.72 6.13
C TYR A 35 -8.52 4.41 6.52
N ALA A 36 -9.48 4.94 5.73
CA ALA A 36 -10.92 4.72 5.76
C ALA A 36 -11.34 3.33 5.38
N PHE A 37 -10.73 2.83 4.28
CA PHE A 37 -10.78 1.48 3.75
C PHE A 37 -9.97 0.59 4.71
N LEU A 38 -8.78 1.08 5.18
CA LEU A 38 -7.93 0.33 6.12
C LEU A 38 -8.56 -0.04 7.46
N ARG A 39 -9.33 0.88 8.15
CA ARG A 39 -10.03 0.57 9.40
C ARG A 39 -11.11 -0.50 9.28
N ARG A 40 -11.93 -0.41 8.20
CA ARG A 40 -12.98 -1.34 7.78
C ARG A 40 -12.45 -2.69 7.30
N GLU A 41 -11.26 -2.68 6.62
CA GLU A 41 -10.52 -3.84 6.17
C GLU A 41 -9.82 -4.63 7.27
N LEU A 42 -9.09 -3.98 8.24
CA LEU A 42 -8.41 -4.82 9.26
C LEU A 42 -9.15 -4.89 10.59
N GLY A 43 -10.23 -4.08 10.81
CA GLY A 43 -11.03 -4.03 12.07
C GLY A 43 -10.30 -3.32 13.19
N LEU A 44 -9.47 -2.35 12.77
CA LEU A 44 -8.40 -1.75 13.52
C LEU A 44 -8.66 -0.39 14.17
N SER A 45 -8.05 -0.18 15.37
CA SER A 45 -8.12 1.02 16.21
C SER A 45 -6.76 1.77 16.27
N SER A 46 -5.80 1.35 15.41
CA SER A 46 -4.42 1.87 15.18
C SER A 46 -4.38 3.21 14.45
N ALA A 47 -5.56 3.63 13.94
CA ALA A 47 -5.92 4.76 13.10
C ALA A 47 -5.85 6.15 13.75
N HIS A 48 -5.35 6.18 15.00
CA HIS A 48 -5.10 7.33 15.84
C HIS A 48 -3.83 8.10 15.44
N THR A 49 -2.86 7.43 14.76
CA THR A 49 -1.63 8.07 14.30
C THR A 49 -1.19 7.40 13.01
N ASN A 50 -0.62 8.18 12.02
CA ASN A 50 -0.11 7.72 10.72
C ASN A 50 0.97 6.65 10.84
N ARG A 51 2.02 6.93 11.67
CA ARG A 51 3.10 6.03 12.05
C ARG A 51 2.68 4.76 12.80
N LYS A 52 1.62 4.77 13.66
CA LYS A 52 1.01 3.60 14.32
C LYS A 52 0.20 2.68 13.39
N VAL A 53 -0.69 3.30 12.54
CA VAL A 53 -1.52 2.56 11.55
C VAL A 53 -0.67 2.03 10.43
N TRP A 54 0.33 2.85 9.98
CA TRP A 54 1.38 2.49 9.05
C TRP A 54 2.33 1.44 9.58
N LYS A 55 2.65 1.39 10.88
CA LYS A 55 3.39 0.32 11.56
C LYS A 55 2.64 -1.00 11.65
N LYS A 56 1.32 -1.04 11.99
CA LYS A 56 0.53 -2.30 11.93
C LYS A 56 0.34 -2.77 10.47
N PHE A 57 0.15 -1.77 9.59
CA PHE A 57 0.17 -1.97 8.12
C PHE A 57 1.55 -2.44 7.57
N VAL A 58 2.67 -1.86 8.05
CA VAL A 58 4.08 -2.21 7.84
C VAL A 58 4.51 -3.55 8.41
N GLU A 59 3.89 -3.96 9.54
CA GLU A 59 3.85 -5.33 10.08
C GLU A 59 3.11 -6.31 9.10
N ALA A 60 1.98 -5.88 8.43
CA ALA A 60 1.31 -6.62 7.33
C ALA A 60 2.14 -6.86 6.08
N TYR A 61 2.84 -5.77 5.66
CA TYR A 61 3.58 -5.46 4.43
C TYR A 61 4.61 -6.53 3.99
N GLY A 62 4.94 -7.44 4.92
CA GLY A 62 5.64 -8.71 4.70
C GLY A 62 4.78 -9.92 4.32
N LYS A 63 3.43 -9.82 4.17
CA LYS A 63 2.51 -10.93 3.85
C LYS A 63 2.15 -11.12 2.36
N ALA A 64 1.69 -10.08 1.61
CA ALA A 64 1.33 -10.13 0.17
C ALA A 64 2.47 -9.75 -0.76
N ILE A 65 3.70 -10.01 -0.28
CA ILE A 65 5.02 -9.78 -0.87
C ILE A 65 5.33 -10.79 -2.03
N PRO A 66 5.28 -10.38 -3.33
CA PRO A 66 5.36 -11.29 -4.45
C PRO A 66 6.80 -11.48 -4.97
N PRO A 67 7.12 -12.48 -5.84
CA PRO A 67 8.46 -12.68 -6.41
C PRO A 67 8.74 -11.69 -7.56
N ALA A 68 8.09 -11.81 -8.72
CA ALA A 68 8.29 -10.93 -9.86
C ALA A 68 7.08 -10.95 -10.81
N PRO A 69 5.98 -10.18 -10.60
CA PRO A 69 4.84 -10.12 -11.52
C PRO A 69 5.08 -9.04 -12.62
N PRO A 70 4.92 -9.25 -13.94
CA PRO A 70 5.17 -8.23 -14.99
C PRO A 70 4.01 -7.21 -15.15
N ALA A 71 3.70 -6.42 -14.10
CA ALA A 71 2.63 -5.43 -14.13
C ALA A 71 2.87 -4.43 -13.00
N PRO A 72 2.97 -4.75 -11.67
CA PRO A 72 3.41 -3.82 -10.62
C PRO A 72 4.96 -3.64 -10.75
N PRO A 73 5.58 -2.44 -10.69
CA PRO A 73 6.98 -2.23 -11.06
C PRO A 73 8.06 -2.73 -10.07
N LEU A 74 9.23 -3.17 -10.62
CA LEU A 74 10.34 -3.76 -9.88
C LEU A 74 11.66 -2.99 -10.05
N THR A 75 12.14 -2.34 -8.94
CA THR A 75 13.40 -1.60 -8.77
C THR A 75 13.55 -0.25 -9.49
N LEU A 76 12.40 0.43 -9.77
CA LEU A 76 12.16 1.72 -10.46
C LEU A 76 12.79 3.01 -9.90
N SER A 77 14.09 2.95 -9.53
CA SER A 77 14.81 4.08 -8.94
C SER A 77 16.32 4.00 -9.15
N LYS A 78 16.88 2.76 -9.37
CA LYS A 78 18.31 2.47 -9.56
C LYS A 78 18.57 2.14 -11.02
N LEU A 79 19.21 3.08 -11.79
CA LEU A 79 19.46 3.08 -13.23
C LEU A 79 18.34 3.93 -13.84
N GLU A 80 17.08 3.68 -13.37
CA GLU A 80 15.83 4.37 -13.62
C GLU A 80 15.66 5.58 -12.69
N HIS A 81 16.67 6.49 -12.67
CA HIS A 81 16.80 7.65 -11.80
C HIS A 81 15.96 8.85 -12.25
N MET A 1 -6.53 -6.53 -5.64
CA MET A 1 -5.17 -6.93 -5.39
C MET A 1 -5.01 -7.12 -3.88
N GLY A 2 -6.17 -7.33 -3.19
CA GLY A 2 -6.35 -7.65 -1.77
C GLY A 2 -6.54 -6.45 -0.87
N ILE A 3 -5.42 -6.01 -0.26
CA ILE A 3 -5.22 -4.85 0.61
C ILE A 3 -4.15 -4.05 -0.10
N ASP A 4 -4.12 -2.70 0.06
CA ASP A 4 -3.13 -1.92 -0.66
C ASP A 4 -1.78 -1.84 -0.01
N TYR A 5 -1.07 -2.97 0.08
CA TYR A 5 0.38 -3.13 0.18
C TYR A 5 1.23 -2.98 -1.06
N SER A 6 1.04 -3.92 -2.05
CA SER A 6 1.92 -4.22 -3.18
C SER A 6 2.28 -3.07 -4.10
N GLY A 7 1.33 -2.22 -4.59
CA GLY A 7 1.54 -0.92 -5.23
C GLY A 7 2.35 0.09 -4.45
N LEU A 8 2.24 0.10 -3.10
CA LEU A 8 2.97 0.97 -2.19
C LEU A 8 4.43 0.52 -2.05
N ARG A 9 4.66 -0.81 -1.87
CA ARG A 9 6.00 -1.40 -1.89
C ARG A 9 6.71 -1.43 -3.23
N THR A 10 5.98 -1.70 -4.33
CA THR A 10 6.51 -1.74 -5.70
C THR A 10 6.63 -0.38 -6.39
N ILE A 11 5.78 0.64 -6.03
CA ILE A 11 5.95 2.01 -6.51
C ILE A 11 6.76 2.87 -5.50
N PHE A 12 6.66 2.75 -4.13
CA PHE A 12 7.34 3.74 -3.24
C PHE A 12 8.51 3.15 -2.49
N GLY A 13 8.43 1.83 -2.18
CA GLY A 13 9.50 1.07 -1.54
C GLY A 13 9.39 0.95 -0.04
N GLU A 14 10.29 1.66 0.70
CA GLU A 14 10.55 1.58 2.14
C GLU A 14 9.44 1.87 3.15
N LYS A 15 8.55 2.84 2.87
CA LYS A 15 7.39 3.14 3.68
C LYS A 15 6.35 3.48 2.66
N LEU A 16 5.08 3.28 3.03
CA LEU A 16 3.92 3.59 2.24
C LEU A 16 3.40 5.00 2.56
N PRO A 17 2.78 5.74 1.64
CA PRO A 17 2.50 7.15 1.76
C PRO A 17 1.34 7.64 2.61
N GLU A 18 1.26 8.98 2.54
CA GLU A 18 0.29 9.90 3.04
C GLU A 18 -0.82 10.07 2.01
N SER A 19 -2.02 10.40 2.51
CA SER A 19 -3.28 10.51 1.79
C SER A 19 -3.40 11.34 0.52
N HIS A 20 -2.50 12.36 0.30
CA HIS A 20 -2.43 13.21 -0.91
C HIS A 20 -2.01 12.41 -2.15
N ILE A 21 -0.93 11.56 -2.08
CA ILE A 21 -0.70 10.51 -3.10
C ILE A 21 -1.55 9.28 -2.91
N PHE A 22 -1.86 8.88 -1.63
CA PHE A 22 -2.53 7.61 -1.35
C PHE A 22 -4.02 7.66 -1.81
N PHE A 23 -4.89 8.64 -1.43
CA PHE A 23 -6.29 8.72 -1.91
C PHE A 23 -6.40 9.21 -3.39
N ALA A 24 -5.34 9.85 -4.01
CA ALA A 24 -5.42 10.37 -5.38
C ALA A 24 -4.58 9.72 -6.49
N THR A 25 -3.47 8.96 -6.20
CA THR A 25 -2.59 8.36 -7.22
C THR A 25 -2.98 6.90 -7.48
N VAL A 26 -3.07 6.46 -8.77
CA VAL A 26 -3.49 5.09 -9.24
C VAL A 26 -2.63 3.94 -8.72
N ALA A 27 -1.31 4.24 -8.47
CA ALA A 27 -0.24 3.44 -7.86
C ALA A 27 -0.68 2.79 -6.55
N ALA A 28 -1.55 3.53 -5.83
CA ALA A 28 -2.24 3.14 -4.64
C ALA A 28 -3.75 2.92 -4.89
N HIS A 29 -4.47 3.75 -5.73
CA HIS A 29 -5.93 3.66 -6.04
C HIS A 29 -6.50 2.32 -6.54
N LYS A 30 -5.71 1.56 -7.35
CA LYS A 30 -6.03 0.26 -7.97
C LYS A 30 -6.31 -0.90 -7.00
N TYR A 31 -5.81 -0.76 -5.76
CA TYR A 31 -5.83 -1.66 -4.61
C TYR A 31 -6.95 -1.40 -3.60
N VAL A 32 -6.78 -0.32 -2.81
CA VAL A 32 -7.69 0.21 -1.80
C VAL A 32 -7.32 1.64 -1.84
N PRO A 33 -8.18 2.61 -1.62
CA PRO A 33 -7.79 4.00 -1.75
C PRO A 33 -7.00 4.64 -0.59
N SER A 34 -7.27 4.36 0.72
CA SER A 34 -6.58 4.92 1.90
C SER A 34 -7.11 4.39 3.23
N TYR A 35 -6.59 4.95 4.37
CA TYR A 35 -6.78 4.67 5.83
C TYR A 35 -8.23 4.44 6.30
N ALA A 36 -9.20 4.96 5.52
CA ALA A 36 -10.64 4.80 5.61
C ALA A 36 -11.13 3.44 5.19
N PHE A 37 -10.59 2.92 4.06
CA PHE A 37 -10.79 1.57 3.57
C PHE A 37 -9.96 0.63 4.46
N LEU A 38 -8.65 0.95 4.67
CA LEU A 38 -7.79 0.08 5.51
C LEU A 38 -8.16 -0.10 7.00
N ARG A 39 -8.77 0.93 7.68
CA ARG A 39 -9.28 0.75 9.05
C ARG A 39 -10.54 -0.11 9.13
N ARG A 40 -11.49 0.08 8.16
CA ARG A 40 -12.69 -0.73 7.95
C ARG A 40 -12.38 -2.15 7.43
N GLU A 41 -11.32 -2.32 6.58
CA GLU A 41 -10.83 -3.59 6.05
C GLU A 41 -10.07 -4.42 7.08
N LEU A 42 -9.17 -3.82 7.92
CA LEU A 42 -8.46 -4.66 8.89
C LEU A 42 -9.14 -4.73 10.26
N GLY A 43 -10.19 -3.90 10.53
CA GLY A 43 -10.97 -3.90 11.78
C GLY A 43 -10.21 -3.33 12.96
N LEU A 44 -9.32 -2.36 12.66
CA LEU A 44 -8.30 -1.85 13.55
C LEU A 44 -8.60 -0.51 14.17
N SER A 45 -8.04 -0.27 15.37
CA SER A 45 -8.16 0.94 16.17
C SER A 45 -6.85 1.71 16.23
N SER A 46 -5.93 1.42 15.26
CA SER A 46 -4.60 2.01 15.01
C SER A 46 -4.66 3.41 14.42
N ALA A 47 -5.87 3.84 14.02
CA ALA A 47 -6.25 5.07 13.32
C ALA A 47 -6.13 6.37 14.10
N HIS A 48 -5.57 6.29 15.33
CA HIS A 48 -5.26 7.36 16.27
C HIS A 48 -4.00 8.14 15.89
N THR A 49 -2.91 7.44 15.44
CA THR A 49 -1.66 8.06 14.98
C THR A 49 -1.20 7.36 13.71
N ASN A 50 -0.57 8.12 12.74
CA ASN A 50 -0.09 7.56 11.47
C ASN A 50 1.11 6.63 11.63
N ARG A 51 1.83 6.78 12.77
CA ARG A 51 2.95 5.99 13.25
C ARG A 51 2.52 4.61 13.73
N LYS A 52 1.39 4.52 14.50
CA LYS A 52 0.72 3.30 14.94
C LYS A 52 -0.04 2.55 13.83
N VAL A 53 -0.85 3.26 12.96
CA VAL A 53 -1.49 2.60 11.77
C VAL A 53 -0.45 2.17 10.78
N TRP A 54 0.55 3.05 10.42
CA TRP A 54 1.65 2.68 9.54
C TRP A 54 2.50 1.57 10.08
N LYS A 55 2.73 1.46 11.40
CA LYS A 55 3.33 0.27 12.03
C LYS A 55 2.50 -1.01 11.89
N LYS A 56 1.15 -1.03 12.15
CA LYS A 56 0.37 -2.29 11.89
C LYS A 56 0.29 -2.66 10.39
N PHE A 57 0.18 -1.58 9.57
CA PHE A 57 0.23 -1.65 8.10
C PHE A 57 1.56 -2.14 7.51
N VAL A 58 2.69 -1.52 7.94
CA VAL A 58 4.07 -1.92 7.72
C VAL A 58 4.48 -3.26 8.33
N GLU A 59 3.88 -3.66 9.50
CA GLU A 59 3.90 -5.03 10.06
C GLU A 59 3.22 -6.04 9.12
N ALA A 60 2.07 -5.66 8.42
CA ALA A 60 1.47 -6.44 7.31
C ALA A 60 2.36 -6.62 6.12
N TYR A 61 3.02 -5.51 5.68
CA TYR A 61 3.74 -5.31 4.41
C TYR A 61 4.79 -6.43 4.03
N GLY A 62 5.15 -7.30 5.00
CA GLY A 62 5.83 -8.58 4.81
C GLY A 62 4.96 -9.84 4.59
N LYS A 63 3.60 -9.75 4.47
CA LYS A 63 2.65 -10.87 4.27
C LYS A 63 2.27 -11.19 2.83
N ALA A 64 2.12 -10.19 1.92
CA ALA A 64 1.70 -10.36 0.52
C ALA A 64 2.76 -10.00 -0.50
N ILE A 65 4.04 -10.14 -0.12
CA ILE A 65 5.23 -9.94 -0.94
C ILE A 65 5.87 -11.30 -1.31
N PRO A 66 5.63 -11.96 -2.47
CA PRO A 66 6.23 -13.26 -2.81
C PRO A 66 7.62 -13.09 -3.49
N PRO A 67 8.51 -14.10 -3.60
CA PRO A 67 9.81 -13.99 -4.30
C PRO A 67 9.63 -14.11 -5.83
N ALA A 68 8.80 -13.22 -6.42
CA ALA A 68 8.40 -13.19 -7.82
C ALA A 68 8.60 -11.87 -8.56
N PRO A 69 8.34 -10.61 -8.09
CA PRO A 69 8.48 -9.39 -8.91
C PRO A 69 9.95 -8.88 -9.02
N PRO A 70 10.34 -8.12 -10.07
CA PRO A 70 11.71 -7.64 -10.30
C PRO A 70 12.02 -6.27 -9.67
N ALA A 71 11.07 -5.62 -8.95
CA ALA A 71 11.13 -4.31 -8.30
C ALA A 71 10.28 -3.23 -8.97
N PRO A 72 10.51 -2.65 -10.19
CA PRO A 72 9.68 -1.58 -10.75
C PRO A 72 8.35 -2.11 -11.35
N PRO A 73 7.30 -1.27 -11.52
CA PRO A 73 6.00 -1.66 -12.04
C PRO A 73 5.95 -1.69 -13.58
N LEU A 74 4.94 -2.40 -14.12
CA LEU A 74 4.64 -2.56 -15.53
C LEU A 74 3.44 -1.67 -15.87
N THR A 75 3.42 -1.14 -17.13
CA THR A 75 2.43 -0.24 -17.74
C THR A 75 1.03 -0.84 -17.93
N LEU A 76 0.92 -2.19 -17.95
CA LEU A 76 -0.30 -2.99 -18.02
C LEU A 76 -0.71 -3.48 -16.62
N SER A 77 0.21 -3.33 -15.64
CA SER A 77 0.07 -3.59 -14.20
C SER A 77 -0.47 -4.90 -13.67
N LYS A 78 -1.75 -4.95 -13.18
CA LYS A 78 -2.35 -6.12 -12.57
C LYS A 78 -3.80 -6.31 -13.04
N LEU A 79 -4.36 -5.33 -13.80
CA LEU A 79 -5.72 -5.36 -14.36
C LEU A 79 -5.65 -5.95 -15.78
N GLU A 80 -4.65 -5.51 -16.57
CA GLU A 80 -4.33 -5.97 -17.91
C GLU A 80 -3.25 -7.06 -17.77
N HIS A 81 -2.20 -6.70 -16.98
CA HIS A 81 -1.07 -7.51 -16.51
C HIS A 81 -0.07 -7.95 -17.56
N MET A 1 -4.34 -8.50 -4.76
CA MET A 1 -3.83 -7.52 -3.84
C MET A 1 -5.03 -6.83 -3.23
N GLY A 2 -5.78 -7.52 -2.33
CA GLY A 2 -6.99 -7.02 -1.64
C GLY A 2 -6.79 -5.93 -0.63
N ILE A 3 -5.55 -5.81 -0.11
CA ILE A 3 -5.11 -4.73 0.76
C ILE A 3 -3.95 -4.08 0.03
N ASP A 4 -3.91 -2.73 0.00
CA ASP A 4 -2.89 -2.01 -0.73
C ASP A 4 -1.58 -1.82 -0.07
N TYR A 5 -0.82 -2.90 0.13
CA TYR A 5 0.61 -2.92 0.29
C TYR A 5 1.43 -2.76 -0.98
N SER A 6 1.21 -3.70 -1.96
CA SER A 6 2.13 -3.98 -3.08
C SER A 6 2.52 -2.87 -4.06
N GLY A 7 1.60 -2.01 -4.66
CA GLY A 7 1.91 -0.76 -5.35
C GLY A 7 2.68 0.25 -4.54
N LEU A 8 2.55 0.22 -3.20
CA LEU A 8 3.22 1.09 -2.26
C LEU A 8 4.66 0.69 -2.08
N ARG A 9 4.92 -0.61 -1.78
CA ARG A 9 6.29 -1.14 -1.71
C ARG A 9 7.03 -1.27 -3.03
N THR A 10 6.28 -1.55 -4.11
CA THR A 10 6.82 -1.69 -5.46
C THR A 10 7.01 -0.39 -6.23
N ILE A 11 6.15 0.65 -6.02
CA ILE A 11 6.26 1.98 -6.62
C ILE A 11 6.94 3.00 -5.65
N PHE A 12 6.80 2.96 -4.28
CA PHE A 12 7.35 4.06 -3.44
C PHE A 12 8.45 3.64 -2.48
N GLY A 13 8.42 2.38 -1.99
CA GLY A 13 9.55 1.75 -1.30
C GLY A 13 9.37 1.35 0.14
N GLU A 14 10.29 1.80 1.03
CA GLU A 14 10.49 1.40 2.43
C GLU A 14 9.36 1.61 3.45
N LYS A 15 8.83 2.86 3.58
CA LYS A 15 7.69 3.16 4.46
C LYS A 15 6.51 3.40 3.54
N LEU A 16 5.29 3.62 4.08
CA LEU A 16 4.10 3.87 3.29
C LEU A 16 3.95 5.35 2.93
N PRO A 17 3.45 5.70 1.72
CA PRO A 17 3.16 7.08 1.30
C PRO A 17 1.93 7.65 1.99
N GLU A 18 1.76 8.98 1.91
CA GLU A 18 0.65 9.72 2.49
C GLU A 18 -0.55 9.82 1.56
N SER A 19 -1.72 10.22 2.11
CA SER A 19 -3.02 10.40 1.48
C SER A 19 -3.18 11.29 0.25
N HIS A 20 -2.27 12.30 -0.01
CA HIS A 20 -2.22 13.14 -1.23
C HIS A 20 -1.99 12.29 -2.49
N ILE A 21 -0.99 11.38 -2.44
CA ILE A 21 -0.83 10.25 -3.37
C ILE A 21 -1.72 9.07 -3.11
N PHE A 22 -1.87 8.62 -1.80
CA PHE A 22 -2.49 7.33 -1.46
C PHE A 22 -3.99 7.28 -1.83
N PHE A 23 -4.84 8.25 -1.37
CA PHE A 23 -6.27 8.39 -1.72
C PHE A 23 -6.49 8.85 -3.18
N ALA A 24 -5.51 9.52 -3.90
CA ALA A 24 -5.77 10.04 -5.24
C ALA A 24 -5.06 9.41 -6.46
N THR A 25 -3.89 8.71 -6.30
CA THR A 25 -3.10 8.17 -7.42
C THR A 25 -3.31 6.66 -7.54
N VAL A 26 -3.70 6.13 -8.75
CA VAL A 26 -3.95 4.71 -9.14
C VAL A 26 -2.82 3.75 -8.85
N ALA A 27 -1.56 4.29 -8.75
CA ALA A 27 -0.31 3.67 -8.29
C ALA A 27 -0.50 2.98 -6.94
N ALA A 28 -1.33 3.59 -6.07
CA ALA A 28 -1.85 2.92 -4.90
C ALA A 28 -3.37 2.64 -5.03
N HIS A 29 -4.24 3.58 -5.56
CA HIS A 29 -5.72 3.47 -5.65
C HIS A 29 -6.31 2.23 -6.37
N LYS A 30 -5.51 1.52 -7.22
CA LYS A 30 -5.84 0.25 -7.88
C LYS A 30 -6.14 -0.93 -6.95
N TYR A 31 -5.67 -0.81 -5.68
CA TYR A 31 -5.70 -1.78 -4.60
C TYR A 31 -6.68 -1.42 -3.47
N VAL A 32 -6.47 -0.28 -2.76
CA VAL A 32 -7.22 0.27 -1.62
C VAL A 32 -6.85 1.73 -1.62
N PRO A 33 -7.65 2.76 -1.42
CA PRO A 33 -7.08 4.10 -1.37
C PRO A 33 -6.47 4.62 -0.06
N SER A 34 -6.97 4.38 1.17
CA SER A 34 -6.39 4.97 2.40
C SER A 34 -7.12 4.52 3.66
N TYR A 35 -6.75 5.07 4.88
CA TYR A 35 -7.14 4.74 6.29
C TYR A 35 -8.62 4.50 6.58
N ALA A 36 -9.50 5.06 5.71
CA ALA A 36 -10.94 4.91 5.63
C ALA A 36 -11.39 3.52 5.24
N PHE A 37 -10.76 2.98 4.17
CA PHE A 37 -10.87 1.60 3.73
C PHE A 37 -10.04 0.75 4.71
N LEU A 38 -8.83 1.22 5.17
CA LEU A 38 -8.04 0.45 6.16
C LEU A 38 -8.66 0.16 7.53
N ARG A 39 -9.33 1.14 8.23
CA ARG A 39 -9.91 0.91 9.56
C ARG A 39 -11.15 0.05 9.55
N ARG A 40 -12.01 0.32 8.54
CA ARG A 40 -13.22 -0.38 8.17
C ARG A 40 -12.98 -1.77 7.58
N GLU A 41 -11.86 -2.00 6.82
CA GLU A 41 -11.50 -3.31 6.30
C GLU A 41 -10.72 -4.18 7.28
N LEU A 42 -9.76 -3.64 8.12
CA LEU A 42 -9.02 -4.58 9.00
C LEU A 42 -9.60 -4.69 10.40
N GLY A 43 -10.59 -3.82 10.79
CA GLY A 43 -11.24 -3.82 12.12
C GLY A 43 -10.36 -3.30 13.23
N LEU A 44 -9.47 -2.36 12.85
CA LEU A 44 -8.38 -1.85 13.65
C LEU A 44 -8.66 -0.59 14.46
N SER A 45 -7.99 -0.54 15.64
CA SER A 45 -7.92 0.53 16.64
C SER A 45 -6.63 1.34 16.48
N SER A 46 -5.94 1.13 15.32
CA SER A 46 -4.71 1.75 14.80
C SER A 46 -4.88 3.21 14.38
N ALA A 47 -6.14 3.70 14.39
CA ALA A 47 -6.74 4.95 13.95
C ALA A 47 -6.34 6.23 14.69
N HIS A 48 -5.40 6.14 15.65
CA HIS A 48 -4.88 7.22 16.47
C HIS A 48 -3.79 8.05 15.79
N THR A 49 -2.72 7.41 15.21
CA THR A 49 -1.61 8.08 14.53
C THR A 49 -1.24 7.35 13.25
N ASN A 50 -0.69 8.13 12.26
CA ASN A 50 -0.19 7.68 10.94
C ASN A 50 0.88 6.61 11.05
N ARG A 51 1.80 6.78 12.03
CA ARG A 51 2.86 5.85 12.38
C ARG A 51 2.41 4.56 13.06
N LYS A 52 1.33 4.56 13.90
CA LYS A 52 0.70 3.36 14.48
C LYS A 52 -0.10 2.54 13.46
N VAL A 53 -0.96 3.20 12.59
CA VAL A 53 -1.68 2.49 11.49
C VAL A 53 -0.72 2.01 10.44
N TRP A 54 0.24 2.88 10.01
CA TRP A 54 1.34 2.53 9.13
C TRP A 54 2.24 1.45 9.67
N LYS A 55 2.48 1.33 10.99
CA LYS A 55 3.14 0.19 11.66
C LYS A 55 2.34 -1.10 11.62
N LYS A 56 0.99 -1.13 11.87
CA LYS A 56 0.17 -2.37 11.66
C LYS A 56 0.16 -2.80 10.17
N PHE A 57 0.04 -1.75 9.32
CA PHE A 57 0.15 -1.82 7.85
C PHE A 57 1.54 -2.29 7.34
N VAL A 58 2.65 -1.74 7.88
CA VAL A 58 4.05 -2.12 7.74
C VAL A 58 4.43 -3.47 8.32
N GLU A 59 3.77 -3.90 9.43
CA GLU A 59 3.74 -5.28 9.95
C GLU A 59 3.10 -6.25 8.90
N ALA A 60 1.99 -5.82 8.19
CA ALA A 60 1.44 -6.54 7.04
C ALA A 60 2.32 -6.65 5.80
N TYR A 61 3.01 -5.53 5.44
CA TYR A 61 3.77 -5.21 4.24
C TYR A 61 4.85 -6.31 3.85
N GLY A 62 5.16 -7.21 4.81
CA GLY A 62 5.89 -8.48 4.62
C GLY A 62 5.06 -9.74 4.33
N LYS A 63 3.70 -9.65 4.12
CA LYS A 63 2.77 -10.76 3.87
C LYS A 63 2.42 -11.01 2.39
N ALA A 64 1.98 -10.00 1.59
CA ALA A 64 1.66 -10.12 0.14
C ALA A 64 2.83 -9.81 -0.79
N ILE A 65 4.07 -10.06 -0.32
CA ILE A 65 5.33 -9.83 -1.04
C ILE A 65 5.96 -11.12 -1.65
N PRO A 66 5.72 -11.51 -2.93
CA PRO A 66 6.34 -12.70 -3.54
C PRO A 66 7.73 -12.37 -4.14
N PRO A 67 8.59 -13.33 -4.55
CA PRO A 67 9.88 -13.05 -5.21
C PRO A 67 9.69 -12.66 -6.69
N ALA A 68 8.98 -11.53 -6.93
CA ALA A 68 8.58 -10.99 -8.22
C ALA A 68 9.36 -9.70 -8.52
N PRO A 69 9.90 -9.48 -9.75
CA PRO A 69 10.67 -8.28 -10.11
C PRO A 69 9.76 -7.09 -10.47
N PRO A 70 10.26 -5.85 -10.74
CA PRO A 70 9.47 -4.64 -11.04
C PRO A 70 8.64 -4.65 -12.36
N ALA A 71 7.78 -5.68 -12.52
CA ALA A 71 6.78 -5.89 -13.55
C ALA A 71 5.44 -5.19 -13.23
N PRO A 72 4.83 -5.17 -11.99
CA PRO A 72 3.65 -4.37 -11.66
C PRO A 72 3.77 -2.82 -11.78
N PRO A 73 4.83 -2.05 -11.41
CA PRO A 73 4.92 -0.61 -11.61
C PRO A 73 5.30 -0.22 -13.05
N LEU A 74 5.02 1.06 -13.41
CA LEU A 74 5.40 1.66 -14.70
C LEU A 74 6.66 2.49 -14.41
N THR A 75 7.85 1.96 -14.79
CA THR A 75 9.14 2.60 -14.55
C THR A 75 10.15 1.80 -15.35
N LEU A 76 11.38 2.32 -15.46
CA LEU A 76 12.50 1.62 -16.10
C LEU A 76 13.75 2.10 -15.41
N SER A 77 14.41 1.22 -14.62
CA SER A 77 15.65 1.54 -13.90
C SER A 77 16.80 0.75 -14.45
N LYS A 78 16.68 -0.61 -14.51
CA LYS A 78 17.70 -1.60 -14.91
C LYS A 78 18.44 -1.38 -16.25
N LEU A 79 17.67 -1.08 -17.32
CA LEU A 79 18.16 -0.79 -18.66
C LEU A 79 17.89 0.68 -18.97
N GLU A 80 18.27 1.60 -18.05
CA GLU A 80 17.99 3.01 -18.20
C GLU A 80 18.96 3.84 -17.36
N HIS A 81 19.07 3.48 -16.06
CA HIS A 81 19.88 4.12 -15.01
C HIS A 81 19.15 5.29 -14.38
N MET A 1 -3.80 -8.55 -4.82
CA MET A 1 -3.79 -7.11 -4.71
C MET A 1 -5.05 -6.65 -3.98
N GLY A 2 -5.59 -7.53 -3.09
CA GLY A 2 -6.78 -7.31 -2.25
C GLY A 2 -6.60 -6.38 -1.07
N ILE A 3 -5.34 -6.14 -0.64
CA ILE A 3 -4.96 -5.15 0.37
C ILE A 3 -3.94 -4.26 -0.32
N ASP A 4 -3.85 -2.95 0.06
CA ASP A 4 -2.86 -2.08 -0.54
C ASP A 4 -1.52 -2.01 0.11
N TYR A 5 -0.79 -3.14 0.12
CA TYR A 5 0.64 -3.27 0.23
C TYR A 5 1.47 -3.01 -1.00
N SER A 6 1.30 -3.96 -1.99
CA SER A 6 2.13 -4.26 -3.16
C SER A 6 2.45 -3.12 -4.13
N GLY A 7 1.50 -2.23 -4.56
CA GLY A 7 1.83 -0.99 -5.28
C GLY A 7 2.58 0.05 -4.47
N LEU A 8 2.39 0.12 -3.14
CA LEU A 8 3.06 1.05 -2.24
C LEU A 8 4.50 0.58 -2.01
N ARG A 9 4.72 -0.77 -1.82
CA ARG A 9 6.07 -1.37 -1.81
C ARG A 9 6.80 -1.41 -3.13
N THR A 10 6.09 -1.72 -4.24
CA THR A 10 6.68 -1.81 -5.58
C THR A 10 6.83 -0.50 -6.31
N ILE A 11 6.04 0.56 -5.96
CA ILE A 11 6.23 1.91 -6.48
C ILE A 11 7.05 2.77 -5.47
N PHE A 12 6.90 2.69 -4.09
CA PHE A 12 7.58 3.67 -3.20
C PHE A 12 8.75 3.10 -2.42
N GLY A 13 8.71 1.78 -2.12
CA GLY A 13 9.82 1.05 -1.50
C GLY A 13 9.65 0.74 -0.03
N GLU A 14 10.23 1.56 0.87
CA GLU A 14 10.33 1.33 2.32
C GLU A 14 9.12 1.59 3.23
N LYS A 15 8.28 2.59 2.92
CA LYS A 15 7.10 2.92 3.71
C LYS A 15 6.02 3.36 2.75
N LEU A 16 4.74 3.37 3.22
CA LEU A 16 3.56 3.78 2.52
C LEU A 16 3.35 5.31 2.55
N PRO A 17 2.73 5.94 1.54
CA PRO A 17 2.40 7.37 1.50
C PRO A 17 1.19 7.79 2.35
N GLU A 18 0.94 9.11 2.25
CA GLU A 18 -0.11 9.89 2.84
C GLU A 18 -1.28 10.01 1.87
N SER A 19 -2.46 10.42 2.37
CA SER A 19 -3.73 10.51 1.65
C SER A 19 -3.83 11.36 0.38
N HIS A 20 -3.00 12.43 0.20
CA HIS A 20 -2.93 13.29 -1.01
C HIS A 20 -2.62 12.52 -2.30
N ILE A 21 -1.59 11.63 -2.27
CA ILE A 21 -1.34 10.59 -3.28
C ILE A 21 -2.22 9.37 -3.10
N PHE A 22 -2.41 8.89 -1.84
CA PHE A 22 -2.97 7.59 -1.59
C PHE A 22 -4.47 7.43 -1.92
N PHE A 23 -5.37 8.42 -1.57
CA PHE A 23 -6.77 8.44 -2.05
C PHE A 23 -6.87 8.89 -3.54
N ALA A 24 -5.87 9.63 -4.15
CA ALA A 24 -6.00 10.14 -5.52
C ALA A 24 -5.12 9.60 -6.66
N THR A 25 -3.93 9.00 -6.41
CA THR A 25 -2.96 8.57 -7.44
C THR A 25 -2.98 7.06 -7.57
N VAL A 26 -3.25 6.50 -8.80
CA VAL A 26 -3.38 5.08 -9.22
C VAL A 26 -2.28 4.14 -8.73
N ALA A 27 -1.04 4.71 -8.51
CA ALA A 27 0.16 4.12 -7.94
C ALA A 27 -0.10 3.42 -6.60
N ALA A 28 -0.90 4.02 -5.69
CA ALA A 28 -1.40 3.30 -4.54
C ALA A 28 -2.89 3.02 -4.64
N HIS A 29 -3.69 4.00 -5.15
CA HIS A 29 -5.16 4.00 -5.32
C HIS A 29 -5.80 2.85 -6.10
N LYS A 30 -5.04 2.07 -6.93
CA LYS A 30 -5.48 0.88 -7.67
C LYS A 30 -5.84 -0.33 -6.78
N TYR A 31 -5.37 -0.30 -5.51
CA TYR A 31 -5.48 -1.29 -4.45
C TYR A 31 -6.62 -1.07 -3.46
N VAL A 32 -6.43 -0.09 -2.56
CA VAL A 32 -7.30 0.41 -1.49
C VAL A 32 -6.86 1.84 -1.45
N PRO A 33 -7.68 2.87 -1.28
CA PRO A 33 -7.15 4.20 -1.30
C PRO A 33 -6.54 4.73 0.02
N SER A 34 -7.04 4.47 1.26
CA SER A 34 -6.45 5.10 2.44
C SER A 34 -7.17 4.60 3.71
N TYR A 35 -6.78 5.13 4.91
CA TYR A 35 -7.14 4.84 6.32
C TYR A 35 -8.62 4.64 6.66
N ALA A 36 -9.49 5.15 5.76
CA ALA A 36 -10.93 5.03 5.71
C ALA A 36 -11.44 3.67 5.34
N PHE A 37 -10.89 3.08 4.24
CA PHE A 37 -11.09 1.70 3.82
C PHE A 37 -10.25 0.82 4.76
N LEU A 38 -8.95 1.21 5.01
CA LEU A 38 -8.08 0.42 5.91
C LEU A 38 -8.49 0.27 7.39
N ARG A 39 -9.19 1.25 8.05
CA ARG A 39 -9.68 1.00 9.43
C ARG A 39 -10.80 -0.04 9.49
N ARG A 40 -11.71 -0.01 8.48
CA ARG A 40 -12.76 -0.99 8.23
C ARG A 40 -12.26 -2.36 7.77
N GLU A 41 -11.15 -2.37 6.96
CA GLU A 41 -10.44 -3.57 6.50
C GLU A 41 -9.61 -4.27 7.58
N LEU A 42 -8.93 -3.54 8.52
CA LEU A 42 -8.18 -4.24 9.56
C LEU A 42 -9.00 -4.60 10.81
N GLY A 43 -10.24 -4.07 10.94
CA GLY A 43 -11.15 -4.25 12.09
C GLY A 43 -10.76 -3.53 13.37
N LEU A 44 -9.51 -3.02 13.43
CA LEU A 44 -8.88 -2.36 14.54
C LEU A 44 -8.65 -0.88 14.31
N SER A 45 -8.84 -0.08 15.37
CA SER A 45 -8.71 1.37 15.38
C SER A 45 -7.29 1.89 15.60
N SER A 46 -6.31 1.40 14.79
CA SER A 46 -4.91 1.84 14.70
C SER A 46 -4.77 3.20 14.01
N ALA A 47 -5.80 3.65 13.22
CA ALA A 47 -5.75 4.78 12.28
C ALA A 47 -5.64 6.21 12.82
N HIS A 48 -5.68 6.38 14.17
CA HIS A 48 -5.50 7.60 14.95
C HIS A 48 -4.10 8.21 14.91
N THR A 49 -3.08 7.43 14.47
CA THR A 49 -1.70 7.91 14.43
C THR A 49 -1.04 7.24 13.24
N ASN A 50 -0.40 8.04 12.33
CA ASN A 50 0.24 7.55 11.10
C ASN A 50 1.39 6.59 11.33
N ARG A 51 2.21 6.79 12.39
CA ARG A 51 3.28 5.88 12.76
C ARG A 51 2.81 4.56 13.36
N LYS A 52 1.71 4.54 14.17
CA LYS A 52 1.11 3.31 14.73
C LYS A 52 0.33 2.47 13.71
N VAL A 53 -0.55 3.15 12.87
CA VAL A 53 -1.29 2.50 11.78
C VAL A 53 -0.39 2.01 10.71
N TRP A 54 0.62 2.85 10.29
CA TRP A 54 1.67 2.49 9.35
C TRP A 54 2.54 1.36 9.82
N LYS A 55 2.81 1.24 11.14
CA LYS A 55 3.45 0.07 11.78
C LYS A 55 2.60 -1.21 11.76
N LYS A 56 1.25 -1.21 12.05
CA LYS A 56 0.36 -2.41 11.88
C LYS A 56 0.28 -2.82 10.38
N PHE A 57 0.21 -1.76 9.54
CA PHE A 57 0.33 -1.82 8.07
C PHE A 57 1.65 -2.40 7.55
N VAL A 58 2.79 -1.84 8.02
CA VAL A 58 4.16 -2.30 7.86
C VAL A 58 4.49 -3.69 8.41
N GLU A 59 3.80 -4.11 9.51
CA GLU A 59 3.66 -5.49 10.00
C GLU A 59 2.98 -6.42 8.95
N ALA A 60 1.87 -5.97 8.27
CA ALA A 60 1.33 -6.67 7.06
C ALA A 60 2.23 -6.75 5.84
N TYR A 61 3.01 -5.68 5.57
CA TYR A 61 3.85 -5.42 4.39
C TYR A 61 4.88 -6.56 4.00
N GLY A 62 5.11 -7.52 4.95
CA GLY A 62 5.82 -8.78 4.77
C GLY A 62 4.95 -10.03 4.55
N LYS A 63 3.59 -9.88 4.40
CA LYS A 63 2.60 -10.94 4.18
C LYS A 63 2.28 -11.23 2.71
N ALA A 64 2.05 -10.21 1.83
CA ALA A 64 1.65 -10.38 0.42
C ALA A 64 2.75 -10.11 -0.60
N ILE A 65 4.02 -10.36 -0.20
CA ILE A 65 5.21 -10.16 -1.06
C ILE A 65 5.92 -11.41 -1.68
N PRO A 66 5.37 -12.31 -2.56
CA PRO A 66 6.14 -13.37 -3.23
C PRO A 66 6.85 -12.82 -4.51
N PRO A 67 7.88 -13.46 -5.13
CA PRO A 67 8.63 -12.89 -6.28
C PRO A 67 7.95 -13.10 -7.66
N ALA A 68 6.61 -13.03 -7.77
CA ALA A 68 5.87 -13.22 -9.03
C ALA A 68 4.87 -12.10 -9.36
N PRO A 69 3.94 -11.61 -8.49
CA PRO A 69 2.93 -10.59 -8.83
C PRO A 69 3.35 -9.16 -9.24
N PRO A 70 4.52 -8.48 -9.00
CA PRO A 70 4.78 -7.08 -9.41
C PRO A 70 4.89 -6.83 -10.92
N ALA A 71 3.72 -6.76 -11.61
CA ALA A 71 3.54 -6.50 -13.05
C ALA A 71 3.56 -5.03 -13.46
N PRO A 72 2.89 -4.00 -12.82
CA PRO A 72 3.04 -2.56 -13.12
C PRO A 72 4.47 -1.94 -13.05
N PRO A 73 5.44 -2.24 -12.15
CA PRO A 73 6.85 -1.78 -12.18
C PRO A 73 7.64 -2.35 -13.41
N LEU A 74 8.79 -1.73 -13.75
CA LEU A 74 9.68 -2.13 -14.83
C LEU A 74 10.92 -2.74 -14.20
N THR A 75 11.39 -3.90 -14.73
CA THR A 75 12.55 -4.77 -14.45
C THR A 75 13.59 -4.39 -13.39
N LEU A 76 13.50 -5.03 -12.19
CA LEU A 76 14.43 -4.79 -11.07
C LEU A 76 15.43 -5.94 -10.85
N SER A 77 15.15 -7.10 -11.48
CA SER A 77 15.90 -8.36 -11.37
C SER A 77 15.14 -9.40 -12.17
N LYS A 78 15.17 -9.21 -13.52
CA LYS A 78 14.49 -9.96 -14.59
C LYS A 78 13.09 -9.36 -14.81
N LEU A 79 12.22 -9.60 -13.80
CA LEU A 79 10.90 -9.04 -13.60
C LEU A 79 11.07 -8.10 -12.41
N GLU A 80 11.43 -8.61 -11.21
CA GLU A 80 11.84 -7.74 -10.11
C GLU A 80 12.76 -8.41 -9.14
N HIS A 81 12.80 -9.75 -9.15
CA HIS A 81 13.70 -10.65 -8.47
C HIS A 81 13.11 -11.99 -8.83
N MET A 1 -4.65 -8.37 -4.86
CA MET A 1 -4.18 -7.43 -3.87
C MET A 1 -5.37 -6.69 -3.31
N GLY A 2 -6.13 -7.35 -2.38
CA GLY A 2 -7.30 -6.76 -1.70
C GLY A 2 -7.00 -5.75 -0.60
N ILE A 3 -5.72 -5.71 -0.17
CA ILE A 3 -5.21 -4.78 0.83
C ILE A 3 -4.14 -3.94 0.17
N ASP A 4 -4.13 -2.59 0.33
CA ASP A 4 -3.16 -1.79 -0.40
C ASP A 4 -1.78 -1.64 0.22
N TYR A 5 -1.00 -2.74 0.31
CA TYR A 5 0.45 -2.86 0.42
C TYR A 5 1.29 -2.65 -0.84
N SER A 6 1.10 -3.59 -1.84
CA SER A 6 2.00 -3.81 -3.00
C SER A 6 2.27 -2.61 -3.90
N GLY A 7 1.30 -1.77 -4.40
CA GLY A 7 1.61 -0.53 -5.12
C GLY A 7 2.44 0.52 -4.41
N LEU A 8 2.36 0.54 -3.06
CA LEU A 8 3.05 1.40 -2.11
C LEU A 8 4.47 0.94 -1.93
N ARG A 9 4.69 -0.38 -1.68
CA ARG A 9 6.03 -0.99 -1.73
C ARG A 9 6.70 -1.12 -3.09
N THR A 10 5.93 -1.45 -4.16
CA THR A 10 6.44 -1.55 -5.51
C THR A 10 6.58 -0.25 -6.30
N ILE A 11 5.81 0.84 -6.00
CA ILE A 11 6.03 2.16 -6.59
C ILE A 11 6.76 3.13 -5.62
N PHE A 12 6.59 3.10 -4.25
CA PHE A 12 7.06 4.23 -3.40
C PHE A 12 8.19 3.86 -2.42
N GLY A 13 8.23 2.60 -1.93
CA GLY A 13 9.40 2.08 -1.19
C GLY A 13 9.17 1.42 0.15
N GLU A 14 10.06 1.75 1.14
CA GLU A 14 10.22 1.12 2.46
C GLU A 14 9.10 1.19 3.50
N LYS A 15 8.23 2.21 3.44
CA LYS A 15 7.09 2.38 4.34
C LYS A 15 6.08 3.00 3.42
N LEU A 16 4.80 3.15 3.84
CA LEU A 16 3.74 3.71 3.00
C LEU A 16 3.82 5.25 2.89
N PRO A 17 3.36 5.88 1.79
CA PRO A 17 3.43 7.31 1.56
C PRO A 17 2.24 8.06 2.16
N GLU A 18 2.22 9.39 1.96
CA GLU A 18 1.20 10.34 2.37
C GLU A 18 -0.14 10.24 1.59
N SER A 19 -1.27 10.71 2.21
CA SER A 19 -2.65 10.63 1.66
C SER A 19 -2.96 11.35 0.34
N HIS A 20 -2.19 12.43 -0.04
CA HIS A 20 -2.28 13.17 -1.32
C HIS A 20 -1.97 12.27 -2.51
N ILE A 21 -0.88 11.46 -2.44
CA ILE A 21 -0.66 10.34 -3.38
C ILE A 21 -1.50 9.10 -3.09
N PHE A 22 -1.66 8.62 -1.81
CA PHE A 22 -2.41 7.38 -1.54
C PHE A 22 -3.93 7.47 -1.93
N PHE A 23 -4.69 8.53 -1.50
CA PHE A 23 -6.11 8.72 -1.85
C PHE A 23 -6.34 9.20 -3.32
N ALA A 24 -5.32 9.78 -4.04
CA ALA A 24 -5.50 10.22 -5.42
C ALA A 24 -4.75 9.48 -6.54
N THR A 25 -3.62 8.74 -6.28
CA THR A 25 -2.78 8.10 -7.33
C THR A 25 -3.08 6.62 -7.47
N VAL A 26 -3.44 6.13 -8.71
CA VAL A 26 -3.73 4.75 -9.20
C VAL A 26 -2.73 3.71 -8.76
N ALA A 27 -1.41 4.10 -8.66
CA ALA A 27 -0.26 3.37 -8.14
C ALA A 27 -0.54 2.77 -6.76
N ALA A 28 -1.31 3.46 -5.91
CA ALA A 28 -1.85 2.88 -4.70
C ALA A 28 -3.37 2.64 -4.82
N HIS A 29 -4.15 3.56 -5.45
CA HIS A 29 -5.62 3.50 -5.55
C HIS A 29 -6.28 2.32 -6.29
N LYS A 30 -5.52 1.58 -7.14
CA LYS A 30 -5.88 0.35 -7.84
C LYS A 30 -6.27 -0.83 -6.91
N TYR A 31 -5.79 -0.74 -5.65
CA TYR A 31 -5.84 -1.67 -4.55
C TYR A 31 -6.88 -1.34 -3.48
N VAL A 32 -6.71 -0.21 -2.72
CA VAL A 32 -7.64 0.29 -1.70
C VAL A 32 -7.31 1.75 -1.67
N PRO A 33 -8.15 2.69 -1.24
CA PRO A 33 -7.77 4.09 -1.30
C PRO A 33 -6.94 4.75 -0.20
N SER A 34 -7.16 4.47 1.10
CA SER A 34 -6.51 5.09 2.26
C SER A 34 -7.07 4.57 3.56
N TYR A 35 -6.65 5.16 4.73
CA TYR A 35 -7.00 4.89 6.17
C TYR A 35 -8.49 4.64 6.50
N ALA A 36 -9.39 5.11 5.58
CA ALA A 36 -10.82 4.92 5.45
C ALA A 36 -11.23 3.50 5.13
N PHE A 37 -10.56 2.92 4.09
CA PHE A 37 -10.66 1.51 3.72
C PHE A 37 -9.85 0.72 4.74
N LEU A 38 -8.67 1.23 5.19
CA LEU A 38 -7.86 0.52 6.23
C LEU A 38 -8.52 0.28 7.60
N ARG A 39 -9.33 1.25 8.14
CA ARG A 39 -10.01 1.07 9.42
C ARG A 39 -11.17 0.09 9.38
N ARG A 40 -11.97 0.12 8.27
CA ARG A 40 -13.04 -0.81 7.91
C ARG A 40 -12.51 -2.21 7.55
N GLU A 41 -11.30 -2.28 6.92
CA GLU A 41 -10.58 -3.50 6.55
C GLU A 41 -9.88 -4.20 7.71
N LEU A 42 -9.11 -3.51 8.62
CA LEU A 42 -8.36 -4.31 9.62
C LEU A 42 -9.15 -4.65 10.88
N GLY A 43 -10.36 -4.06 11.08
CA GLY A 43 -11.22 -4.25 12.25
C GLY A 43 -10.74 -3.60 13.55
N LEU A 44 -9.46 -3.14 13.60
CA LEU A 44 -8.78 -2.57 14.75
C LEU A 44 -8.53 -1.08 14.63
N SER A 45 -8.49 -0.42 15.83
CA SER A 45 -8.25 1.00 16.06
C SER A 45 -6.80 1.45 16.16
N SER A 46 -5.90 0.93 15.26
CA SER A 46 -4.52 1.44 15.04
C SER A 46 -4.52 2.76 14.29
N ALA A 47 -5.70 3.10 13.73
CA ALA A 47 -6.13 4.17 12.84
C ALA A 47 -6.15 5.60 13.37
N HIS A 48 -5.64 5.79 14.62
CA HIS A 48 -5.50 7.00 15.41
C HIS A 48 -4.42 7.95 14.89
N THR A 49 -3.27 7.40 14.44
CA THR A 49 -2.21 8.19 13.83
C THR A 49 -1.51 7.35 12.78
N ASN A 50 -0.79 8.07 11.86
CA ASN A 50 -0.05 7.57 10.71
C ASN A 50 1.00 6.53 11.05
N ARG A 51 1.86 6.86 12.04
CA ARG A 51 2.94 6.08 12.63
C ARG A 51 2.53 4.72 13.18
N LYS A 52 1.41 4.67 13.96
CA LYS A 52 0.80 3.44 14.50
C LYS A 52 0.06 2.56 13.48
N VAL A 53 -0.80 3.20 12.61
CA VAL A 53 -1.56 2.50 11.55
C VAL A 53 -0.66 2.01 10.45
N TRP A 54 0.38 2.83 10.08
CA TRP A 54 1.47 2.49 9.18
C TRP A 54 2.38 1.41 9.71
N LYS A 55 2.64 1.31 11.03
CA LYS A 55 3.32 0.22 11.73
C LYS A 55 2.54 -1.09 11.73
N LYS A 56 1.19 -1.11 11.98
CA LYS A 56 0.37 -2.35 11.80
C LYS A 56 0.30 -2.77 10.31
N PHE A 57 0.25 -1.72 9.44
CA PHE A 57 0.40 -1.84 7.97
C PHE A 57 1.78 -2.35 7.51
N VAL A 58 2.88 -1.85 8.13
CA VAL A 58 4.27 -2.27 8.02
C VAL A 58 4.59 -3.65 8.56
N GLU A 59 3.87 -4.07 9.63
CA GLU A 59 3.75 -5.45 10.13
C GLU A 59 3.08 -6.38 9.07
N ALA A 60 2.00 -5.91 8.35
CA ALA A 60 1.42 -6.58 7.16
C ALA A 60 2.32 -6.73 5.95
N TYR A 61 3.08 -5.65 5.65
CA TYR A 61 3.85 -5.33 4.44
C TYR A 61 4.84 -6.44 3.95
N GLY A 62 5.13 -7.42 4.84
CA GLY A 62 5.82 -8.69 4.58
C GLY A 62 4.95 -9.90 4.25
N LYS A 63 3.60 -9.76 4.08
CA LYS A 63 2.62 -10.82 3.78
C LYS A 63 2.31 -11.01 2.31
N ALA A 64 1.92 -9.95 1.56
CA ALA A 64 1.53 -10.00 0.14
C ALA A 64 2.69 -9.68 -0.81
N ILE A 65 3.92 -10.01 -0.36
CA ILE A 65 5.20 -9.77 -1.02
C ILE A 65 5.55 -10.88 -2.04
N PRO A 66 6.19 -10.65 -3.21
CA PRO A 66 6.67 -11.72 -4.08
C PRO A 66 8.15 -12.08 -3.76
N PRO A 67 8.55 -13.02 -2.88
CA PRO A 67 9.97 -13.29 -2.54
C PRO A 67 10.69 -14.21 -3.55
N ALA A 68 10.02 -14.63 -4.65
CA ALA A 68 10.54 -15.53 -5.66
C ALA A 68 10.23 -15.03 -7.08
N PRO A 69 8.99 -14.76 -7.58
CA PRO A 69 8.78 -14.30 -8.95
C PRO A 69 9.03 -12.77 -9.10
N PRO A 70 9.63 -12.24 -10.19
CA PRO A 70 9.87 -10.81 -10.44
C PRO A 70 8.56 -10.10 -10.87
N ALA A 71 7.64 -9.92 -9.89
CA ALA A 71 6.31 -9.34 -10.00
C ALA A 71 6.24 -7.90 -9.46
N PRO A 72 6.32 -6.83 -10.30
CA PRO A 72 6.27 -5.43 -9.86
C PRO A 72 4.81 -4.87 -10.06
N PRO A 73 4.42 -3.62 -10.46
CA PRO A 73 3.02 -3.28 -10.70
C PRO A 73 2.61 -3.60 -12.15
N LEU A 74 1.39 -4.15 -12.39
CA LEU A 74 0.88 -4.35 -13.76
C LEU A 74 0.10 -3.11 -14.17
N THR A 75 0.77 -2.29 -14.99
CA THR A 75 0.27 -1.01 -15.48
C THR A 75 0.97 -0.73 -16.80
N LEU A 76 1.31 -1.82 -17.54
CA LEU A 76 2.06 -1.79 -18.79
C LEU A 76 1.54 -2.81 -19.82
N SER A 77 2.02 -4.08 -19.76
CA SER A 77 1.76 -5.21 -20.67
C SER A 77 2.70 -5.27 -21.88
N LYS A 78 2.93 -4.11 -22.56
CA LYS A 78 3.80 -3.93 -23.74
C LYS A 78 5.30 -3.88 -23.43
N LEU A 79 5.65 -3.54 -22.16
CA LEU A 79 7.02 -3.46 -21.65
C LEU A 79 7.10 -4.23 -20.32
N GLU A 80 6.19 -5.22 -20.11
CA GLU A 80 6.14 -6.03 -18.90
C GLU A 80 5.56 -7.39 -19.28
N HIS A 81 5.94 -7.90 -20.47
CA HIS A 81 5.46 -9.16 -21.05
C HIS A 81 6.34 -10.34 -20.65
#